data_1JL1
# 
_entry.id   1JL1 
# 
_audit_conform.dict_name       mmcif_pdbx.dic 
_audit_conform.dict_version    5.376 
_audit_conform.dict_location   http://mmcif.pdb.org/dictionaries/ascii/mmcif_pdbx.dic 
# 
loop_
_database_2.database_id 
_database_2.database_code 
_database_2.pdbx_database_accession 
_database_2.pdbx_DOI 
PDB   1JL1         pdb_00001jl1 10.2210/pdb1jl1/pdb 
RCSB  RCSB013894   ?            ?                   
WWPDB D_1000013894 ?            ?                   
# 
_pdbx_database_related.db_name        PDB 
_pdbx_database_related.db_id          1F21 
_pdbx_database_related.details        
;"Unmutated" cysteine-free variant of E. coli RNase HI
;
_pdbx_database_related.content_type   unspecified 
# 
_pdbx_database_status.status_code                     REL 
_pdbx_database_status.entry_id                        1JL1 
_pdbx_database_status.recvd_initial_deposition_date   2001-07-13 
_pdbx_database_status.deposit_site                    RCSB 
_pdbx_database_status.process_site                    RCSB 
_pdbx_database_status.SG_entry                        . 
_pdbx_database_status.pdb_format_compatible           Y 
_pdbx_database_status.status_code_mr                  ? 
_pdbx_database_status.status_code_sf                  ? 
_pdbx_database_status.status_code_cs                  ? 
_pdbx_database_status.status_code_nmr_data            ? 
_pdbx_database_status.methods_development_category    ? 
# 
loop_
_audit_author.name 
_audit_author.pdbx_ordinal 
'Goedken, E.R.' 1 
'Marqusee, S.'  2 
# 
_citation.id                        primary 
_citation.title                     'Native-state energetics of a thermostabilized variant of ribonuclease HI.' 
_citation.journal_abbrev            J.Mol.Biol. 
_citation.journal_volume            314 
_citation.page_first                863 
_citation.page_last                 871 
_citation.year                      2001 
_citation.journal_id_ASTM           JMOBAK 
_citation.country                   UK 
_citation.journal_id_ISSN           0022-2836 
_citation.journal_id_CSD            0070 
_citation.book_publisher            ? 
_citation.pdbx_database_id_PubMed   11734003 
_citation.pdbx_database_id_DOI      10.1006/jmbi.2001.5184 
# 
loop_
_citation_author.citation_id 
_citation_author.name 
_citation_author.ordinal 
_citation_author.identifier_ORCID 
primary 'Goedken, E.R.' 1 ? 
primary 'Marqusee, S.'  2 ? 
# 
_cell.entry_id           1JL1 
_cell.length_a           37.016 
_cell.length_b           40.874 
_cell.length_c           85.305 
_cell.angle_alpha        90.00 
_cell.angle_beta         90.00 
_cell.angle_gamma        90.00 
_cell.Z_PDB              4 
_cell.pdbx_unique_axis   ? 
# 
_symmetry.entry_id                         1JL1 
_symmetry.space_group_name_H-M             'P 21 21 21' 
_symmetry.pdbx_full_space_group_name_H-M   ? 
_symmetry.cell_setting                     ? 
_symmetry.Int_Tables_number                19 
# 
loop_
_entity.id 
_entity.type 
_entity.src_method 
_entity.pdbx_description 
_entity.formula_weight 
_entity.pdbx_number_of_molecules 
_entity.pdbx_ec 
_entity.pdbx_mutation 
_entity.pdbx_fragment 
_entity.details 
1 polymer man 'RIBONUCLEASE HI' 17482.795 1   3.1.26.4 'Asp10Ala, Cys13Ala, Cys63Ala, Cys133Ala' ? ? 
2 water   nat water             18.015    211 ?        ?                                         ? ? 
# 
_entity_poly.entity_id                      1 
_entity_poly.type                           'polypeptide(L)' 
_entity_poly.nstd_linkage                   no 
_entity_poly.nstd_monomer                   no 
_entity_poly.pdbx_seq_one_letter_code       
;MLKQVEIFTAGSALGNPGPGGYGAILRYRGREKTFSAGYTRTTNNRMELMAAIVALEALKEHAEVILSTDSQYVRQGITQ
WIHNWKKRGWKTADKKPVKNVDLWQRLDAALGQHQIKWEWVKGHAGHPENERADELARAAAMNPTLEDTGYQVEV
;
_entity_poly.pdbx_seq_one_letter_code_can   
;MLKQVEIFTAGSALGNPGPGGYGAILRYRGREKTFSAGYTRTTNNRMELMAAIVALEALKEHAEVILSTDSQYVRQGITQ
WIHNWKKRGWKTADKKPVKNVDLWQRLDAALGQHQIKWEWVKGHAGHPENERADELARAAAMNPTLEDTGYQVEV
;
_entity_poly.pdbx_strand_id                 A 
_entity_poly.pdbx_target_identifier         ? 
# 
loop_
_entity_poly_seq.entity_id 
_entity_poly_seq.num 
_entity_poly_seq.mon_id 
_entity_poly_seq.hetero 
1 1   MET n 
1 2   LEU n 
1 3   LYS n 
1 4   GLN n 
1 5   VAL n 
1 6   GLU n 
1 7   ILE n 
1 8   PHE n 
1 9   THR n 
1 10  ALA n 
1 11  GLY n 
1 12  SER n 
1 13  ALA n 
1 14  LEU n 
1 15  GLY n 
1 16  ASN n 
1 17  PRO n 
1 18  GLY n 
1 19  PRO n 
1 20  GLY n 
1 21  GLY n 
1 22  TYR n 
1 23  GLY n 
1 24  ALA n 
1 25  ILE n 
1 26  LEU n 
1 27  ARG n 
1 28  TYR n 
1 29  ARG n 
1 30  GLY n 
1 31  ARG n 
1 32  GLU n 
1 33  LYS n 
1 34  THR n 
1 35  PHE n 
1 36  SER n 
1 37  ALA n 
1 38  GLY n 
1 39  TYR n 
1 40  THR n 
1 41  ARG n 
1 42  THR n 
1 43  THR n 
1 44  ASN n 
1 45  ASN n 
1 46  ARG n 
1 47  MET n 
1 48  GLU n 
1 49  LEU n 
1 50  MET n 
1 51  ALA n 
1 52  ALA n 
1 53  ILE n 
1 54  VAL n 
1 55  ALA n 
1 56  LEU n 
1 57  GLU n 
1 58  ALA n 
1 59  LEU n 
1 60  LYS n 
1 61  GLU n 
1 62  HIS n 
1 63  ALA n 
1 64  GLU n 
1 65  VAL n 
1 66  ILE n 
1 67  LEU n 
1 68  SER n 
1 69  THR n 
1 70  ASP n 
1 71  SER n 
1 72  GLN n 
1 73  TYR n 
1 74  VAL n 
1 75  ARG n 
1 76  GLN n 
1 77  GLY n 
1 78  ILE n 
1 79  THR n 
1 80  GLN n 
1 81  TRP n 
1 82  ILE n 
1 83  HIS n 
1 84  ASN n 
1 85  TRP n 
1 86  LYS n 
1 87  LYS n 
1 88  ARG n 
1 89  GLY n 
1 90  TRP n 
1 91  LYS n 
1 92  THR n 
1 93  ALA n 
1 94  ASP n 
1 95  LYS n 
1 96  LYS n 
1 97  PRO n 
1 98  VAL n 
1 99  LYS n 
1 100 ASN n 
1 101 VAL n 
1 102 ASP n 
1 103 LEU n 
1 104 TRP n 
1 105 GLN n 
1 106 ARG n 
1 107 LEU n 
1 108 ASP n 
1 109 ALA n 
1 110 ALA n 
1 111 LEU n 
1 112 GLY n 
1 113 GLN n 
1 114 HIS n 
1 115 GLN n 
1 116 ILE n 
1 117 LYS n 
1 118 TRP n 
1 119 GLU n 
1 120 TRP n 
1 121 VAL n 
1 122 LYS n 
1 123 GLY n 
1 124 HIS n 
1 125 ALA n 
1 126 GLY n 
1 127 HIS n 
1 128 PRO n 
1 129 GLU n 
1 130 ASN n 
1 131 GLU n 
1 132 ARG n 
1 133 ALA n 
1 134 ASP n 
1 135 GLU n 
1 136 LEU n 
1 137 ALA n 
1 138 ARG n 
1 139 ALA n 
1 140 ALA n 
1 141 ALA n 
1 142 MET n 
1 143 ASN n 
1 144 PRO n 
1 145 THR n 
1 146 LEU n 
1 147 GLU n 
1 148 ASP n 
1 149 THR n 
1 150 GLY n 
1 151 TYR n 
1 152 GLN n 
1 153 VAL n 
1 154 GLU n 
1 155 VAL n 
# 
_entity_src_gen.entity_id                          1 
_entity_src_gen.pdbx_src_id                        1 
_entity_src_gen.pdbx_alt_source_flag               sample 
_entity_src_gen.pdbx_seq_type                      ? 
_entity_src_gen.pdbx_beg_seq_num                   ? 
_entity_src_gen.pdbx_end_seq_num                   ? 
_entity_src_gen.gene_src_common_name               ? 
_entity_src_gen.gene_src_genus                     Escherichia 
_entity_src_gen.pdbx_gene_src_gene                 ? 
_entity_src_gen.gene_src_species                   ? 
_entity_src_gen.gene_src_strain                    ? 
_entity_src_gen.gene_src_tissue                    ? 
_entity_src_gen.gene_src_tissue_fraction           ? 
_entity_src_gen.gene_src_details                   ? 
_entity_src_gen.pdbx_gene_src_fragment             ? 
_entity_src_gen.pdbx_gene_src_scientific_name      'Escherichia coli' 
_entity_src_gen.pdbx_gene_src_ncbi_taxonomy_id     562 
_entity_src_gen.pdbx_gene_src_variant              ? 
_entity_src_gen.pdbx_gene_src_cell_line            ? 
_entity_src_gen.pdbx_gene_src_atcc                 ? 
_entity_src_gen.pdbx_gene_src_organ                ? 
_entity_src_gen.pdbx_gene_src_organelle            ? 
_entity_src_gen.pdbx_gene_src_cell                 ? 
_entity_src_gen.pdbx_gene_src_cellular_location    ? 
_entity_src_gen.host_org_common_name               ? 
_entity_src_gen.pdbx_host_org_scientific_name      'Escherichia coli' 
_entity_src_gen.pdbx_host_org_ncbi_taxonomy_id     562 
_entity_src_gen.host_org_genus                     Escherichia 
_entity_src_gen.pdbx_host_org_gene                 ? 
_entity_src_gen.pdbx_host_org_organ                ? 
_entity_src_gen.host_org_species                   ? 
_entity_src_gen.pdbx_host_org_tissue               ? 
_entity_src_gen.pdbx_host_org_tissue_fraction      ? 
_entity_src_gen.pdbx_host_org_strain               ? 
_entity_src_gen.pdbx_host_org_variant              ? 
_entity_src_gen.pdbx_host_org_cell_line            ? 
_entity_src_gen.pdbx_host_org_atcc                 ? 
_entity_src_gen.pdbx_host_org_culture_collection   ? 
_entity_src_gen.pdbx_host_org_cell                 ? 
_entity_src_gen.pdbx_host_org_organelle            ? 
_entity_src_gen.pdbx_host_org_cellular_location    ? 
_entity_src_gen.pdbx_host_org_vector_type          ? 
_entity_src_gen.pdbx_host_org_vector               ? 
_entity_src_gen.host_org_details                   ? 
_entity_src_gen.expression_system_id               ? 
_entity_src_gen.plasmid_name                       ? 
_entity_src_gen.plasmid_details                    ? 
_entity_src_gen.pdbx_description                   ? 
# 
_struct_ref.id                         1 
_struct_ref.db_name                    UNP 
_struct_ref.db_code                    RNH_ECOLI 
_struct_ref.entity_id                  1 
_struct_ref.pdbx_seq_one_letter_code   
;MLKQVEIFTDGSCLGNPGPGGYGAILRYRGREKTFSAGYTRTTNNRMELMAAIVALEALKEHCEVILSTDSQYVRQGITQ
WIHNWKKRGWKTADKKPVKNVDLWQRLDAALGQHQIKWEWVKGHAGHPENERCDELARAAAMNPTLEDTGYQVEV
;
_struct_ref.pdbx_align_begin           1 
_struct_ref.pdbx_db_accession          P0A7Y4 
_struct_ref.pdbx_db_isoform            ? 
# 
_struct_ref_seq.align_id                      1 
_struct_ref_seq.ref_id                        1 
_struct_ref_seq.pdbx_PDB_id_code              1JL1 
_struct_ref_seq.pdbx_strand_id                A 
_struct_ref_seq.seq_align_beg                 1 
_struct_ref_seq.pdbx_seq_align_beg_ins_code   ? 
_struct_ref_seq.seq_align_end                 155 
_struct_ref_seq.pdbx_seq_align_end_ins_code   ? 
_struct_ref_seq.pdbx_db_accession             P0A7Y4 
_struct_ref_seq.db_align_beg                  1 
_struct_ref_seq.pdbx_db_align_beg_ins_code    ? 
_struct_ref_seq.db_align_end                  155 
_struct_ref_seq.pdbx_db_align_end_ins_code    ? 
_struct_ref_seq.pdbx_auth_seq_align_beg       1 
_struct_ref_seq.pdbx_auth_seq_align_end       155 
# 
loop_
_struct_ref_seq_dif.align_id 
_struct_ref_seq_dif.pdbx_pdb_id_code 
_struct_ref_seq_dif.mon_id 
_struct_ref_seq_dif.pdbx_pdb_strand_id 
_struct_ref_seq_dif.seq_num 
_struct_ref_seq_dif.pdbx_pdb_ins_code 
_struct_ref_seq_dif.pdbx_seq_db_name 
_struct_ref_seq_dif.pdbx_seq_db_accession_code 
_struct_ref_seq_dif.db_mon_id 
_struct_ref_seq_dif.pdbx_seq_db_seq_num 
_struct_ref_seq_dif.details 
_struct_ref_seq_dif.pdbx_auth_seq_num 
_struct_ref_seq_dif.pdbx_ordinal 
1 1JL1 ALA A 10  ? UNP P0A7Y4 ASP 10  'engineered mutation' 10  1 
1 1JL1 ALA A 13  ? UNP P0A7Y4 CYS 13  'engineered mutation' 13  2 
1 1JL1 ALA A 63  ? UNP P0A7Y4 CYS 63  'engineered mutation' 63  3 
1 1JL1 ALA A 133 ? UNP P0A7Y4 CYS 133 'engineered mutation' 133 4 
# 
loop_
_chem_comp.id 
_chem_comp.type 
_chem_comp.mon_nstd_flag 
_chem_comp.name 
_chem_comp.pdbx_synonyms 
_chem_comp.formula 
_chem_comp.formula_weight 
ALA 'L-peptide linking' y ALANINE         ? 'C3 H7 N O2'     89.093  
ARG 'L-peptide linking' y ARGININE        ? 'C6 H15 N4 O2 1' 175.209 
ASN 'L-peptide linking' y ASPARAGINE      ? 'C4 H8 N2 O3'    132.118 
ASP 'L-peptide linking' y 'ASPARTIC ACID' ? 'C4 H7 N O4'     133.103 
CYS 'L-peptide linking' y CYSTEINE        ? 'C3 H7 N O2 S'   121.158 
GLN 'L-peptide linking' y GLUTAMINE       ? 'C5 H10 N2 O3'   146.144 
GLU 'L-peptide linking' y 'GLUTAMIC ACID' ? 'C5 H9 N O4'     147.129 
GLY 'peptide linking'   y GLYCINE         ? 'C2 H5 N O2'     75.067  
HIS 'L-peptide linking' y HISTIDINE       ? 'C6 H10 N3 O2 1' 156.162 
HOH non-polymer         . WATER           ? 'H2 O'           18.015  
ILE 'L-peptide linking' y ISOLEUCINE      ? 'C6 H13 N O2'    131.173 
LEU 'L-peptide linking' y LEUCINE         ? 'C6 H13 N O2'    131.173 
LYS 'L-peptide linking' y LYSINE          ? 'C6 H15 N2 O2 1' 147.195 
MET 'L-peptide linking' y METHIONINE      ? 'C5 H11 N O2 S'  149.211 
PHE 'L-peptide linking' y PHENYLALANINE   ? 'C9 H11 N O2'    165.189 
PRO 'L-peptide linking' y PROLINE         ? 'C5 H9 N O2'     115.130 
SER 'L-peptide linking' y SERINE          ? 'C3 H7 N O3'     105.093 
THR 'L-peptide linking' y THREONINE       ? 'C4 H9 N O3'     119.119 
TRP 'L-peptide linking' y TRYPTOPHAN      ? 'C11 H12 N2 O2'  204.225 
TYR 'L-peptide linking' y TYROSINE        ? 'C9 H11 N O3'    181.189 
VAL 'L-peptide linking' y VALINE          ? 'C5 H11 N O2'    117.146 
# 
_exptl.entry_id          1JL1 
_exptl.method            'X-RAY DIFFRACTION' 
_exptl.crystals_number   1 
# 
_exptl_crystal.id                    1 
_exptl_crystal.density_meas          ? 
_exptl_crystal.density_Matthews      1.85 
_exptl_crystal.density_percent_sol   33.34 
_exptl_crystal.description           ? 
# 
_exptl_crystal_grow.crystal_id      1 
_exptl_crystal_grow.method          'VAPOR DIFFUSION, HANGING DROP' 
_exptl_crystal_grow.temp            295 
_exptl_crystal_grow.temp_details    ? 
_exptl_crystal_grow.pH              8.0 
_exptl_crystal_grow.pdbx_details    'PEG-3350, Hepes, pH 8.0, VAPOR DIFFUSION, HANGING DROP, temperature 295K' 
_exptl_crystal_grow.pdbx_pH_range   . 
# 
_diffrn.id                     1 
_diffrn.ambient_temp           100 
_diffrn.ambient_temp_details   ? 
_diffrn.crystal_id             1 
# 
_diffrn_detector.diffrn_id              1 
_diffrn_detector.detector               CCD 
_diffrn_detector.type                   MARRESEARCH 
_diffrn_detector.pdbx_collection_date   2000-02-28 
_diffrn_detector.details                ? 
# 
_diffrn_radiation.diffrn_id                        1 
_diffrn_radiation.wavelength_id                    1 
_diffrn_radiation.monochromator                    ? 
_diffrn_radiation.pdbx_monochromatic_or_laue_m_l   M 
_diffrn_radiation.pdbx_diffrn_protocol             'SINGLE WAVELENGTH' 
_diffrn_radiation.pdbx_scattering_type             x-ray 
# 
_diffrn_radiation_wavelength.id           1 
_diffrn_radiation_wavelength.wavelength   1.000 
_diffrn_radiation_wavelength.wt           1.0 
# 
_diffrn_source.diffrn_id                   1 
_diffrn_source.source                      SYNCHROTRON 
_diffrn_source.type                        'SSRL BEAMLINE BL9-2' 
_diffrn_source.pdbx_synchrotron_site       SSRL 
_diffrn_source.pdbx_synchrotron_beamline   BL9-2 
_diffrn_source.pdbx_wavelength             ? 
_diffrn_source.pdbx_wavelength_list        1.000 
# 
_reflns.entry_id                     1JL1 
_reflns.observed_criterion_sigma_I   ? 
_reflns.observed_criterion_sigma_F   ? 
_reflns.d_resolution_low             20 
_reflns.d_resolution_high            1.3 
_reflns.number_obs                   28054 
_reflns.number_all                   28223 
_reflns.percent_possible_obs         99.4 
_reflns.pdbx_Rmerge_I_obs            0.0880000 
_reflns.pdbx_Rsym_value              ? 
_reflns.pdbx_netI_over_sigmaI        ? 
_reflns.B_iso_Wilson_estimate        ? 
_reflns.pdbx_redundancy              ? 
_reflns.R_free_details               ? 
_reflns.limit_h_max                  ? 
_reflns.limit_h_min                  ? 
_reflns.limit_k_max                  ? 
_reflns.limit_k_min                  ? 
_reflns.limit_l_max                  ? 
_reflns.limit_l_min                  ? 
_reflns.observed_criterion_F_max     ? 
_reflns.observed_criterion_F_min     ? 
_reflns.pdbx_diffrn_id               1 
_reflns.pdbx_ordinal                 1 
# 
_reflns_shell.d_res_high             1.30 
_reflns_shell.d_res_low              1.36 
_reflns_shell.percent_possible_all   97.2 
_reflns_shell.Rmerge_I_obs           ? 
_reflns_shell.pdbx_Rsym_value        ? 
_reflns_shell.meanI_over_sigI_obs    ? 
_reflns_shell.pdbx_redundancy        ? 
_reflns_shell.percent_possible_obs   ? 
_reflns_shell.number_unique_all      ? 
_reflns_shell.pdbx_diffrn_id         ? 
_reflns_shell.pdbx_ordinal           1 
# 
_refine.entry_id                                 1JL1 
_refine.ls_number_reflns_obs                     28054 
_refine.ls_number_reflns_all                     28223 
_refine.pdbx_ls_sigma_I                          ? 
_refine.pdbx_ls_sigma_F                          ? 
_refine.pdbx_data_cutoff_high_absF               ? 
_refine.pdbx_data_cutoff_low_absF                ? 
_refine.ls_d_res_low                             20 
_refine.ls_d_res_high                            1.3 
_refine.ls_percent_reflns_obs                    ? 
_refine.ls_R_factor_obs                          ? 
_refine.ls_R_factor_all                          ? 
_refine.ls_R_factor_R_work                       0.2230000 
_refine.ls_R_factor_R_free                       0.2630000 
_refine.ls_R_factor_R_free_error                 ? 
_refine.ls_R_factor_R_free_error_details         ? 
_refine.ls_percent_reflns_R_free                 10.0 
_refine.ls_number_reflns_R_free                  2805 
_refine.ls_number_parameters                     ? 
_refine.ls_number_restraints                     ? 
_refine.occupancy_min                            ? 
_refine.occupancy_max                            ? 
_refine.B_iso_mean                               ? 
_refine.aniso_B[1][1]                            ? 
_refine.aniso_B[2][2]                            ? 
_refine.aniso_B[3][3]                            ? 
_refine.aniso_B[1][2]                            ? 
_refine.aniso_B[1][3]                            ? 
_refine.aniso_B[2][3]                            ? 
_refine.solvent_model_details                    ? 
_refine.solvent_model_param_ksol                 ? 
_refine.solvent_model_param_bsol                 ? 
_refine.pdbx_ls_cross_valid_method               THROUGHOUT 
_refine.details                                  ? 
_refine.pdbx_starting_model                      'PDB ENTRY 1F21' 
_refine.pdbx_method_to_determine_struct          'MOLECULAR REPLACEMENT' 
_refine.pdbx_isotropic_thermal_model             ? 
_refine.pdbx_stereochemistry_target_values       ? 
_refine.pdbx_stereochem_target_val_spec_case     ? 
_refine.pdbx_R_Free_selection_details            random 
_refine.pdbx_overall_ESU_R_Free                  ? 
_refine.overall_SU_B                             ? 
_refine.ls_redundancy_reflns_obs                 ? 
_refine.B_iso_min                                ? 
_refine.B_iso_max                                ? 
_refine.correlation_coeff_Fo_to_Fc               ? 
_refine.overall_SU_R_Cruickshank_DPI             ? 
_refine.overall_SU_R_free                        ? 
_refine.overall_SU_ML                            ? 
_refine.pdbx_overall_ESU_R                       ? 
_refine.pdbx_data_cutoff_high_rms_absF           ? 
_refine.correlation_coeff_Fo_to_Fc_free          ? 
_refine.pdbx_solvent_vdw_probe_radii             ? 
_refine.pdbx_solvent_ion_probe_radii             ? 
_refine.pdbx_solvent_shrinkage_radii             ? 
_refine.pdbx_refine_id                           'X-RAY DIFFRACTION' 
_refine.pdbx_diffrn_id                           1 
_refine.pdbx_TLS_residual_ADP_flag               ? 
_refine.pdbx_overall_phase_error                 ? 
_refine.pdbx_overall_SU_R_free_Cruickshank_DPI   ? 
_refine.pdbx_overall_SU_R_Blow_DPI               ? 
_refine.pdbx_overall_SU_R_free_Blow_DPI          ? 
# 
_refine_hist.pdbx_refine_id                   'X-RAY DIFFRACTION' 
_refine_hist.cycle_id                         LAST 
_refine_hist.pdbx_number_atoms_protein        1208 
_refine_hist.pdbx_number_atoms_nucleic_acid   0 
_refine_hist.pdbx_number_atoms_ligand         0 
_refine_hist.number_atoms_solvent             211 
_refine_hist.number_atoms_total               1419 
_refine_hist.d_res_high                       1.3 
_refine_hist.d_res_low                        20 
# 
_refine_ls_shell.pdbx_total_number_of_bins_used   ? 
_refine_ls_shell.d_res_high                       1.30 
_refine_ls_shell.d_res_low                        1.36 
_refine_ls_shell.number_reflns_R_work             ? 
_refine_ls_shell.R_factor_R_work                  0.2230000 
_refine_ls_shell.percent_reflns_obs               99.4 
_refine_ls_shell.R_factor_R_free                  0.2630000 
_refine_ls_shell.R_factor_R_free_error            ? 
_refine_ls_shell.percent_reflns_R_free            ? 
_refine_ls_shell.number_reflns_R_free             2805 
_refine_ls_shell.number_reflns_obs                28054 
_refine_ls_shell.redundancy_reflns_obs            ? 
_refine_ls_shell.number_reflns_all                ? 
_refine_ls_shell.pdbx_refine_id                   'X-RAY DIFFRACTION' 
_refine_ls_shell.R_factor_all                     ? 
# 
_struct.entry_id                  1JL1 
_struct.title                     'D10A E. coli ribonuclease HI' 
_struct.pdbx_model_details        ? 
_struct.pdbx_CASP_flag            ? 
_struct.pdbx_model_type_details   ? 
# 
_struct_keywords.entry_id        1JL1 
_struct_keywords.pdbx_keywords   HYDROLASE 
_struct_keywords.text            'RNase HI, Protein stability, thermostability, hydrogen exchange, cooperativity, HYDROLASE' 
# 
loop_
_struct_asym.id 
_struct_asym.pdbx_blank_PDB_chainid_flag 
_struct_asym.pdbx_modified 
_struct_asym.entity_id 
_struct_asym.details 
A N N 1 ? 
B N N 2 ? 
# 
_struct_biol.id                    1 
_struct_biol.pdbx_parent_biol_id   ? 
_struct_biol.details               ? 
# 
loop_
_struct_conf.conf_type_id 
_struct_conf.id 
_struct_conf.pdbx_PDB_helix_id 
_struct_conf.beg_label_comp_id 
_struct_conf.beg_label_asym_id 
_struct_conf.beg_label_seq_id 
_struct_conf.pdbx_beg_PDB_ins_code 
_struct_conf.end_label_comp_id 
_struct_conf.end_label_asym_id 
_struct_conf.end_label_seq_id 
_struct_conf.pdbx_end_PDB_ins_code 
_struct_conf.beg_auth_comp_id 
_struct_conf.beg_auth_asym_id 
_struct_conf.beg_auth_seq_id 
_struct_conf.end_auth_comp_id 
_struct_conf.end_auth_asym_id 
_struct_conf.end_auth_seq_id 
_struct_conf.pdbx_PDB_helix_class 
_struct_conf.details 
_struct_conf.pdbx_PDB_helix_length 
HELX_P HELX_P1 1 THR A 43  ? ALA A 58  ? THR A 43  ALA A 58  1 ? 16 
HELX_P HELX_P2 2 SER A 71  ? GLN A 80  ? SER A 71  GLN A 80  1 ? 10 
HELX_P HELX_P3 3 TRP A 81  ? ARG A 88  ? TRP A 81  ARG A 88  1 ? 8  
HELX_P HELX_P4 4 ASN A 100 ? LEU A 111 ? ASN A 100 LEU A 111 1 ? 12 
HELX_P HELX_P5 5 HIS A 127 ? ASN A 143 ? HIS A 127 ASN A 143 1 ? 17 
# 
_struct_conf_type.id          HELX_P 
_struct_conf_type.criteria    ? 
_struct_conf_type.reference   ? 
# 
_struct_sheet.id               A 
_struct_sheet.type             ? 
_struct_sheet.number_strands   5 
_struct_sheet.details          ? 
# 
loop_
_struct_sheet_order.sheet_id 
_struct_sheet_order.range_id_1 
_struct_sheet_order.range_id_2 
_struct_sheet_order.offset 
_struct_sheet_order.sense 
A 1 2 ? anti-parallel 
A 2 3 ? anti-parallel 
A 3 4 ? parallel      
A 4 5 ? parallel      
# 
loop_
_struct_sheet_range.sheet_id 
_struct_sheet_range.id 
_struct_sheet_range.beg_label_comp_id 
_struct_sheet_range.beg_label_asym_id 
_struct_sheet_range.beg_label_seq_id 
_struct_sheet_range.pdbx_beg_PDB_ins_code 
_struct_sheet_range.end_label_comp_id 
_struct_sheet_range.end_label_asym_id 
_struct_sheet_range.end_label_seq_id 
_struct_sheet_range.pdbx_end_PDB_ins_code 
_struct_sheet_range.beg_auth_comp_id 
_struct_sheet_range.beg_auth_asym_id 
_struct_sheet_range.beg_auth_seq_id 
_struct_sheet_range.end_auth_comp_id 
_struct_sheet_range.end_auth_asym_id 
_struct_sheet_range.end_auth_seq_id 
A 1 ARG A 31  ? THR A 42  ? ARG A 31  THR A 42  
A 2 GLY A 18  ? TYR A 28  ? GLY A 18  TYR A 28  
A 3 VAL A 5   ? ALA A 13  ? VAL A 5   ALA A 13  
A 4 GLU A 64  ? THR A 69  ? GLU A 64  THR A 69  
A 5 GLN A 115 ? TRP A 120 ? GLN A 115 TRP A 120 
# 
loop_
_pdbx_struct_sheet_hbond.sheet_id 
_pdbx_struct_sheet_hbond.range_id_1 
_pdbx_struct_sheet_hbond.range_id_2 
_pdbx_struct_sheet_hbond.range_1_label_atom_id 
_pdbx_struct_sheet_hbond.range_1_label_comp_id 
_pdbx_struct_sheet_hbond.range_1_label_asym_id 
_pdbx_struct_sheet_hbond.range_1_label_seq_id 
_pdbx_struct_sheet_hbond.range_1_PDB_ins_code 
_pdbx_struct_sheet_hbond.range_1_auth_atom_id 
_pdbx_struct_sheet_hbond.range_1_auth_comp_id 
_pdbx_struct_sheet_hbond.range_1_auth_asym_id 
_pdbx_struct_sheet_hbond.range_1_auth_seq_id 
_pdbx_struct_sheet_hbond.range_2_label_atom_id 
_pdbx_struct_sheet_hbond.range_2_label_comp_id 
_pdbx_struct_sheet_hbond.range_2_label_asym_id 
_pdbx_struct_sheet_hbond.range_2_label_seq_id 
_pdbx_struct_sheet_hbond.range_2_PDB_ins_code 
_pdbx_struct_sheet_hbond.range_2_auth_atom_id 
_pdbx_struct_sheet_hbond.range_2_auth_comp_id 
_pdbx_struct_sheet_hbond.range_2_auth_asym_id 
_pdbx_struct_sheet_hbond.range_2_auth_seq_id 
A 1 2 N THR A 42 ? N THR A 42 O GLY A 18  ? O GLY A 18  
A 2 3 N ARG A 27 ? N ARG A 27 O GLU A 6   ? O GLU A 6   
A 3 4 N VAL A 5  ? N VAL A 5  O GLU A 64  ? O GLU A 64  
A 4 5 N VAL A 65 ? N VAL A 65 O GLN A 115 ? O GLN A 115 
# 
_atom_sites.entry_id                    1JL1 
_atom_sites.fract_transf_matrix[1][1]   -0.02011264 
_atom_sites.fract_transf_matrix[1][2]   0.00832138 
_atom_sites.fract_transf_matrix[1][3]   0.01600145 
_atom_sites.fract_transf_matrix[2][1]   -0.01339175 
_atom_sites.fract_transf_matrix[2][2]   0.00553635 
_atom_sites.fract_transf_matrix[2][3]   -0.01971157 
_atom_sites.fract_transf_matrix[3][1]   -0.00448076 
_atom_sites.fract_transf_matrix[3][2]   -0.01083289 
_atom_sites.fract_transf_matrix[3][3]   0.00000155 
_atom_sites.fract_transf_vector[1]      0.296026 
_atom_sites.fract_transf_vector[2]      0.086691 
_atom_sites.fract_transf_vector[3]      0.331469 
# 
loop_
_atom_type.symbol 
C 
N 
O 
S 
# 
loop_
_atom_site.group_PDB 
_atom_site.id 
_atom_site.type_symbol 
_atom_site.label_atom_id 
_atom_site.label_alt_id 
_atom_site.label_comp_id 
_atom_site.label_asym_id 
_atom_site.label_entity_id 
_atom_site.label_seq_id 
_atom_site.pdbx_PDB_ins_code 
_atom_site.Cartn_x 
_atom_site.Cartn_y 
_atom_site.Cartn_z 
_atom_site.occupancy 
_atom_site.B_iso_or_equiv 
_atom_site.pdbx_formal_charge 
_atom_site.auth_seq_id 
_atom_site.auth_comp_id 
_atom_site.auth_asym_id 
_atom_site.auth_atom_id 
_atom_site.pdbx_PDB_model_num 
ATOM   1    N N   . LYS A 1 3   ? -19.980 -6.775  -10.101 1.00 31.12 ? 3   LYS A N   1 
ATOM   2    C CA  . LYS A 1 3   ? -18.600 -6.952  -10.626 1.00 30.60 ? 3   LYS A CA  1 
ATOM   3    C C   . LYS A 1 3   ? -17.573 -6.168  -9.809  1.00 29.25 ? 3   LYS A C   1 
ATOM   4    O O   . LYS A 1 3   ? -16.546 -5.749  -10.350 1.00 30.31 ? 3   LYS A O   1 
ATOM   5    C CB  . LYS A 1 3   ? -18.466 -6.577  -12.096 1.00 31.55 ? 3   LYS A CB  1 
ATOM   6    C CG  . LYS A 1 3   ? -19.597 -6.952  -13.028 1.00 32.36 ? 3   LYS A CG  1 
ATOM   7    C CD  . LYS A 1 3   ? -20.555 -5.776  -13.181 1.00 33.02 ? 3   LYS A CD  1 
ATOM   8    C CE  . LYS A 1 3   ? -21.212 -5.768  -14.552 1.00 33.54 ? 3   LYS A CE  1 
ATOM   9    N NZ  . LYS A 1 3   ? -21.990 -4.519  -14.781 1.00 33.90 ? 3   LYS A NZ  1 
ATOM   10   N N   . GLN A 1 4   ? -17.802 -6.011  -8.514  1.00 27.69 ? 4   GLN A N   1 
ATOM   11   C CA  . GLN A 1 4   ? -16.867 -5.293  -7.670  1.00 24.62 ? 4   GLN A CA  1 
ATOM   12   C C   . GLN A 1 4   ? -15.592 -6.116  -7.450  1.00 21.44 ? 4   GLN A C   1 
ATOM   13   O O   . GLN A 1 4   ? -15.668 -7.327  -7.282  1.00 22.28 ? 4   GLN A O   1 
ATOM   14   C CB  . GLN A 1 4   ? -17.409 -5.039  -6.268  1.00 26.98 ? 4   GLN A CB  1 
ATOM   15   C CG  . GLN A 1 4   ? -18.682 -4.271  -6.021  1.00 29.51 ? 4   GLN A CG  1 
ATOM   16   C CD  . GLN A 1 4   ? -18.923 -4.135  -4.523  1.00 30.94 ? 4   GLN A CD  1 
ATOM   17   O OE1 . GLN A 1 4   ? -18.741 -5.097  -3.771  1.00 31.80 ? 4   GLN A OE1 1 
ATOM   18   N NE2 . GLN A 1 4   ? -19.304 -2.956  -4.058  1.00 32.17 ? 4   GLN A NE2 1 
ATOM   19   N N   . VAL A 1 5   ? -14.468 -5.424  -7.338  1.00 16.45 ? 5   VAL A N   1 
ATOM   20   C CA  . VAL A 1 5   ? -13.207 -6.043  -6.968  1.00 15.57 ? 5   VAL A CA  1 
ATOM   21   C C   . VAL A 1 5   ? -12.983 -5.725  -5.489  1.00 13.88 ? 5   VAL A C   1 
ATOM   22   O O   . VAL A 1 5   ? -13.150 -4.552  -5.119  1.00 14.41 ? 5   VAL A O   1 
ATOM   23   C CB  . VAL A 1 5   ? -12.031 -5.465  -7.758  1.00 15.98 ? 5   VAL A CB  1 
ATOM   24   C CG1 . VAL A 1 5   ? -10.702 -6.009  -7.250  1.00 17.10 ? 5   VAL A CG1 1 
ATOM   25   C CG2 . VAL A 1 5   ? -12.160 -5.732  -9.249  1.00 16.66 ? 5   VAL A CG2 1 
ATOM   26   N N   . GLU A 1 6   ? -12.644 -6.707  -4.678  1.00 13.32 ? 6   GLU A N   1 
ATOM   27   C CA  . GLU A 1 6   ? -12.325 -6.471  -3.275  1.00 12.85 ? 6   GLU A CA  1 
ATOM   28   C C   . GLU A 1 6   ? -10.805 -6.640  -3.115  1.00 12.59 ? 6   GLU A C   1 
ATOM   29   O O   . GLU A 1 6   ? -10.273 -7.651  -3.579  1.00 13.35 ? 6   GLU A O   1 
ATOM   30   C CB  . GLU A 1 6   ? -13.009 -7.456  -2.341  1.00 14.94 ? 6   GLU A CB  1 
ATOM   31   C CG  . GLU A 1 6   ? -14.524 -7.336  -2.272  1.00 17.61 ? 6   GLU A CG  1 
ATOM   32   C CD  . GLU A 1 6   ? -15.052 -8.559  -1.528  1.00 19.56 ? 6   GLU A CD  1 
ATOM   33   O OE1 . GLU A 1 6   ? -15.205 -9.604  -2.186  1.00 20.77 ? 6   GLU A OE1 1 
ATOM   34   O OE2 . GLU A 1 6   ? -15.252 -8.462  -0.303  1.00 20.28 ? 6   GLU A OE2 1 
ATOM   35   N N   . ILE A 1 7   ? -10.152 -5.664  -2.512  1.00 11.88 ? 7   ILE A N   1 
ATOM   36   C CA  . ILE A 1 7   ? -8.701  -5.736  -2.316  1.00 11.33 ? 7   ILE A CA  1 
ATOM   37   C C   . ILE A 1 7   ? -8.464  -5.586  -0.820  1.00 11.10 ? 7   ILE A C   1 
ATOM   38   O O   . ILE A 1 7   ? -9.122  -4.785  -0.163  1.00 10.69 ? 7   ILE A O   1 
ATOM   39   C CB  . ILE A 1 7   ? -7.973  -4.638  -3.099  1.00 10.77 ? 7   ILE A CB  1 
ATOM   40   C CG1 . ILE A 1 7   ? -8.017  -4.984  -4.594  1.00 12.67 ? 7   ILE A CG1 1 
ATOM   41   C CG2 . ILE A 1 7   ? -6.533  -4.438  -2.645  1.00 12.69 ? 7   ILE A CG2 1 
ATOM   42   C CD1 . ILE A 1 7   ? -7.514  -3.890  -5.507  1.00 13.49 ? 7   ILE A CD1 1 
ATOM   43   N N   . PHE A 1 8   ? -7.555  -6.372  -0.272  1.00 9.59  ? 8   PHE A N   1 
ATOM   44   C CA  . PHE A 1 8   ? -7.172  -6.294  1.140   1.00 9.63  ? 8   PHE A CA  1 
ATOM   45   C C   . PHE A 1 8   ? -5.648  -6.181  1.146   1.00 9.51  ? 8   PHE A C   1 
ATOM   46   O O   . PHE A 1 8   ? -4.974  -7.015  0.532   1.00 10.90 ? 8   PHE A O   1 
ATOM   47   C CB  . PHE A 1 8   ? -7.608  -7.515  1.938   1.00 10.17 ? 8   PHE A CB  1 
ATOM   48   C CG  . PHE A 1 8   ? -9.075  -7.824  1.808   1.00 11.09 ? 8   PHE A CG  1 
ATOM   49   C CD1 . PHE A 1 8   ? -9.957  -7.328  2.754   1.00 11.66 ? 8   PHE A CD1 1 
ATOM   50   C CD2 . PHE A 1 8   ? -9.569  -8.579  0.757   1.00 11.56 ? 8   PHE A CD2 1 
ATOM   51   C CE1 . PHE A 1 8   ? -11.313 -7.593  2.666   1.00 12.58 ? 8   PHE A CE1 1 
ATOM   52   C CE2 . PHE A 1 8   ? -10.929 -8.838  0.656   1.00 12.65 ? 8   PHE A CE2 1 
ATOM   53   C CZ  . PHE A 1 8   ? -11.790 -8.348  1.614   1.00 13.07 ? 8   PHE A CZ  1 
ATOM   54   N N   . THR A 1 9   ? -5.090  -5.159  1.775   1.00 10.48 ? 9   THR A N   1 
ATOM   55   C CA  . THR A 1 9   ? -3.647  -4.957  1.740   1.00 10.67 ? 9   THR A CA  1 
ATOM   56   C C   . THR A 1 9   ? -3.027  -4.725  3.104   1.00 10.87 ? 9   THR A C   1 
ATOM   57   O O   . THR A 1 9   ? -3.655  -4.127  3.973   1.00 12.84 ? 9   THR A O   1 
ATOM   58   C CB  . THR A 1 9   ? -3.279  -3.729  0.882   1.00 11.07 ? 9   THR A CB  1 
ATOM   59   O OG1 . THR A 1 9   ? -3.842  -2.536  1.417   1.00 13.45 ? 9   THR A OG1 1 
ATOM   60   C CG2 . THR A 1 9   ? -3.714  -3.909  -0.557  1.00 13.26 ? 9   THR A CG2 1 
ATOM   61   N N   . ALA A 1 10  ? -1.754  -5.099  3.241   1.00 9.95  ? 10  ALA A N   1 
ATOM   62   C CA  . ALA A 1 10  ? -1.008  -4.868  4.475   1.00 10.43 ? 10  ALA A CA  1 
ATOM   63   C C   . ALA A 1 10  ? 0.487   -4.753  4.172   1.00 10.10 ? 10  ALA A C   1 
ATOM   64   O O   . ALA A 1 10  ? 0.967   -5.341  3.194   1.00 10.98 ? 10  ALA A O   1 
ATOM   65   C CB  . ALA A 1 10  ? -1.200  -6.027  5.440   1.00 11.73 ? 10  ALA A CB  1 
ATOM   66   N N   . GLY A 1 11  ? 1.186   -4.035  5.029   1.00 10.65 ? 11  GLY A N   1 
ATOM   67   C CA  . GLY A 1 11  ? 2.642   -3.928  4.932   1.00 11.84 ? 11  GLY A CA  1 
ATOM   68   C C   . GLY A 1 11  ? 3.240   -4.222  6.301   1.00 12.72 ? 11  GLY A C   1 
ATOM   69   O O   . GLY A 1 11  ? 2.568   -4.127  7.329   1.00 14.92 ? 11  GLY A O   1 
ATOM   70   N N   . SER A 1 12  ? 4.506   -4.600  6.307   1.00 12.59 ? 12  SER A N   1 
ATOM   71   C CA  . SER A 1 12  ? 5.189   -4.908  7.554   1.00 14.66 ? 12  SER A CA  1 
ATOM   72   C C   . SER A 1 12  ? 6.686   -4.713  7.327   1.00 13.01 ? 12  SER A C   1 
ATOM   73   O O   . SER A 1 12  ? 7.239   -4.874  6.241   1.00 13.48 ? 12  SER A O   1 
ATOM   74   C CB  . SER A 1 12  ? 4.861   -6.352  7.961   1.00 16.66 ? 12  SER A CB  1 
ATOM   75   O OG  . SER A 1 12  ? 5.228   -6.592  9.321   1.00 20.04 ? 12  SER A OG  1 
ATOM   76   N N   . ALA A 1 13  ? 7.346   -4.238  8.382   1.00 13.51 ? 13  ALA A N   1 
ATOM   77   C CA  . ALA A 1 13  ? 8.788   -4.075  8.353   1.00 13.42 ? 13  ALA A CA  1 
ATOM   78   C C   . ALA A 1 13  ? 9.360   -4.404  9.732   1.00 13.72 ? 13  ALA A C   1 
ATOM   79   O O   . ALA A 1 13  ? 8.726   -4.173  10.748  1.00 16.07 ? 13  ALA A O   1 
ATOM   80   C CB  . ALA A 1 13  ? 9.240   -2.695  7.912   1.00 13.15 ? 13  ALA A CB  1 
ATOM   81   N N   . LEU A 1 14  ? 10.577  -4.936  9.686   1.00 15.04 ? 14  LEU A N   1 
ATOM   82   C CA  . LEU A 1 14  ? 11.252  -5.339  10.917  1.00 16.32 ? 14  LEU A CA  1 
ATOM   83   C C   . LEU A 1 14  ? 12.214  -4.301  11.449  1.00 15.81 ? 14  LEU A C   1 
ATOM   84   O O   . LEU A 1 14  ? 12.904  -4.549  12.450  1.00 16.07 ? 14  LEU A O   1 
ATOM   85   C CB  . LEU A 1 14  ? 11.927  -6.696  10.692  1.00 18.61 ? 14  LEU A CB  1 
ATOM   86   C CG  . LEU A 1 14  ? 10.912  -7.823  10.432  1.00 19.64 ? 14  LEU A CG  1 
ATOM   87   C CD1 . LEU A 1 14  ? 11.613  -9.075  9.938   1.00 20.57 ? 14  LEU A CD1 1 
ATOM   88   C CD2 . LEU A 1 14  ? 10.142  -8.118  11.710  1.00 21.04 ? 14  LEU A CD2 1 
ATOM   89   N N   . GLY A 1 15  ? 12.283  -3.124  10.854  1.00 15.17 ? 15  GLY A N   1 
ATOM   90   C CA  . GLY A 1 15  ? 13.135  -2.057  11.374  1.00 14.99 ? 15  GLY A CA  1 
ATOM   91   C C   . GLY A 1 15  ? 12.663  -0.747  10.758  1.00 14.97 ? 15  GLY A C   1 
ATOM   92   O O   . GLY A 1 15  ? 11.772  -0.773  9.903   1.00 14.54 ? 15  GLY A O   1 
ATOM   93   N N   . ASN A 1 16  ? 13.378  0.332   11.051  1.00 16.02 ? 16  ASN A N   1 
ATOM   94   C CA  . ASN A 1 16  ? 13.107  1.671   10.561  1.00 17.10 ? 16  ASN A CA  1 
ATOM   95   C C   . ASN A 1 16  ? 14.279  2.391   9.940   1.00 16.89 ? 16  ASN A C   1 
ATOM   96   O O   . ASN A 1 16  ? 14.718  3.175   10.790  1.00 19.71 ? 16  ASN A O   1 
ATOM   97   C CB  . ASN A 1 16  ? 12.332  2.511   11.590  1.00 18.61 ? 16  ASN A CB  1 
ATOM   98   C CG  . ASN A 1 16  ? 11.960  3.874   11.038  1.00 20.44 ? 16  ASN A CG  1 
ATOM   99   O OD1 . ASN A 1 16  ? 11.870  4.849   11.789  1.00 22.95 ? 16  ASN A OD1 1 
ATOM   100  N ND2 . ASN A 1 16  ? 11.799  3.996   9.728   1.00 20.47 ? 16  ASN A ND2 1 
ATOM   101  N N   . PRO A 1 17  ? 15.066  1.786   9.089   1.00 14.84 ? 17  PRO A N   1 
ATOM   102  C CA  . PRO A 1 17  ? 14.664  0.922   8.025   1.00 14.35 ? 17  PRO A CA  1 
ATOM   103  C C   . PRO A 1 17  ? 15.168  -0.492  8.329   1.00 14.17 ? 17  PRO A C   1 
ATOM   104  O O   . PRO A 1 17  ? 16.071  -0.703  9.153   1.00 14.51 ? 17  PRO A O   1 
ATOM   105  C CB  . PRO A 1 17  ? 15.254  1.374   6.713   1.00 13.28 ? 17  PRO A CB  1 
ATOM   106  C CG  . PRO A 1 17  ? 16.585  1.874   7.188   1.00 14.57 ? 17  PRO A CG  1 
ATOM   107  C CD  . PRO A 1 17  ? 16.264  2.444   8.518   1.00 15.42 ? 17  PRO A CD  1 
ATOM   108  N N   . GLY A 1 18  ? 14.489  -1.501  7.810   1.00 12.62 ? 18  GLY A N   1 
ATOM   109  C CA  . GLY A 1 18  ? 14.868  -2.892  7.993   1.00 13.71 ? 18  GLY A CA  1 
ATOM   110  C C   . GLY A 1 18  ? 14.163  -3.731  6.937   1.00 12.91 ? 18  GLY A C   1 
ATOM   111  O O   . GLY A 1 18  ? 13.460  -3.185  6.078   1.00 11.70 ? 18  GLY A O   1 
ATOM   112  N N   . PRO A 1 19  ? 14.282  -5.042  7.005   1.00 13.49 ? 19  PRO A N   1 
ATOM   113  C CA  . PRO A 1 19  ? 13.621  -5.941  6.078   1.00 13.40 ? 19  PRO A CA  1 
ATOM   114  C C   . PRO A 1 19  ? 12.107  -5.727  6.189   1.00 11.38 ? 19  PRO A C   1 
ATOM   115  O O   . PRO A 1 19  ? 11.597  -5.555  7.290   1.00 12.77 ? 19  PRO A O   1 
ATOM   116  C CB  . PRO A 1 19  ? 14.036  -7.334  6.529   1.00 14.41 ? 19  PRO A CB  1 
ATOM   117  C CG  . PRO A 1 19  ? 15.276  -7.132  7.339   1.00 16.05 ? 19  PRO A CG  1 
ATOM   118  C CD  . PRO A 1 19  ? 15.123  -5.778  7.983   1.00 14.67 ? 19  PRO A CD  1 
ATOM   119  N N   . GLY A 1 20  ? 11.431  -5.764  5.041   1.00 11.77 ? 20  GLY A N   1 
ATOM   120  C CA  . GLY A 1 20  ? 9.986   -5.549  5.078   1.00 12.00 ? 20  GLY A CA  1 
ATOM   121  C C   . GLY A 1 20  ? 9.316   -6.265  3.923   1.00 11.61 ? 20  GLY A C   1 
ATOM   122  O O   . GLY A 1 20  ? 9.949   -6.829  3.048   1.00 12.36 ? 20  GLY A O   1 
ATOM   123  N N   . GLY A 1 21  ? 7.972   -6.288  3.969   1.00 11.14 ? 21  GLY A N   1 
ATOM   124  C CA  . GLY A 1 21  ? 7.239   -6.961  2.899   1.00 11.91 ? 21  GLY A CA  1 
ATOM   125  C C   . GLY A 1 21  ? 5.794   -6.464  2.868   1.00 10.81 ? 21  GLY A C   1 
ATOM   126  O O   . GLY A 1 21  ? 5.339   -5.763  3.755   1.00 10.59 ? 21  GLY A O   1 
ATOM   127  N N   . TYR A 1 22  ? 5.119   -6.876  1.798   1.00 11.17 ? 22  TYR A N   1 
ATOM   128  C CA  . TYR A 1 22  ? 3.722   -6.514  1.603   1.00 11.27 ? 22  TYR A CA  1 
ATOM   129  C C   . TYR A 1 22  ? 2.926   -7.781  1.304   1.00 10.75 ? 22  TYR A C   1 
ATOM   130  O O   . TYR A 1 22  ? 3.463   -8.794  0.835   1.00 11.20 ? 22  TYR A O   1 
ATOM   131  C CB  . TYR A 1 22  ? 3.475   -5.495  0.495   1.00 11.40 ? 22  TYR A CB  1 
ATOM   132  C CG  . TYR A 1 22  ? 3.847   -5.916  -0.899  1.00 12.35 ? 22  TYR A CG  1 
ATOM   133  C CD1 . TYR A 1 22  ? 3.004   -6.739  -1.647  1.00 11.60 ? 22  TYR A CD1 1 
ATOM   134  C CD2 . TYR A 1 22  ? 5.031   -5.504  -1.511  1.00 12.37 ? 22  TYR A CD2 1 
ATOM   135  C CE1 . TYR A 1 22  ? 3.300   -7.148  -2.925  1.00 12.43 ? 22  TYR A CE1 1 
ATOM   136  C CE2 . TYR A 1 22  ? 5.338   -5.910  -2.798  1.00 12.75 ? 22  TYR A CE2 1 
ATOM   137  C CZ  . TYR A 1 22  ? 4.478   -6.736  -3.495  1.00 12.53 ? 22  TYR A CZ  1 
ATOM   138  O OH  . TYR A 1 22  ? 4.792   -7.136  -4.779  1.00 15.74 ? 22  TYR A OH  1 
ATOM   139  N N   . GLY A 1 23  ? 1.650   -7.719  1.576   1.00 11.36 ? 23  GLY A N   1 
ATOM   140  C CA  . GLY A 1 23  ? 0.668   -8.753  1.264   1.00 11.03 ? 23  GLY A CA  1 
ATOM   141  C C   . GLY A 1 23  ? -0.560  -8.076  0.645   1.00 9.66  ? 23  GLY A C   1 
ATOM   142  O O   . GLY A 1 23  ? -1.029  -7.064  1.161   1.00 10.31 ? 23  GLY A O   1 
ATOM   143  N N   . ALA A 1 24  ? -1.071  -8.647  -0.435  1.00 10.01 ? 24  ALA A N   1 
ATOM   144  C CA  . ALA A 1 24  ? -2.296  -8.133  -1.028  1.00 10.23 ? 24  ALA A CA  1 
ATOM   145  C C   . ALA A 1 24  ? -3.173  -9.284  -1.510  1.00 9.90  ? 24  ALA A C   1 
ATOM   146  O O   . ALA A 1 24  ? -2.647  -10.251 -2.072  1.00 12.01 ? 24  ALA A O   1 
ATOM   147  C CB  . ALA A 1 24  ? -2.014  -7.185  -2.180  1.00 12.54 ? 24  ALA A CB  1 
ATOM   148  N N   . ILE A 1 25  ? -4.458  -9.178  -1.265  1.00 11.24 ? 25  ILE A N   1 
ATOM   149  C CA  . ILE A 1 25  ? -5.435  -10.195 -1.692  1.00 11.18 ? 25  ILE A CA  1 
ATOM   150  C C   . ILE A 1 25  ? -6.440  -9.483  -2.594  1.00 11.80 ? 25  ILE A C   1 
ATOM   151  O O   . ILE A 1 25  ? -6.951  -8.427  -2.204  1.00 11.26 ? 25  ILE A O   1 
ATOM   152  C CB  . ILE A 1 25  ? -6.126  -10.836 -0.491  1.00 11.27 ? 25  ILE A CB  1 
ATOM   153  C CG1 . ILE A 1 25  ? -5.111  -11.659 0.318   1.00 11.83 ? 25  ILE A CG1 1 
ATOM   154  C CG2 . ILE A 1 25  ? -7.286  -11.729 -0.936  1.00 12.42 ? 25  ILE A CG2 1 
ATOM   155  C CD1 . ILE A 1 25  ? -5.524  -11.931 1.735   1.00 12.90 ? 25  ILE A CD1 1 
ATOM   156  N N   . LEU A 1 26  ? -6.696  -10.053 -3.766  1.00 12.50 ? 26  LEU A N   1 
ATOM   157  C CA  . LEU A 1 26  ? -7.670  -9.461  -4.684  1.00 14.04 ? 26  LEU A CA  1 
ATOM   158  C C   . LEU A 1 26  ? -8.766  -10.488 -4.951  1.00 14.72 ? 26  LEU A C   1 
ATOM   159  O O   . LEU A 1 26  ? -8.415  -11.598 -5.386  1.00 15.88 ? 26  LEU A O   1 
ATOM   160  C CB  . LEU A 1 26  ? -6.981  -9.074  -5.977  1.00 16.96 ? 26  LEU A CB  1 
ATOM   161  C CG  . LEU A 1 26  ? -7.568  -8.131  -7.012  1.00 20.54 ? 26  LEU A CG  1 
ATOM   162  C CD1 . LEU A 1 26  ? -6.446  -7.560  -7.875  1.00 19.98 ? 26  LEU A CD1 1 
ATOM   163  C CD2 . LEU A 1 26  ? -8.616  -8.831  -7.862  1.00 21.05 ? 26  LEU A CD2 1 
ATOM   164  N N   . ARG A 1 27  ? -10.021 -10.147 -4.698  1.00 14.93 ? 27  ARG A N   1 
ATOM   165  C CA  . ARG A 1 27  ? -11.117 -11.082 -4.961  1.00 15.81 ? 27  ARG A CA  1 
ATOM   166  C C   . ARG A 1 27  ? -12.048 -10.476 -6.011  1.00 17.50 ? 27  ARG A C   1 
ATOM   167  O O   . ARG A 1 27  ? -12.445 -9.314  -5.919  1.00 16.78 ? 27  ARG A O   1 
ATOM   168  C CB  . ARG A 1 27  ? -11.874 -11.367 -3.667  1.00 17.67 ? 27  ARG A CB  1 
ATOM   169  C CG  . ARG A 1 27  ? -12.994 -12.393 -3.815  1.00 20.12 ? 27  ARG A CG  1 
ATOM   170  C CD  . ARG A 1 27  ? -13.876 -12.360 -2.574  1.00 22.87 ? 27  ARG A CD  1 
ATOM   171  N NE  . ARG A 1 27  ? -13.205 -12.853 -1.393  1.00 24.06 ? 27  ARG A NE  1 
ATOM   172  C CZ  . ARG A 1 27  ? -13.224 -12.339 -0.169  1.00 24.04 ? 27  ARG A CZ  1 
ATOM   173  N NH1 . ARG A 1 27  ? -13.864 -11.226 0.155   1.00 25.34 ? 27  ARG A NH1 1 
ATOM   174  N NH2 . ARG A 1 27  ? -12.544 -12.974 0.783   1.00 24.73 ? 27  ARG A NH2 1 
ATOM   175  N N   . TYR A 1 28  ? -12.376 -11.289 -7.021  1.00 19.06 ? 28  TYR A N   1 
ATOM   176  C CA  . TYR A 1 28  ? -13.263 -10.821 -8.089  1.00 22.34 ? 28  TYR A CA  1 
ATOM   177  C C   . TYR A 1 28  ? -14.055 -11.999 -8.646  1.00 23.65 ? 28  TYR A C   1 
ATOM   178  O O   . TYR A 1 28  ? -13.522 -13.092 -8.850  1.00 22.95 ? 28  TYR A O   1 
ATOM   179  C CB  . TYR A 1 28  ? -12.486 -10.125 -9.196  1.00 24.61 ? 28  TYR A CB  1 
ATOM   180  C CG  . TYR A 1 28  ? -13.333 -9.689  -10.372 1.00 26.77 ? 28  TYR A CG  1 
ATOM   181  C CD1 . TYR A 1 28  ? -13.141 -10.257 -11.625 1.00 27.48 ? 28  TYR A CD1 1 
ATOM   182  C CD2 . TYR A 1 28  ? -14.318 -8.715  -10.238 1.00 27.87 ? 28  TYR A CD2 1 
ATOM   183  C CE1 . TYR A 1 28  ? -13.900 -9.872  -12.713 1.00 27.80 ? 28  TYR A CE1 1 
ATOM   184  C CE2 . TYR A 1 28  ? -15.077 -8.331  -11.326 1.00 28.41 ? 28  TYR A CE2 1 
ATOM   185  C CZ  . TYR A 1 28  ? -14.872 -8.911  -12.557 1.00 28.91 ? 28  TYR A CZ  1 
ATOM   186  O OH  . TYR A 1 28  ? -15.635 -8.516  -13.636 1.00 29.97 ? 28  TYR A OH  1 
ATOM   187  N N   . ARG A 1 29  ? -15.362 -11.797 -8.777  1.00 24.87 ? 29  ARG A N   1 
ATOM   188  C CA  . ARG A 1 29  ? -16.291 -12.801 -9.274  1.00 27.47 ? 29  ARG A CA  1 
ATOM   189  C C   . ARG A 1 29  ? -16.041 -14.167 -8.655  1.00 27.47 ? 29  ARG A C   1 
ATOM   190  O O   . ARG A 1 29  ? -15.914 -15.186 -9.338  1.00 28.48 ? 29  ARG A O   1 
ATOM   191  C CB  . ARG A 1 29  ? -16.229 -12.848 -10.803 1.00 28.98 ? 29  ARG A CB  1 
ATOM   192  C CG  . ARG A 1 29  ? -17.552 -13.255 -11.442 1.00 31.29 ? 29  ARG A CG  1 
ATOM   193  C CD  . ARG A 1 29  ? -18.600 -12.167 -11.223 1.00 32.87 ? 29  ARG A CD  1 
ATOM   194  N NE  . ARG A 1 29  ? -19.833 -12.729 -10.677 1.00 33.97 ? 29  ARG A NE  1 
ATOM   195  C CZ  . ARG A 1 29  ? -20.909 -12.018 -10.373 1.00 34.83 ? 29  ARG A CZ  1 
ATOM   196  N NH1 . ARG A 1 29  ? -20.911 -10.705 -10.574 1.00 34.96 ? 29  ARG A NH1 1 
ATOM   197  N NH2 . ARG A 1 29  ? -21.981 -12.623 -9.879  1.00 35.00 ? 29  ARG A NH2 1 
ATOM   198  N N   . GLY A 1 30  ? -15.942 -14.205 -7.327  1.00 27.65 ? 30  GLY A N   1 
ATOM   199  C CA  . GLY A 1 30  ? -15.702 -15.374 -6.541  1.00 27.18 ? 30  GLY A CA  1 
ATOM   200  C C   . GLY A 1 30  ? -14.279 -15.850 -6.350  1.00 26.78 ? 30  GLY A C   1 
ATOM   201  O O   . GLY A 1 30  ? -14.026 -16.533 -5.349  1.00 27.82 ? 30  GLY A O   1 
ATOM   202  N N   . ARG A 1 31  ? -13.348 -15.543 -7.237  1.00 24.48 ? 31  ARG A N   1 
ATOM   203  C CA  . ARG A 1 31  ? -11.985 -16.032 -7.170  1.00 23.31 ? 31  ARG A CA  1 
ATOM   204  C C   . ARG A 1 31  ? -10.992 -15.048 -6.569  1.00 22.03 ? 31  ARG A C   1 
ATOM   205  O O   . ARG A 1 31  ? -11.209 -13.837 -6.565  1.00 20.98 ? 31  ARG A O   1 
ATOM   206  C CB  . ARG A 1 31  ? -11.511 -16.405 -8.589  1.00 25.14 ? 31  ARG A CB  1 
ATOM   207  C CG  . ARG A 1 31  ? -12.331 -17.555 -9.179  1.00 27.18 ? 31  ARG A CG  1 
ATOM   208  C CD  . ARG A 1 31  ? -11.735 -18.871 -8.710  1.00 29.88 ? 31  ARG A CD  1 
ATOM   209  N NE  . ARG A 1 31  ? -12.690 -19.932 -8.441  1.00 32.35 ? 31  ARG A NE  1 
ATOM   210  C CZ  . ARG A 1 31  ? -12.322 -21.175 -8.123  1.00 33.27 ? 31  ARG A CZ  1 
ATOM   211  N NH1 . ARG A 1 31  ? -11.037 -21.492 -8.040  1.00 33.71 ? 31  ARG A NH1 1 
ATOM   212  N NH2 . ARG A 1 31  ? -13.238 -22.106 -7.883  1.00 33.84 ? 31  ARG A NH2 1 
ATOM   213  N N   . GLU A 1 32  ? -9.870  -15.592 -6.095  1.00 20.43 ? 32  GLU A N   1 
ATOM   214  C CA  . GLU A 1 32  ? -8.870  -14.759 -5.447  1.00 20.95 ? 32  GLU A CA  1 
ATOM   215  C C   . GLU A 1 32  ? -7.484  -14.882 -6.052  1.00 20.31 ? 32  GLU A C   1 
ATOM   216  O O   . GLU A 1 32  ? -7.089  -15.941 -6.541  1.00 21.47 ? 32  GLU A O   1 
ATOM   217  C CB  . GLU A 1 32  ? -8.779  -15.181 -3.974  1.00 22.47 ? 32  GLU A CB  1 
ATOM   218  C CG  . GLU A 1 32  ? -9.982  -14.862 -3.114  1.00 24.54 ? 32  GLU A CG  1 
ATOM   219  C CD  . GLU A 1 32  ? -9.829  -15.231 -1.656  1.00 26.17 ? 32  GLU A CD  1 
ATOM   220  O OE1 . GLU A 1 32  ? -8.709  -15.595 -1.236  1.00 27.83 ? 32  GLU A OE1 1 
ATOM   221  O OE2 . GLU A 1 32  ? -10.834 -15.155 -0.917  1.00 27.85 ? 32  GLU A OE2 1 
ATOM   222  N N   . LYS A 1 33  ? -6.729  -13.797 -5.986  1.00 19.39 ? 33  LYS A N   1 
ATOM   223  C CA  . LYS A 1 33  ? -5.342  -13.713 -6.393  1.00 19.86 ? 33  LYS A CA  1 
ATOM   224  C C   . LYS A 1 33  ? -4.575  -13.067 -5.225  1.00 17.75 ? 33  LYS A C   1 
ATOM   225  O O   . LYS A 1 33  ? -5.100  -12.192 -4.535  1.00 16.54 ? 33  LYS A O   1 
ATOM   226  C CB  . LYS A 1 33  ? -5.058  -12.947 -7.660  1.00 22.01 ? 33  LYS A CB  1 
ATOM   227  C CG  . LYS A 1 33  ? -5.747  -11.634 -7.935  1.00 25.81 ? 33  LYS A CG  1 
ATOM   228  C CD  . LYS A 1 33  ? -5.244  -11.035 -9.247  1.00 27.85 ? 33  LYS A CD  1 
ATOM   229  C CE  . LYS A 1 33  ? -6.314  -10.215 -9.944  1.00 29.55 ? 33  LYS A CE  1 
ATOM   230  N NZ  . LYS A 1 33  ? -5.814  -9.521  -11.165 1.00 30.31 ? 33  LYS A NZ  1 
ATOM   231  N N   . THR A 1 34  ? -3.348  -13.525 -5.033  1.00 16.03 ? 34  THR A N   1 
ATOM   232  C CA  . THR A 1 34  ? -2.530  -13.022 -3.925  1.00 15.72 ? 34  THR A CA  1 
ATOM   233  C C   . THR A 1 34  ? -1.206  -12.499 -4.444  1.00 14.16 ? 34  THR A C   1 
ATOM   234  O O   . THR A 1 34  ? -0.695  -12.975 -5.461  1.00 15.22 ? 34  THR A O   1 
ATOM   235  C CB  . THR A 1 34  ? -2.230  -14.162 -2.932  1.00 17.93 ? 34  THR A CB  1 
ATOM   236  O OG1 . THR A 1 34  ? -3.464  -14.739 -2.480  1.00 20.01 ? 34  THR A OG1 1 
ATOM   237  C CG2 . THR A 1 34  ? -1.467  -13.706 -1.712  1.00 19.33 ? 34  THR A CG2 1 
ATOM   238  N N   . PHE A 1 35  ? -0.690  -11.438 -3.835  1.00 12.45 ? 35  PHE A N   1 
ATOM   239  C CA  . PHE A 1 35  ? 0.586   -10.829 -4.166  1.00 13.39 ? 35  PHE A CA  1 
ATOM   240  C C   . PHE A 1 35  ? 1.388   -10.600 -2.893  1.00 12.72 ? 35  PHE A C   1 
ATOM   241  O O   . PHE A 1 35  ? 0.838   -10.192 -1.858  1.00 13.07 ? 35  PHE A O   1 
ATOM   242  C CB  . PHE A 1 35  ? 0.424   -9.465  -4.863  1.00 14.56 ? 35  PHE A CB  1 
ATOM   243  C CG  . PHE A 1 35  ? -0.497  -9.499  -6.061  1.00 14.75 ? 35  PHE A CG  1 
ATOM   244  C CD1 . PHE A 1 35  ? 0.011   -9.687  -7.330  1.00 16.59 ? 35  PHE A CD1 1 
ATOM   245  C CD2 . PHE A 1 35  ? -1.874  -9.360  -5.903  1.00 16.54 ? 35  PHE A CD2 1 
ATOM   246  C CE1 . PHE A 1 35  ? -0.825  -9.738  -8.433  1.00 17.89 ? 35  PHE A CE1 1 
ATOM   247  C CE2 . PHE A 1 35  ? -2.718  -9.413  -6.998  1.00 18.23 ? 35  PHE A CE2 1 
ATOM   248  C CZ  . PHE A 1 35  ? -2.185  -9.611  -8.254  1.00 18.78 ? 35  PHE A CZ  1 
ATOM   249  N N   . SER A 1 36  ? 2.679   -10.896 -2.910  1.00 13.00 ? 36  SER A N   1 
ATOM   250  C CA  . SER A 1 36  ? 3.531   -10.673 -1.745  1.00 13.66 ? 36  SER A CA  1 
ATOM   251  C C   . SER A 1 36  ? 4.988   -10.647 -2.196  1.00 14.57 ? 36  SER A C   1 
ATOM   252  O O   . SER A 1 36  ? 5.338   -11.422 -3.088  1.00 16.87 ? 36  SER A O   1 
ATOM   253  C CB  . SER A 1 36  ? 3.256   -11.728 -0.680  1.00 14.76 ? 36  SER A CB  1 
ATOM   254  O OG  . SER A 1 36  ? 4.022   -11.549 0.492   1.00 16.96 ? 36  SER A OG  1 
ATOM   255  N N   . ALA A 1 37  ? 5.747   -9.696  -1.669  1.00 13.52 ? 37  ALA A N   1 
ATOM   256  C CA  . ALA A 1 37  ? 7.175   -9.621  -1.988  1.00 13.76 ? 37  ALA A CA  1 
ATOM   257  C C   . ALA A 1 37  ? 7.850   -8.932  -0.810  1.00 13.21 ? 37  ALA A C   1 
ATOM   258  O O   . ALA A 1 37  ? 7.219   -8.169  -0.079  1.00 13.45 ? 37  ALA A O   1 
ATOM   259  C CB  . ALA A 1 37  ? 7.449   -8.902  -3.289  1.00 14.65 ? 37  ALA A CB  1 
ATOM   260  N N   . GLY A 1 38  ? 9.114   -9.255  -0.570  1.00 12.59 ? 38  GLY A N   1 
ATOM   261  C CA  . GLY A 1 38  ? 9.906   -8.708  0.511   1.00 12.39 ? 38  GLY A CA  1 
ATOM   262  C C   . GLY A 1 38  ? 11.131  -7.960  -0.016  1.00 12.40 ? 38  GLY A C   1 
ATOM   263  O O   . GLY A 1 38  ? 11.688  -8.258  -1.059  1.00 13.59 ? 38  GLY A O   1 
ATOM   264  N N   . TYR A 1 39  ? 11.469  -6.908  0.734   1.00 12.49 ? 39  TYR A N   1 
ATOM   265  C CA  . TYR A 1 39  ? 12.533  -5.957  0.427   1.00 12.26 ? 39  TYR A CA  1 
ATOM   266  C C   . TYR A 1 39  ? 13.534  -5.937  1.572   1.00 11.98 ? 39  TYR A C   1 
ATOM   267  O O   . TYR A 1 39  ? 13.186  -6.075  2.745   1.00 12.65 ? 39  TYR A O   1 
ATOM   268  C CB  . TYR A 1 39  ? 11.925  -4.553  0.258   1.00 11.91 ? 39  TYR A CB  1 
ATOM   269  C CG  . TYR A 1 39  ? 10.986  -4.475  -0.927  1.00 11.86 ? 39  TYR A CG  1 
ATOM   270  C CD1 . TYR A 1 39  ? 9.689   -4.965  -0.892  1.00 12.64 ? 39  TYR A CD1 1 
ATOM   271  C CD2 . TYR A 1 39  ? 11.432  -3.916  -2.111  1.00 12.52 ? 39  TYR A CD2 1 
ATOM   272  C CE1 . TYR A 1 39  ? 8.882   -4.906  -2.005  1.00 13.03 ? 39  TYR A CE1 1 
ATOM   273  C CE2 . TYR A 1 39  ? 10.637  -3.833  -3.243  1.00 12.92 ? 39  TYR A CE2 1 
ATOM   274  C CZ  . TYR A 1 39  ? 9.350   -4.335  -3.157  1.00 12.58 ? 39  TYR A CZ  1 
ATOM   275  O OH  . TYR A 1 39  ? 8.518   -4.242  -4.269  1.00 14.97 ? 39  TYR A OH  1 
ATOM   276  N N   . THR A 1 40  ? 14.834  -5.830  1.231   1.00 13.55 ? 40  THR A N   1 
ATOM   277  C CA  . THR A 1 40  ? 15.865  -5.917  2.256   1.00 13.29 ? 40  THR A CA  1 
ATOM   278  C C   . THR A 1 40  ? 16.016  -4.727  3.179   1.00 12.21 ? 40  THR A C   1 
ATOM   279  O O   . THR A 1 40  ? 16.360  -4.913  4.338   1.00 13.00 ? 40  THR A O   1 
ATOM   280  C CB  . THR A 1 40  ? 17.243  -6.224  1.632   1.00 12.89 ? 40  THR A CB  1 
ATOM   281  O OG1 . THR A 1 40  ? 17.571  -5.167  0.737   1.00 13.18 ? 40  THR A OG1 1 
ATOM   282  C CG2 . THR A 1 40  ? 17.185  -7.534  0.852   1.00 13.98 ? 40  THR A CG2 1 
ATOM   283  N N   . ARG A 1 41  ? 15.707  -3.520  2.731   1.00 11.48 ? 41  ARG A N   1 
ATOM   284  C CA  . ARG A 1 41  ? 15.843  -2.314  3.547   1.00 11.14 ? 41  ARG A CA  1 
ATOM   285  C C   . ARG A 1 41  ? 14.734  -1.335  3.169   1.00 11.21 ? 41  ARG A C   1 
ATOM   286  O O   . ARG A 1 41  ? 14.728  -0.737  2.096   1.00 11.88 ? 41  ARG A O   1 
ATOM   287  C CB  . ARG A 1 41  ? 17.236  -1.724  3.320   1.00 11.74 ? 41  ARG A CB  1 
ATOM   288  C CG  . ARG A 1 41  ? 17.531  -0.408  4.034   1.00 12.29 ? 41  ARG A CG  1 
ATOM   289  C CD  . ARG A 1 41  ? 18.978  0.013   3.713   1.00 14.54 ? 41  ARG A CD  1 
ATOM   290  N NE  . ARG A 1 41  ? 19.256  1.382   4.137   1.00 16.55 ? 41  ARG A NE  1 
ATOM   291  C CZ  . ARG A 1 41  ? 19.522  1.801   5.354   1.00 16.60 ? 41  ARG A CZ  1 
ATOM   292  N NH1 . ARG A 1 41  ? 19.588  0.883   6.315   1.00 18.61 ? 41  ARG A NH1 1 
ATOM   293  N NH2 . ARG A 1 41  ? 19.744  3.093   5.638   1.00 17.09 ? 41  ARG A NH2 1 
ATOM   294  N N   . THR A 1 42  ? 13.750  -1.240  4.062   1.00 11.73 ? 42  THR A N   1 
ATOM   295  C CA  . THR A 1 42  ? 12.561  -0.427  3.764   1.00 10.74 ? 42  THR A CA  1 
ATOM   296  C C   . THR A 1 42  ? 11.896  -0.051  5.064   1.00 10.75 ? 42  THR A C   1 
ATOM   297  O O   . THR A 1 42  ? 12.462  -0.213  6.143   1.00 11.60 ? 42  THR A O   1 
ATOM   298  C CB  . THR A 1 42  ? 11.631  -1.210  2.822   1.00 10.20 ? 42  THR A CB  1 
ATOM   299  O OG1 . THR A 1 42  ? 10.575  -0.343  2.375   1.00 10.38 ? 42  THR A OG1 1 
ATOM   300  C CG2 . THR A 1 42  ? 10.982  -2.429  3.470   1.00 10.35 ? 42  THR A CG2 1 
ATOM   301  N N   . THR A 1 43  ? 10.682  0.501   4.992   1.00 10.11 ? 43  THR A N   1 
ATOM   302  C CA  . THR A 1 43  ? 9.943   0.898   6.187   1.00 10.53 ? 43  THR A CA  1 
ATOM   303  C C   . THR A 1 43  ? 8.529   0.340   6.105   1.00 10.05 ? 43  THR A C   1 
ATOM   304  O O   . THR A 1 43  ? 8.017   -0.027  5.056   1.00 9.72  ? 43  THR A O   1 
ATOM   305  C CB  . THR A 1 43  ? 9.833   2.433   6.364   1.00 10.63 ? 43  THR A CB  1 
ATOM   306  O OG1 . THR A 1 43  ? 9.019   2.932   5.282   1.00 10.91 ? 43  THR A OG1 1 
ATOM   307  C CG2 . THR A 1 43  ? 11.181  3.131   6.372   1.00 10.96 ? 43  THR A CG2 1 
ATOM   308  N N   . ASN A 1 44  ? 7.883   0.259   7.270   1.00 10.45 ? 44  ASN A N   1 
ATOM   309  C CA  . ASN A 1 44  ? 6.488   -0.176  7.347   1.00 10.55 ? 44  ASN A CA  1 
ATOM   310  C C   . ASN A 1 44  ? 5.584   0.661   6.448   1.00 10.37 ? 44  ASN A C   1 
ATOM   311  O O   . ASN A 1 44  ? 4.770   0.126   5.701   1.00 9.76  ? 44  ASN A O   1 
ATOM   312  C CB  . ASN A 1 44  ? 6.002   -0.104  8.800   1.00 13.98 ? 44  ASN A CB  1 
ATOM   313  C CG  . ASN A 1 44  ? 4.593   -0.628  8.991   1.00 18.46 ? 44  ASN A CG  1 
ATOM   314  O OD1 . ASN A 1 44  ? 4.359   -1.824  8.837   1.00 22.78 ? 44  ASN A OD1 1 
ATOM   315  N ND2 . ASN A 1 44  ? 3.666   0.259   9.314   1.00 21.61 ? 44  ASN A ND2 1 
ATOM   316  N N   . ASN A 1 45  ? 5.753   1.978   6.516   1.00 10.42 ? 45  ASN A N   1 
ATOM   317  C CA  . ASN A 1 45  ? 4.905   2.862   5.710   1.00 10.01 ? 45  ASN A CA  1 
ATOM   318  C C   . ASN A 1 45  ? 5.111   2.651   4.217   1.00 9.71  ? 45  ASN A C   1 
ATOM   319  O O   . ASN A 1 45  ? 4.146   2.661   3.451   1.00 9.76  ? 45  ASN A O   1 
ATOM   320  C CB  . ASN A 1 45  ? 5.144   4.307   6.132   1.00 13.58 ? 45  ASN A CB  1 
ATOM   321  C CG  . ASN A 1 45  ? 4.573   4.669   7.499   1.00 14.78 ? 45  ASN A CG  1 
ATOM   322  O OD1 . ASN A 1 45  ? 4.972   5.717   8.000   1.00 18.38 ? 45  ASN A OD1 1 
ATOM   323  N ND2 . ASN A 1 45  ? 3.714   3.842   8.058   1.00 15.90 ? 45  ASN A ND2 1 
ATOM   324  N N   . ARG A 1 46  ? 6.349   2.410   3.769   1.00 8.43  ? 46  ARG A N   1 
ATOM   325  C CA  . ARG A 1 46  ? 6.562   2.180   2.343   1.00 8.81  ? 46  ARG A CA  1 
ATOM   326  C C   . ARG A 1 46  ? 5.918   0.875   1.915   1.00 9.46  ? 46  ARG A C   1 
ATOM   327  O O   . ARG A 1 46  ? 5.378   0.771   0.811   1.00 9.47  ? 46  ARG A O   1 
ATOM   328  C CB  . ARG A 1 46  ? 8.050   2.237   2.001   1.00 8.30  ? 46  ARG A CB  1 
ATOM   329  C CG  . ARG A 1 46  ? 8.571   3.683   2.012   1.00 9.13  ? 46  ARG A CG  1 
ATOM   330  C CD  . ARG A 1 46  ? 10.067  3.720   1.670   1.00 9.37  ? 46  ARG A CD  1 
ATOM   331  N NE  . ARG A 1 46  ? 10.323  3.349   0.290   1.00 9.71  ? 46  ARG A NE  1 
ATOM   332  C CZ  . ARG A 1 46  ? 10.140  4.117   -0.768  1.00 9.51  ? 46  ARG A CZ  1 
ATOM   333  N NH1 . ARG A 1 46  ? 9.702   5.368   -0.631  1.00 9.76  ? 46  ARG A NH1 1 
ATOM   334  N NH2 . ARG A 1 46  ? 10.373  3.654   -2.007  1.00 10.31 ? 46  ARG A NH2 1 
ATOM   335  N N   . MET A 1 47  ? 5.946   -0.144  2.773   1.00 9.34  ? 47  MET A N   1 
ATOM   336  C CA  . MET A 1 47  ? 5.342   -1.431  2.435   1.00 9.79  ? 47  MET A CA  1 
ATOM   337  C C   . MET A 1 47  ? 3.824   -1.332  2.435   1.00 9.77  ? 47  MET A C   1 
ATOM   338  O O   . MET A 1 47  ? 3.196   -1.991  1.614   1.00 9.51  ? 47  MET A O   1 
ATOM   339  C CB  . MET A 1 47  ? 5.851   -2.507  3.386   1.00 10.47 ? 47  MET A CB  1 
ATOM   340  C CG  . MET A 1 47  ? 7.314   -2.866  3.204   1.00 10.67 ? 47  MET A CG  1 
ATOM   341  S SD  . MET A 1 47  ? 7.716   -3.551  1.584   1.00 10.20 ? 47  MET A SD  1 
ATOM   342  C CE  . MET A 1 47  ? 8.225   -2.091  0.694   1.00 11.76 ? 47  MET A CE  1 
ATOM   343  N N   . GLU A 1 48  ? 3.259   -0.505  3.321   1.00 9.88  ? 48  GLU A N   1 
ATOM   344  C CA  . GLU A 1 48  ? 1.799   -0.291  3.303   1.00 9.92  ? 48  GLU A CA  1 
ATOM   345  C C   . GLU A 1 48  ? 1.370   0.335   1.986   1.00 10.94 ? 48  GLU A C   1 
ATOM   346  O O   . GLU A 1 48  ? 0.354   -0.037  1.394   1.00 10.94 ? 48  GLU A O   1 
ATOM   347  C CB  . GLU A 1 48  ? 1.424   0.553   4.523   1.00 11.55 ? 48  GLU A CB  1 
ATOM   348  C CG  . GLU A 1 48  ? 1.600   -0.279  5.795   1.00 13.55 ? 48  GLU A CG  1 
ATOM   349  C CD  . GLU A 1 48  ? 1.198   0.445   7.054   1.00 16.69 ? 48  GLU A CD  1 
ATOM   350  O OE1 . GLU A 1 48  ? 0.811   -0.286  8.006   1.00 18.22 ? 48  GLU A OE1 1 
ATOM   351  O OE2 . GLU A 1 48  ? 1.264   1.687   7.090   1.00 15.46 ? 48  GLU A OE2 1 
ATOM   352  N N   . LEU A 1 49  ? 2.155   1.289   1.484   1.00 10.36 ? 49  LEU A N   1 
ATOM   353  C CA  . LEU A 1 49  ? 1.908   1.907   0.186   1.00 10.42 ? 49  LEU A CA  1 
ATOM   354  C C   . LEU A 1 49  ? 2.091   0.894   -0.937  1.00 9.69  ? 49  LEU A C   1 
ATOM   355  O O   . LEU A 1 49  ? 1.261   0.793   -1.843  1.00 10.85 ? 49  LEU A O   1 
ATOM   356  C CB  . LEU A 1 49  ? 2.864   3.057   -0.109  1.00 12.44 ? 49  LEU A CB  1 
ATOM   357  C CG  . LEU A 1 49  ? 2.481   4.496   -0.290  1.00 17.60 ? 49  LEU A CG  1 
ATOM   358  C CD1 . LEU A 1 49  ? 1.126   4.917   0.243   1.00 15.78 ? 49  LEU A CD1 1 
ATOM   359  C CD2 . LEU A 1 49  ? 3.567   5.417   0.273   1.00 13.51 ? 49  LEU A CD2 1 
ATOM   360  N N   . MET A 1 50  ? 3.222   0.174   -0.905  1.00 9.55  ? 50  MET A N   1 
ATOM   361  C CA  . MET A 1 50  ? 3.516   -0.794  -1.961  1.00 10.07 ? 50  MET A CA  1 
ATOM   362  C C   . MET A 1 50  ? 2.426   -1.840  -2.102  1.00 9.96  ? 50  MET A C   1 
ATOM   363  O O   . MET A 1 50  ? 2.109   -2.241  -3.226  1.00 10.02 ? 50  MET A O   1 
ATOM   364  C CB  . MET A 1 50  ? 4.873   -1.444  -1.694  1.00 10.72 ? 50  MET A CB  1 
ATOM   365  C CG  . MET A 1 50  ? 5.390   -2.206  -2.902  1.00 10.80 ? 50  MET A CG  1 
ATOM   366  S SD  . MET A 1 50  ? 5.754   -1.199  -4.348  1.00 13.48 ? 50  MET A SD  1 
ATOM   367  C CE  . MET A 1 50  ? 7.398   -0.616  -4.016  1.00 16.26 ? 50  MET A CE  1 
ATOM   368  N N   . ALA A 1 51  ? 1.857   -2.304  -0.987  1.00 10.36 ? 51  ALA A N   1 
ATOM   369  C CA  . ALA A 1 51  ? 0.802   -3.313  -1.078  1.00 9.62  ? 51  ALA A CA  1 
ATOM   370  C C   . ALA A 1 51  ? -0.389  -2.810  -1.894  1.00 9.84  ? 51  ALA A C   1 
ATOM   371  O O   . ALA A 1 51  ? -0.901  -3.534  -2.743  1.00 10.62 ? 51  ALA A O   1 
ATOM   372  C CB  . ALA A 1 51  ? 0.339   -3.668  0.322   1.00 10.55 ? 51  ALA A CB  1 
ATOM   373  N N   . ALA A 1 52  ? -0.810  -1.570  -1.654  1.00 9.80  ? 52  ALA A N   1 
ATOM   374  C CA  . ALA A 1 52  ? -1.935  -0.973  -2.375  1.00 9.47  ? 52  ALA A CA  1 
ATOM   375  C C   . ALA A 1 52  ? -1.555  -0.746  -3.839  1.00 10.71 ? 52  ALA A C   1 
ATOM   376  O O   . ALA A 1 52  ? -2.380  -0.972  -4.728  1.00 11.30 ? 52  ALA A O   1 
ATOM   377  C CB  . ALA A 1 52  ? -2.362  0.325   -1.711  1.00 11.60 ? 52  ALA A CB  1 
ATOM   378  N N   . ILE A 1 53  ? -0.325  -0.263  -4.070  1.00 10.29 ? 53  ILE A N   1 
ATOM   379  C CA  . ILE A 1 53  ? 0.146   -0.034  -5.440  1.00 10.88 ? 53  ILE A CA  1 
ATOM   380  C C   . ILE A 1 53  ? 0.101   -1.303  -6.269  1.00 11.37 ? 53  ILE A C   1 
ATOM   381  O O   . ILE A 1 53  ? -0.445  -1.283  -7.380  1.00 11.05 ? 53  ILE A O   1 
ATOM   382  C CB  . ILE A 1 53  ? 1.596   0.503   -5.417  1.00 10.77 ? 53  ILE A CB  1 
ATOM   383  C CG1 . ILE A 1 53  ? 1.619   1.932   -4.872  1.00 11.72 ? 53  ILE A CG1 1 
ATOM   384  C CG2 . ILE A 1 53  ? 2.248   0.432   -6.787  1.00 11.70 ? 53  ILE A CG2 1 
ATOM   385  C CD1 . ILE A 1 53  ? 2.991   2.449   -4.490  1.00 11.91 ? 53  ILE A CD1 1 
ATOM   386  N N   . VAL A 1 54  ? 0.678   -2.380  -5.760  1.00 10.91 ? 54  VAL A N   1 
ATOM   387  C CA  . VAL A 1 54  ? 0.776   -3.644  -6.491  1.00 12.01 ? 54  VAL A CA  1 
ATOM   388  C C   . VAL A 1 54  ? -0.603  -4.223  -6.762  1.00 11.97 ? 54  VAL A C   1 
ATOM   389  O O   . VAL A 1 54  ? -0.837  -4.701  -7.880  1.00 12.48 ? 54  VAL A O   1 
ATOM   390  C CB  . VAL A 1 54  ? 1.718   -4.609  -5.742  1.00 12.72 ? 54  VAL A CB  1 
ATOM   391  C CG1 . VAL A 1 54  ? 1.642   -6.015  -6.315  1.00 14.10 ? 54  VAL A CG1 1 
ATOM   392  C CG2 . VAL A 1 54  ? 3.158   -4.096  -5.823  1.00 13.29 ? 54  VAL A CG2 1 
ATOM   393  N N   . ALA A 1 55  ? -1.483  -4.158  -5.757  1.00 11.82 ? 55  ALA A N   1 
ATOM   394  C CA  . ALA A 1 55  ? -2.839  -4.683  -5.966  1.00 12.01 ? 55  ALA A CA  1 
ATOM   395  C C   . ALA A 1 55  ? -3.573  -3.910  -7.056  1.00 11.96 ? 55  ALA A C   1 
ATOM   396  O O   . ALA A 1 55  ? -4.183  -4.493  -7.964  1.00 13.02 ? 55  ALA A O   1 
ATOM   397  C CB  . ALA A 1 55  ? -3.592  -4.663  -4.649  1.00 13.05 ? 55  ALA A CB  1 
ATOM   398  N N   . LEU A 1 56  ? -3.519  -2.585  -7.010  1.00 12.09 ? 56  LEU A N   1 
ATOM   399  C CA  . LEU A 1 56  ? -4.189  -1.752  -7.992  1.00 12.42 ? 56  LEU A CA  1 
ATOM   400  C C   . LEU A 1 56  ? -3.543  -1.895  -9.357  1.00 11.83 ? 56  LEU A C   1 
ATOM   401  O O   . LEU A 1 56  ? -4.255  -1.924  -10.377 1.00 13.09 ? 56  LEU A O   1 
ATOM   402  C CB  . LEU A 1 56  ? -4.237  -0.297  -7.542  1.00 12.28 ? 56  LEU A CB  1 
ATOM   403  C CG  . LEU A 1 56  ? -5.187  0.002   -6.374  1.00 12.48 ? 56  LEU A CG  1 
ATOM   404  C CD1 . LEU A 1 56  ? -4.913  1.408   -5.867  1.00 13.44 ? 56  LEU A CD1 1 
ATOM   405  C CD2 . LEU A 1 56  ? -6.636  -0.181  -6.796  1.00 12.65 ? 56  LEU A CD2 1 
ATOM   406  N N   . GLU A 1 57  ? -2.225  -1.982  -9.437  1.00 12.46 ? 57  GLU A N   1 
ATOM   407  C CA  . GLU A 1 57  ? -1.570  -2.148  -10.743 1.00 13.39 ? 57  GLU A CA  1 
ATOM   408  C C   . GLU A 1 57  ? -1.913  -3.466  -11.405 1.00 14.28 ? 57  GLU A C   1 
ATOM   409  O O   . GLU A 1 57  ? -1.798  -3.572  -12.636 1.00 15.31 ? 57  GLU A O   1 
ATOM   410  C CB  . GLU A 1 57  ? -0.062  -2.009  -10.587 1.00 12.31 ? 57  GLU A CB  1 
ATOM   411  C CG  . GLU A 1 57  ? 0.409   -0.581  -10.383 1.00 12.06 ? 57  GLU A CG  1 
ATOM   412  C CD  . GLU A 1 57  ? 1.911   -0.440  -10.209 1.00 12.06 ? 57  GLU A CD  1 
ATOM   413  O OE1 . GLU A 1 57  ? 2.634   -1.438  -10.060 1.00 13.34 ? 57  GLU A OE1 1 
ATOM   414  O OE2 . GLU A 1 57  ? 2.370   0.726   -10.216 1.00 12.96 ? 57  GLU A OE2 1 
ATOM   415  N N   . ALA A 1 58  ? -2.373  -4.470  -10.663 1.00 14.37 ? 58  ALA A N   1 
ATOM   416  C CA  . ALA A 1 58  ? -2.778  -5.757  -11.201 1.00 15.64 ? 58  ALA A CA  1 
ATOM   417  C C   . ALA A 1 58  ? -4.127  -5.670  -11.909 1.00 16.02 ? 58  ALA A C   1 
ATOM   418  O O   . ALA A 1 58  ? -4.485  -6.630  -12.600 1.00 17.01 ? 58  ALA A O   1 
ATOM   419  C CB  . ALA A 1 58  ? -2.866  -6.821  -10.110 1.00 16.80 ? 58  ALA A CB  1 
ATOM   420  N N   . LEU A 1 59  ? -4.887  -4.603  -11.718 1.00 15.53 ? 59  LEU A N   1 
ATOM   421  C CA  . LEU A 1 59  ? -6.180  -4.443  -12.376 1.00 16.52 ? 59  LEU A CA  1 
ATOM   422  C C   . LEU A 1 59  ? -5.926  -4.015  -13.815 1.00 18.66 ? 59  LEU A C   1 
ATOM   423  O O   . LEU A 1 59  ? -5.307  -2.996  -14.083 1.00 20.60 ? 59  LEU A O   1 
ATOM   424  C CB  . LEU A 1 59  ? -7.093  -3.451  -11.674 1.00 15.88 ? 59  LEU A CB  1 
ATOM   425  C CG  . LEU A 1 59  ? -7.377  -3.800  -10.204 1.00 16.63 ? 59  LEU A CG  1 
ATOM   426  C CD1 . LEU A 1 59  ? -8.180  -2.688  -9.559  1.00 16.45 ? 59  LEU A CD1 1 
ATOM   427  C CD2 . LEU A 1 59  ? -8.087  -5.144  -10.099 1.00 17.89 ? 59  LEU A CD2 1 
ATOM   428  N N   . LYS A 1 60  ? -6.425  -4.835  -14.727 1.00 21.11 ? 60  LYS A N   1 
ATOM   429  C CA  . LYS A 1 60  ? -6.220  -4.626  -16.154 1.00 23.63 ? 60  LYS A CA  1 
ATOM   430  C C   . LYS A 1 60  ? -7.391  -3.947  -16.836 1.00 23.69 ? 60  LYS A C   1 
ATOM   431  O O   . LYS A 1 60  ? -7.347  -3.641  -18.035 1.00 25.15 ? 60  LYS A O   1 
ATOM   432  C CB  . LYS A 1 60  ? -5.929  -5.999  -16.779 1.00 24.26 ? 60  LYS A CB  1 
ATOM   433  C CG  . LYS A 1 60  ? -5.255  -5.924  -18.136 1.00 26.69 ? 60  LYS A CG  1 
ATOM   434  C CD  . LYS A 1 60  ? -5.142  -7.310  -18.766 1.00 27.11 ? 60  LYS A CD  1 
ATOM   435  C CE  . LYS A 1 60  ? -5.604  -7.205  -20.221 1.00 26.91 ? 60  LYS A CE  1 
ATOM   436  N NZ  . LYS A 1 60  ? -7.059  -6.863  -20.245 1.00 27.70 ? 60  LYS A NZ  1 
ATOM   437  N N   . GLU A 1 61  ? -8.477  -3.727  -16.114 1.00 23.21 ? 61  GLU A N   1 
ATOM   438  C CA  . GLU A 1 61  ? -9.668  -3.064  -16.611 1.00 23.66 ? 61  GLU A CA  1 
ATOM   439  C C   . GLU A 1 61  ? -10.177 -2.109  -15.538 1.00 22.05 ? 61  GLU A C   1 
ATOM   440  O O   . GLU A 1 61  ? -10.003 -2.392  -14.343 1.00 20.66 ? 61  GLU A O   1 
ATOM   441  C CB  . GLU A 1 61  ? -10.765 -4.062  -17.000 1.00 25.94 ? 61  GLU A CB  1 
ATOM   442  C CG  . GLU A 1 61  ? -10.653 -4.615  -18.405 1.00 29.03 ? 61  GLU A CG  1 
ATOM   443  C CD  . GLU A 1 61  ? -11.536 -5.799  -18.733 1.00 30.72 ? 61  GLU A CD  1 
ATOM   444  O OE1 . GLU A 1 61  ? -11.981 -6.524  -17.820 1.00 31.82 ? 61  GLU A OE1 1 
ATOM   445  O OE2 . GLU A 1 61  ? -11.785 -6.037  -19.939 1.00 32.10 ? 61  GLU A OE2 1 
ATOM   446  N N   . HIS A 1 62  ? -10.802 -1.006  -15.928 1.00 20.66 ? 62  HIS A N   1 
ATOM   447  C CA  . HIS A 1 62  ? -11.349 -0.061  -14.959 1.00 19.76 ? 62  HIS A CA  1 
ATOM   448  C C   . HIS A 1 62  ? -12.367 -0.799  -14.100 1.00 19.31 ? 62  HIS A C   1 
ATOM   449  O O   . HIS A 1 62  ? -13.192 -1.555  -14.620 1.00 20.26 ? 62  HIS A O   1 
ATOM   450  C CB  . HIS A 1 62  ? -11.997 1.164   -15.609 1.00 20.56 ? 62  HIS A CB  1 
ATOM   451  C CG  . HIS A 1 62  ? -11.043 1.840   -16.549 1.00 21.32 ? 62  HIS A CG  1 
ATOM   452  N ND1 . HIS A 1 62  ? -11.404 2.368   -17.761 1.00 22.27 ? 62  HIS A ND1 1 
ATOM   453  C CD2 . HIS A 1 62  ? -9.708  2.060   -16.434 1.00 21.21 ? 62  HIS A CD2 1 
ATOM   454  C CE1 . HIS A 1 62  ? -10.342 2.881   -18.347 1.00 21.16 ? 62  HIS A CE1 1 
ATOM   455  N NE2 . HIS A 1 62  ? -9.290  2.711   -17.566 1.00 22.54 ? 62  HIS A NE2 1 
ATOM   456  N N   . ALA A 1 63  ? -12.274 -0.585  -12.793 1.00 17.40 ? 63  ALA A N   1 
ATOM   457  C CA  . ALA A 1 63  ? -13.170 -1.319  -11.904 1.00 16.27 ? 63  ALA A CA  1 
ATOM   458  C C   . ALA A 1 63  ? -13.725 -0.459  -10.781 1.00 15.18 ? 63  ALA A C   1 
ATOM   459  O O   . ALA A 1 63  ? -13.317 0.647   -10.471 1.00 15.68 ? 63  ALA A O   1 
ATOM   460  C CB  . ALA A 1 63  ? -12.362 -2.479  -11.304 1.00 17.74 ? 63  ALA A CB  1 
ATOM   461  N N   . GLU A 1 64  ? -14.747 -1.044  -10.167 1.00 15.05 ? 64  GLU A N   1 
ATOM   462  C CA  . GLU A 1 64  ? -15.341 -0.584  -8.924  1.00 14.44 ? 64  GLU A CA  1 
ATOM   463  C C   . GLU A 1 64  ? -14.585 -1.432  -7.888  1.00 13.26 ? 64  GLU A C   1 
ATOM   464  O O   . GLU A 1 64  ? -14.621 -2.656  -7.954  1.00 14.89 ? 64  GLU A O   1 
ATOM   465  C CB  . GLU A 1 64  ? -16.839 -0.828  -8.864  1.00 16.28 ? 64  GLU A CB  1 
ATOM   466  C CG  . GLU A 1 64  ? -17.605 0.049   -9.846  1.00 19.01 ? 64  GLU A CG  1 
ATOM   467  C CD  . GLU A 1 64  ? -19.106 -0.143  -9.822  1.00 21.23 ? 64  GLU A CD  1 
ATOM   468  O OE1 . GLU A 1 64  ? -19.726 0.033   -10.892 1.00 24.70 ? 64  GLU A OE1 1 
ATOM   469  O OE2 . GLU A 1 64  ? -19.617 -0.454  -8.745  1.00 21.06 ? 64  GLU A OE2 1 
ATOM   470  N N   . VAL A 1 65  ? -13.838 -0.745  -7.039  1.00 12.84 ? 65  VAL A N   1 
ATOM   471  C CA  . VAL A 1 65  ? -12.966 -1.399  -6.075  1.00 13.14 ? 65  VAL A CA  1 
ATOM   472  C C   . VAL A 1 65  ? -13.345 -1.028  -4.654  1.00 13.34 ? 65  VAL A C   1 
ATOM   473  O O   . VAL A 1 65  ? -13.657 0.131   -4.349  1.00 13.37 ? 65  VAL A O   1 
ATOM   474  C CB  . VAL A 1 65  ? -11.523 -0.892  -6.302  1.00 14.02 ? 65  VAL A CB  1 
ATOM   475  C CG1 . VAL A 1 65  ? -10.558 -1.465  -5.276  1.00 15.46 ? 65  VAL A CG1 1 
ATOM   476  C CG2 . VAL A 1 65  ? -11.058 -1.168  -7.718  1.00 14.24 ? 65  VAL A CG2 1 
ATOM   477  N N   . ILE A 1 66  ? -13.296 -2.017  -3.774  1.00 11.55 ? 66  ILE A N   1 
ATOM   478  C CA  . ILE A 1 66  ? -13.470 -1.801  -2.341  1.00 12.28 ? 66  ILE A CA  1 
ATOM   479  C C   . ILE A 1 66  ? -12.088 -2.152  -1.776  1.00 11.44 ? 66  ILE A C   1 
ATOM   480  O O   . ILE A 1 66  ? -11.704 -3.325  -1.819  1.00 11.20 ? 66  ILE A O   1 
ATOM   481  C CB  . ILE A 1 66  ? -14.565 -2.672  -1.732  1.00 13.57 ? 66  ILE A CB  1 
ATOM   482  C CG1 . ILE A 1 66  ? -15.926 -2.449  -2.400  1.00 15.70 ? 66  ILE A CG1 1 
ATOM   483  C CG2 . ILE A 1 66  ? -14.664 -2.433  -0.230  1.00 14.30 ? 66  ILE A CG2 1 
ATOM   484  C CD1 . ILE A 1 66  ? -16.512 -1.068  -2.274  1.00 19.68 ? 66  ILE A CD1 1 
ATOM   485  N N   . LEU A 1 67  ? -11.339 -1.146  -1.344  1.00 11.20 ? 67  LEU A N   1 
ATOM   486  C CA  . LEU A 1 67  ? -9.963  -1.402  -0.919  1.00 11.82 ? 67  LEU A CA  1 
ATOM   487  C C   . LEU A 1 67  ? -9.865  -1.292  0.591   1.00 11.31 ? 67  LEU A C   1 
ATOM   488  O O   . LEU A 1 67  ? -10.002 -0.197  1.110   1.00 12.13 ? 67  LEU A O   1 
ATOM   489  C CB  . LEU A 1 67  ? -8.998  -0.435  -1.613  1.00 12.81 ? 67  LEU A CB  1 
ATOM   490  C CG  . LEU A 1 67  ? -7.545  -0.923  -1.695  1.00 14.40 ? 67  LEU A CG  1 
ATOM   491  C CD1 . LEU A 1 67  ? -6.708  -0.117  -2.671  1.00 16.63 ? 67  LEU A CD1 1 
ATOM   492  C CD2 . LEU A 1 67  ? -6.851  -0.925  -0.338  1.00 14.51 ? 67  LEU A CD2 1 
ATOM   493  N N   . SER A 1 68  ? -9.624  -2.414  1.242   1.00 10.67 ? 68  SER A N   1 
ATOM   494  C CA  . SER A 1 68  ? -9.547  -2.497  2.681   1.00 11.59 ? 68  SER A CA  1 
ATOM   495  C C   . SER A 1 68  ? -8.110  -2.525  3.185   1.00 12.18 ? 68  SER A C   1 
ATOM   496  O O   . SER A 1 68  ? -7.352  -3.419  2.809   1.00 12.67 ? 68  SER A O   1 
ATOM   497  C CB  . SER A 1 68  ? -10.280 -3.773  3.123   1.00 12.63 ? 68  SER A CB  1 
ATOM   498  O OG  . SER A 1 68  ? -10.205 -3.891  4.521   1.00 14.72 ? 68  SER A OG  1 
ATOM   499  N N   . THR A 1 69  ? -7.767  -1.597  4.065   1.00 11.98 ? 69  THR A N   1 
ATOM   500  C CA  . THR A 1 69  ? -6.428  -1.617  4.646   1.00 12.85 ? 69  THR A CA  1 
ATOM   501  C C   . THR A 1 69  ? -6.488  -1.036  6.046   1.00 12.59 ? 69  THR A C   1 
ATOM   502  O O   . THR A 1 69  ? -7.268  -0.147  6.318   1.00 12.63 ? 69  THR A O   1 
ATOM   503  C CB  . THR A 1 69  ? -5.421  -0.881  3.754   1.00 13.68 ? 69  THR A CB  1 
ATOM   504  O OG1 . THR A 1 69  ? -4.119  -1.138  4.316   1.00 15.25 ? 69  THR A OG1 1 
ATOM   505  C CG2 . THR A 1 69  ? -5.701  0.603   3.693   1.00 14.04 ? 69  THR A CG2 1 
ATOM   506  N N   . ASP A 1 70  ? -5.615  -1.501  6.921   1.00 13.66 ? 70  ASP A N   1 
ATOM   507  C CA  . ASP A 1 70  ? -5.547  -1.013  8.289   1.00 14.07 ? 70  ASP A CA  1 
ATOM   508  C C   . ASP A 1 70  ? -4.444  0.026   8.477   1.00 13.68 ? 70  ASP A C   1 
ATOM   509  O O   . ASP A 1 70  ? -4.167  0.447   9.596   1.00 15.00 ? 70  ASP A O   1 
ATOM   510  C CB  . ASP A 1 70  ? -5.382  -2.135  9.310   1.00 16.23 ? 70  ASP A CB  1 
ATOM   511  C CG  . ASP A 1 70  ? -4.018  -2.767  9.293   1.00 18.00 ? 70  ASP A CG  1 
ATOM   512  O OD1 . ASP A 1 70  ? -3.182  -2.428  8.422   1.00 18.84 ? 70  ASP A OD1 1 
ATOM   513  O OD2 . ASP A 1 70  ? -3.775  -3.645  10.169  1.00 20.05 ? 70  ASP A OD2 1 
ATOM   514  N N   . SER A 1 71  ? -3.843  0.464   7.363   1.00 12.96 ? 71  SER A N   1 
ATOM   515  C CA  . SER A 1 71  ? -2.775  1.452   7.436   1.00 12.62 ? 71  SER A CA  1 
ATOM   516  C C   . SER A 1 71  ? -3.265  2.843   7.764   1.00 12.28 ? 71  SER A C   1 
ATOM   517  O O   . SER A 1 71  ? -4.001  3.464   6.982   1.00 12.38 ? 71  SER A O   1 
ATOM   518  C CB  . SER A 1 71  ? -2.025  1.481   6.094   1.00 12.45 ? 71  SER A CB  1 
ATOM   519  O OG  . SER A 1 71  ? -1.052  2.518   6.122   1.00 13.03 ? 71  SER A OG  1 
ATOM   520  N N   . GLN A 1 72  ? -2.862  3.400   8.894   1.00 12.93 ? 72  GLN A N   1 
ATOM   521  C CA  . GLN A 1 72  ? -3.174  4.779   9.251   1.00 14.02 ? 72  GLN A CA  1 
ATOM   522  C C   . GLN A 1 72  ? -2.477  5.732   8.279   1.00 13.55 ? 72  GLN A C   1 
ATOM   523  O O   . GLN A 1 72  ? -3.024  6.763   7.890   1.00 12.80 ? 72  GLN A O   1 
ATOM   524  C CB  . GLN A 1 72  ? -2.677  5.034   10.674  1.00 16.77 ? 72  GLN A CB  1 
ATOM   525  C CG  . GLN A 1 72  ? -2.628  6.452   11.174  1.00 21.45 ? 72  GLN A CG  1 
ATOM   526  C CD  . GLN A 1 72  ? -3.963  7.140   11.160  1.00 25.01 ? 72  GLN A CD  1 
ATOM   527  O OE1 . GLN A 1 72  ? -4.578  7.228   10.090  1.00 27.57 ? 72  GLN A OE1 1 
ATOM   528  N NE2 . GLN A 1 72  ? -4.429  7.627   12.303  1.00 26.33 ? 72  GLN A NE2 1 
ATOM   529  N N   . TYR A 1 73  ? -1.274  5.402   7.855   1.00 12.23 ? 73  TYR A N   1 
ATOM   530  C CA  . TYR A 1 73  ? -0.493  6.218   6.929   1.00 11.36 ? 73  TYR A CA  1 
ATOM   531  C C   . TYR A 1 73  ? -1.202  6.350   5.592   1.00 10.44 ? 73  TYR A C   1 
ATOM   532  O O   . TYR A 1 73  ? -1.325  7.459   5.058   1.00 10.72 ? 73  TYR A O   1 
ATOM   533  C CB  . TYR A 1 73  ? 0.885   5.601   6.801   1.00 11.67 ? 73  TYR A CB  1 
ATOM   534  C CG  . TYR A 1 73  ? 1.863   6.331   5.909   1.00 10.96 ? 73  TYR A CG  1 
ATOM   535  C CD1 . TYR A 1 73  ? 2.371   7.564   6.293   1.00 12.11 ? 73  TYR A CD1 1 
ATOM   536  C CD2 . TYR A 1 73  ? 2.304   5.751   4.734   1.00 11.40 ? 73  TYR A CD2 1 
ATOM   537  C CE1 . TYR A 1 73  ? 3.281   8.235   5.494   1.00 12.58 ? 73  TYR A CE1 1 
ATOM   538  C CE2 . TYR A 1 73  ? 3.242   6.400   3.946   1.00 11.97 ? 73  TYR A CE2 1 
ATOM   539  C CZ  . TYR A 1 73  ? 3.698   7.634   4.332   1.00 11.89 ? 73  TYR A CZ  1 
ATOM   540  O OH  . TYR A 1 73  ? 4.632   8.271   3.539   1.00 13.68 ? 73  TYR A OH  1 
ATOM   541  N N   . VAL A 1 74  ? -1.676  5.261   5.024   1.00 9.93  ? 74  VAL A N   1 
ATOM   542  C CA  . VAL A 1 74  ? -2.402  5.310   3.759   1.00 12.06 ? 74  VAL A CA  1 
ATOM   543  C C   . VAL A 1 74  ? -3.686  6.124   3.948   1.00 11.56 ? 74  VAL A C   1 
ATOM   544  O O   . VAL A 1 74  ? -3.995  6.994   3.123   1.00 11.48 ? 74  VAL A O   1 
ATOM   545  C CB  . VAL A 1 74  ? -2.674  3.924   3.184   1.00 12.30 ? 74  VAL A CB  1 
ATOM   546  C CG1 . VAL A 1 74  ? -3.518  3.992   1.913   1.00 13.14 ? 74  VAL A CG1 1 
ATOM   547  C CG2 . VAL A 1 74  ? -1.350  3.217   2.869   1.00 14.05 ? 74  VAL A CG2 1 
ATOM   548  N N   . ARG A 1 75  ? -4.390  5.887   5.059   1.00 10.61 ? 75  ARG A N   1 
ATOM   549  C CA  . ARG A 1 75  ? -5.616  6.653   5.304   1.00 11.37 ? 75  ARG A CA  1 
ATOM   550  C C   . ARG A 1 75  ? -5.319  8.140   5.373   1.00 11.21 ? 75  ARG A C   1 
ATOM   551  O O   . ARG A 1 75  ? -6.053  8.924   4.745   1.00 11.81 ? 75  ARG A O   1 
ATOM   552  C CB  . ARG A 1 75  ? -6.273  6.187   6.607   1.00 12.03 ? 75  ARG A CB  1 
ATOM   553  C CG  . ARG A 1 75  ? -7.448  7.097   6.997   1.00 13.94 ? 75  ARG A CG  1 
ATOM   554  C CD  . ARG A 1 75  ? -8.246  6.529   8.141   1.00 16.15 ? 75  ARG A CD  1 
ATOM   555  N NE  . ARG A 1 75  ? -7.653  6.390   9.436   1.00 20.75 ? 75  ARG A NE  1 
ATOM   556  C CZ  . ARG A 1 75  ? -7.362  7.359   10.279  1.00 21.49 ? 75  ARG A CZ  1 
ATOM   557  N NH1 . ARG A 1 75  ? -7.548  8.633   9.976   1.00 20.65 ? 75  ARG A NH1 1 
ATOM   558  N NH2 . ARG A 1 75  ? -6.846  7.056   11.469  1.00 23.49 ? 75  ARG A NH2 1 
ATOM   559  N N   . GLN A 1 76  ? -4.301  8.539   6.129   1.00 12.03 ? 76  GLN A N   1 
ATOM   560  C CA  . GLN A 1 76  ? -4.014  9.979   6.187   1.00 12.56 ? 76  GLN A CA  1 
ATOM   561  C C   . GLN A 1 76  ? -3.583  10.559  4.858   1.00 11.90 ? 76  GLN A C   1 
ATOM   562  O O   . GLN A 1 76  ? -4.003  11.671  4.504   1.00 12.29 ? 76  GLN A O   1 
ATOM   563  C CB  . GLN A 1 76  ? -2.917  10.210  7.228   1.00 14.79 ? 76  GLN A CB  1 
ATOM   564  C CG  . GLN A 1 76  ? -3.456  9.860   8.608   1.00 17.32 ? 76  GLN A CG  1 
ATOM   565  C CD  . GLN A 1 76  ? -2.528  10.315  9.710   1.00 19.17 ? 76  GLN A CD  1 
ATOM   566  O OE1 . GLN A 1 76  ? -1.620  9.577   10.092  1.00 20.89 ? 76  GLN A OE1 1 
ATOM   567  N NE2 . GLN A 1 76  ? -2.769  11.517  10.207  1.00 19.24 ? 76  GLN A NE2 1 
ATOM   568  N N   . GLY A 1 77  ? -2.781  9.855   4.072   1.00 12.15 ? 77  GLY A N   1 
ATOM   569  C CA  . GLY A 1 77  ? -2.371  10.333  2.761   1.00 11.77 ? 77  GLY A CA  1 
ATOM   570  C C   . GLY A 1 77  ? -3.576  10.543  1.864   1.00 11.08 ? 77  GLY A C   1 
ATOM   571  O O   . GLY A 1 77  ? -3.774  11.607  1.256   1.00 12.29 ? 77  GLY A O   1 
ATOM   572  N N   . ILE A 1 78  ? -4.423  9.524   1.724   1.00 11.42 ? 78  ILE A N   1 
ATOM   573  C CA  . ILE A 1 78  ? -5.577  9.588   0.845   1.00 12.73 ? 78  ILE A CA  1 
ATOM   574  C C   . ILE A 1 78  ? -6.587  10.610  1.313   1.00 12.36 ? 78  ILE A C   1 
ATOM   575  O O   . ILE A 1 78  ? -7.137  11.355  0.491   1.00 14.69 ? 78  ILE A O   1 
ATOM   576  C CB  . ILE A 1 78  ? -6.213  8.184   0.749   1.00 13.16 ? 78  ILE A CB  1 
ATOM   577  C CG1 . ILE A 1 78  ? -5.286  7.223   -0.003  1.00 14.60 ? 78  ILE A CG1 1 
ATOM   578  C CG2 . ILE A 1 78  ? -7.573  8.246   0.058   1.00 13.77 ? 78  ILE A CG2 1 
ATOM   579  C CD1 . ILE A 1 78  ? -4.983  7.540   -1.451  1.00 15.71 ? 78  ILE A CD1 1 
ATOM   580  N N   . THR A 1 79  ? -6.932  10.642  2.595   1.00 11.83 ? 79  THR A N   1 
ATOM   581  C CA  . THR A 1 79  ? -8.020  11.496  3.061   1.00 14.26 ? 79  THR A CA  1 
ATOM   582  C C   . THR A 1 79  ? -7.601  12.851  3.575   1.00 15.16 ? 79  THR A C   1 
ATOM   583  O O   . THR A 1 79  ? -8.444  13.750  3.726   1.00 16.15 ? 79  THR A O   1 
ATOM   584  C CB  . THR A 1 79  ? -8.798  10.779  4.191   1.00 15.14 ? 79  THR A CB  1 
ATOM   585  O OG1 . THR A 1 79  ? -7.991  10.704  5.367   1.00 16.07 ? 79  THR A OG1 1 
ATOM   586  C CG2 . THR A 1 79  ? -9.265  9.394   3.788   1.00 15.87 ? 79  THR A CG2 1 
ATOM   587  N N   . GLN A 1 80  ? -6.333  13.057  3.914   1.00 14.17 ? 80  GLN A N   1 
ATOM   588  C CA  . GLN A 1 80  ? -5.917  14.327  4.487   1.00 15.50 ? 80  GLN A CA  1 
ATOM   589  C C   . GLN A 1 80  ? -4.833  15.053  3.714   1.00 14.97 ? 80  GLN A C   1 
ATOM   590  O O   . GLN A 1 80  ? -4.906  16.295  3.705   1.00 18.80 ? 80  GLN A O   1 
ATOM   591  C CB  . GLN A 1 80  ? -5.415  14.124  5.935   1.00 16.48 ? 80  GLN A CB  1 
ATOM   592  C CG  . GLN A 1 80  ? -6.438  13.528  6.873   1.00 18.10 ? 80  GLN A CG  1 
ATOM   593  C CD  . GLN A 1 80  ? -5.851  12.932  8.137   1.00 19.37 ? 80  GLN A CD  1 
ATOM   594  O OE1 . GLN A 1 80  ? -4.658  13.065  8.401   1.00 20.96 ? 80  GLN A OE1 1 
ATOM   595  N NE2 . GLN A 1 80  ? -6.718  12.292  8.911   1.00 20.94 ? 80  GLN A NE2 1 
ATOM   596  N N   . TRP A 1 81  ? -3.835  14.349  3.192   1.00 13.75 ? 81  TRP A N   1 
ATOM   597  C CA  . TRP A 1 81  ? -2.677  15.034  2.658   1.00 13.48 ? 81  TRP A CA  1 
ATOM   598  C C   . TRP A 1 81  ? -2.478  15.159  1.167   1.00 13.43 ? 81  TRP A C   1 
ATOM   599  O O   . TRP A 1 81  ? -1.898  16.162  0.709   1.00 14.12 ? 81  TRP A O   1 
ATOM   600  C CB  . TRP A 1 81  ? -1.440  14.295  3.231   1.00 14.19 ? 81  TRP A CB  1 
ATOM   601  C CG  . TRP A 1 81  ? -1.350  14.220  4.727   1.00 15.31 ? 81  TRP A CG  1 
ATOM   602  C CD1 . TRP A 1 81  ? -1.830  15.110  5.633   1.00 16.17 ? 81  TRP A CD1 1 
ATOM   603  C CD2 . TRP A 1 81  ? -0.716  13.172  5.483   1.00 15.58 ? 81  TRP A CD2 1 
ATOM   604  N NE1 . TRP A 1 81  ? -1.554  14.685  6.913   1.00 16.27 ? 81  TRP A NE1 1 
ATOM   605  C CE2 . TRP A 1 81  ? -0.852  13.515  6.842   1.00 15.94 ? 81  TRP A CE2 1 
ATOM   606  C CE3 . TRP A 1 81  ? -0.027  12.005  5.139   1.00 16.00 ? 81  TRP A CE3 1 
ATOM   607  C CZ2 . TRP A 1 81  ? -0.343  12.708  7.864   1.00 17.25 ? 81  TRP A CZ2 1 
ATOM   608  C CZ3 . TRP A 1 81  ? 0.477   11.197  6.151   1.00 17.14 ? 81  TRP A CZ3 1 
ATOM   609  C CH2 . TRP A 1 81  ? 0.313   11.576  7.494   1.00 17.12 ? 81  TRP A CH2 1 
ATOM   610  N N   . ILE A 1 82  ? -2.845  14.169  0.385   1.00 13.59 ? 82  ILE A N   1 
ATOM   611  C CA  . ILE A 1 82  ? -2.488  14.156  -1.031  1.00 14.26 ? 82  ILE A CA  1 
ATOM   612  C C   . ILE A 1 82  ? -2.981  15.333  -1.844  1.00 15.54 ? 82  ILE A C   1 
ATOM   613  O O   . ILE A 1 82  ? -2.204  15.879  -2.641  1.00 15.79 ? 82  ILE A O   1 
ATOM   614  C CB  . ILE A 1 82  ? -2.911  12.841  -1.704  1.00 15.35 ? 82  ILE A CB  1 
ATOM   615  C CG1 . ILE A 1 82  ? -2.462  12.794  -3.170  1.00 17.11 ? 82  ILE A CG1 1 
ATOM   616  C CG2 . ILE A 1 82  ? -4.421  12.643  -1.622  1.00 17.64 ? 82  ILE A CG2 1 
ATOM   617  C CD1 . ILE A 1 82  ? -2.243  11.358  -3.639  1.00 17.88 ? 82  ILE A CD1 1 
ATOM   618  N N   . HIS A 1 83  ? -4.220  15.770  -1.670  1.00 16.41 ? 83  HIS A N   1 
ATOM   619  C CA  . HIS A 1 83  ? -4.694  16.911  -2.464  1.00 17.02 ? 83  HIS A CA  1 
ATOM   620  C C   . HIS A 1 83  ? -3.921  18.164  -2.095  1.00 17.20 ? 83  HIS A C   1 
ATOM   621  O O   . HIS A 1 83  ? -3.690  18.998  -2.980  1.00 17.78 ? 83  HIS A O   1 
ATOM   622  C CB  . HIS A 1 83  ? -6.189  17.073  -2.302  1.00 19.69 ? 83  HIS A CB  1 
ATOM   623  C CG  . HIS A 1 83  ? -6.701  17.132  -0.901  1.00 22.60 ? 83  HIS A CG  1 
ATOM   624  N ND1 . HIS A 1 83  ? -6.975  16.009  -0.150  1.00 25.14 ? 83  HIS A ND1 1 
ATOM   625  C CD2 . HIS A 1 83  ? -7.000  18.196  -0.120  1.00 24.12 ? 83  HIS A CD2 1 
ATOM   626  C CE1 . HIS A 1 83  ? -7.414  16.384  1.043   1.00 25.16 ? 83  HIS A CE1 1 
ATOM   627  N NE2 . HIS A 1 83  ? -7.436  17.706  1.088   1.00 25.17 ? 83  HIS A NE2 1 
ATOM   628  N N   . ASN A 1 84  ? -3.526  18.378  -0.856  1.00 16.63 ? 84  ASN A N   1 
ATOM   629  C CA  . ASN A 1 84  ? -2.730  19.539  -0.467  1.00 17.30 ? 84  ASN A CA  1 
ATOM   630  C C   . ASN A 1 84  ? -1.302  19.424  -0.988  1.00 15.26 ? 84  ASN A C   1 
ATOM   631  O O   . ASN A 1 84  ? -0.725  20.402  -1.474  1.00 15.32 ? 84  ASN A O   1 
ATOM   632  C CB  . ASN A 1 84  ? -2.763  19.763  1.045   1.00 20.59 ? 84  ASN A CB  1 
ATOM   633  C CG  . ASN A 1 84  ? -4.168  20.123  1.504   1.00 23.55 ? 84  ASN A CG  1 
ATOM   634  O OD1 . ASN A 1 84  ? -4.807  20.989  0.903   1.00 25.30 ? 84  ASN A OD1 1 
ATOM   635  N ND2 . ASN A 1 84  ? -4.611  19.441  2.556   1.00 24.86 ? 84  ASN A ND2 1 
ATOM   636  N N   . TRP A 1 85  ? -0.736  18.218  -0.987  1.00 13.13 ? 85  TRP A N   1 
ATOM   637  C CA  . TRP A 1 85  ? 0.592   17.996  -1.553  1.00 12.99 ? 85  TRP A CA  1 
ATOM   638  C C   . TRP A 1 85  ? 0.640   18.375  -3.030  1.00 12.62 ? 85  TRP A C   1 
ATOM   639  O O   . TRP A 1 85  ? 1.583   18.991  -3.515  1.00 12.58 ? 85  TRP A O   1 
ATOM   640  C CB  . TRP A 1 85  ? 1.019   16.539  -1.386  1.00 12.49 ? 85  TRP A CB  1 
ATOM   641  C CG  . TRP A 1 85  ? 1.431   16.164  0.005   1.00 13.21 ? 85  TRP A CG  1 
ATOM   642  C CD1 . TRP A 1 85  ? 1.860   16.997  0.990   1.00 13.22 ? 85  TRP A CD1 1 
ATOM   643  C CD2 . TRP A 1 85  ? 1.511   14.834  0.538   1.00 13.70 ? 85  TRP A CD2 1 
ATOM   644  N NE1 . TRP A 1 85  ? 2.166   16.288  2.130   1.00 14.10 ? 85  TRP A NE1 1 
ATOM   645  C CE2 . TRP A 1 85  ? 1.981   14.967  1.862   1.00 13.35 ? 85  TRP A CE2 1 
ATOM   646  C CE3 . TRP A 1 85  ? 1.236   13.568  0.018   1.00 13.13 ? 85  TRP A CE3 1 
ATOM   647  C CZ2 . TRP A 1 85  ? 2.161   13.845  2.689   1.00 13.95 ? 85  TRP A CZ2 1 
ATOM   648  C CZ3 . TRP A 1 85  ? 1.430   12.470  0.846   1.00 13.94 ? 85  TRP A CZ3 1 
ATOM   649  C CH2 . TRP A 1 85  ? 1.878   12.625  2.159   1.00 14.43 ? 85  TRP A CH2 1 
ATOM   650  N N   . LYS A 1 86  ? -0.406  17.972  -3.753  1.00 13.07 ? 86  LYS A N   1 
ATOM   651  C CA  . LYS A 1 86  ? -0.483  18.335  -5.175  1.00 13.89 ? 86  LYS A CA  1 
ATOM   652  C C   . LYS A 1 86  ? -0.563  19.841  -5.356  1.00 13.25 ? 86  LYS A C   1 
ATOM   653  O O   . LYS A 1 86  ? 0.115   20.405  -6.212  1.00 14.33 ? 86  LYS A O   1 
ATOM   654  C CB  . LYS A 1 86  ? -1.716  17.683  -5.797  1.00 15.07 ? 86  LYS A CB  1 
ATOM   655  C CG  . LYS A 1 86  ? -1.565  16.187  -5.968  1.00 15.47 ? 86  LYS A CG  1 
ATOM   656  C CD  . LYS A 1 86  ? -2.872  15.592  -6.509  1.00 16.64 ? 86  LYS A CD  1 
ATOM   657  C CE  . LYS A 1 86  ? -2.678  14.121  -6.845  1.00 17.06 ? 86  LYS A CE  1 
ATOM   658  N NZ  . LYS A 1 86  ? -3.947  13.504  -7.336  1.00 18.70 ? 86  LYS A NZ  1 
ATOM   659  N N   . LYS A 1 87  ? -1.305  20.563  -4.512  1.00 14.54 ? 87  LYS A N   1 
ATOM   660  C CA  . LYS A 1 87  ? -1.414  22.015  -4.633  1.00 15.09 ? 87  LYS A CA  1 
ATOM   661  C C   . LYS A 1 87  ? -0.047  22.662  -4.453  1.00 15.75 ? 87  LYS A C   1 
ATOM   662  O O   . LYS A 1 87  ? 0.281   23.642  -5.136  1.00 15.55 ? 87  LYS A O   1 
ATOM   663  C CB  . LYS A 1 87  ? -2.366  22.582  -3.575  1.00 16.76 ? 87  LYS A CB  1 
ATOM   664  C CG  . LYS A 1 87  ? -3.819  22.266  -3.837  1.00 16.51 ? 87  LYS A CG  1 
ATOM   665  C CD  . LYS A 1 87  ? -4.709  22.686  -2.679  1.00 18.60 ? 87  LYS A CD  1 
ATOM   666  C CE  . LYS A 1 87  ? -6.077  22.049  -2.806  1.00 19.42 ? 87  LYS A CE  1 
ATOM   667  N NZ  . LYS A 1 87  ? -6.846  22.587  -3.955  1.00 20.85 ? 87  LYS A NZ  1 
ATOM   668  N N   . ARG A 1 88  ? 0.758   22.098  -3.559  1.00 15.85 ? 88  ARG A N   1 
ATOM   669  C CA  . ARG A 1 88  ? 2.076   22.608  -3.234  1.00 17.28 ? 88  ARG A CA  1 
ATOM   670  C C   . ARG A 1 88  ? 3.216   22.016  -4.035  1.00 15.50 ? 88  ARG A C   1 
ATOM   671  O O   . ARG A 1 88  ? 4.396   22.179  -3.671  1.00 16.93 ? 88  ARG A O   1 
ATOM   672  C CB  . ARG A 1 88  ? 2.329   22.359  -1.741  1.00 19.93 ? 88  ARG A CB  1 
ATOM   673  C CG  . ARG A 1 88  ? 1.356   23.058  -0.805  1.00 24.92 ? 88  ARG A CG  1 
ATOM   674  C CD  . ARG A 1 88  ? 2.073   23.376  0.496   1.00 28.38 ? 88  ARG A CD  1 
ATOM   675  N NE  . ARG A 1 88  ? 1.252   24.027  1.499   1.00 31.35 ? 88  ARG A NE  1 
ATOM   676  C CZ  . ARG A 1 88  ? 1.631   24.240  2.757   1.00 32.71 ? 88  ARG A CZ  1 
ATOM   677  N NH1 . ARG A 1 88  ? 2.830   23.858  3.181   1.00 33.29 ? 88  ARG A NH1 1 
ATOM   678  N NH2 . ARG A 1 88  ? 0.791   24.840  3.593   1.00 33.92 ? 88  ARG A NH2 1 
ATOM   679  N N   . GLY A 1 89  ? 2.936   21.306  -5.126  1.00 14.77 ? 89  GLY A N   1 
ATOM   680  C CA  . GLY A 1 89  ? 3.977   20.735  -5.954  1.00 14.11 ? 89  GLY A CA  1 
ATOM   681  C C   . GLY A 1 89  ? 4.791   19.628  -5.299  1.00 13.11 ? 89  GLY A C   1 
ATOM   682  O O   . GLY A 1 89  ? 5.982   19.434  -5.547  1.00 14.95 ? 89  GLY A O   1 
ATOM   683  N N   . TRP A 1 90  ? 4.150   18.882  -4.403  1.00 12.14 ? 90  TRP A N   1 
ATOM   684  C CA  . TRP A 1 90  ? 4.754   17.734  -3.734  1.00 12.10 ? 90  TRP A CA  1 
ATOM   685  C C   . TRP A 1 90  ? 5.996   18.076  -2.920  1.00 12.25 ? 90  TRP A C   1 
ATOM   686  O O   . TRP A 1 90  ? 6.959   17.306  -2.824  1.00 12.28 ? 90  TRP A O   1 
ATOM   687  C CB  . TRP A 1 90  ? 5.061   16.665  -4.783  1.00 12.33 ? 90  TRP A CB  1 
ATOM   688  C CG  . TRP A 1 90  ? 3.827   16.036  -5.355  1.00 12.55 ? 90  TRP A CG  1 
ATOM   689  C CD1 . TRP A 1 90  ? 3.174   16.394  -6.500  1.00 12.91 ? 90  TRP A CD1 1 
ATOM   690  C CD2 . TRP A 1 90  ? 3.098   14.933  -4.807  1.00 12.57 ? 90  TRP A CD2 1 
ATOM   691  N NE1 . TRP A 1 90  ? 2.087   15.565  -6.695  1.00 13.75 ? 90  TRP A NE1 1 
ATOM   692  C CE2 . TRP A 1 90  ? 2.020   14.662  -5.670  1.00 13.81 ? 90  TRP A CE2 1 
ATOM   693  C CE3 . TRP A 1 90  ? 3.246   14.149  -3.662  1.00 12.78 ? 90  TRP A CE3 1 
ATOM   694  C CZ2 . TRP A 1 90  ? 1.115   13.630  -5.423  1.00 14.20 ? 90  TRP A CZ2 1 
ATOM   695  C CZ3 . TRP A 1 90  ? 2.361   13.119  -3.424  1.00 12.67 ? 90  TRP A CZ3 1 
ATOM   696  C CH2 . TRP A 1 90  ? 1.311   12.870  -4.305  1.00 13.03 ? 90  TRP A CH2 1 
ATOM   697  N N   . LYS A 1 91  ? 5.911   19.238  -2.267  1.00 13.10 ? 91  LYS A N   1 
ATOM   698  C CA  . LYS A 1 91  ? 6.978   19.686  -1.382  1.00 13.70 ? 91  LYS A CA  1 
ATOM   699  C C   . LYS A 1 91  ? 6.380   20.192  -0.072  1.00 13.67 ? 91  LYS A C   1 
ATOM   700  O O   . LYS A 1 91  ? 5.272   20.737  -0.065  1.00 14.84 ? 91  LYS A O   1 
ATOM   701  C CB  . LYS A 1 91  ? 7.825   20.800  -2.008  1.00 15.03 ? 91  LYS A CB  1 
ATOM   702  C CG  . LYS A 1 91  ? 8.748   20.279  -3.095  1.00 16.04 ? 91  LYS A CG  1 
ATOM   703  C CD  . LYS A 1 91  ? 9.440   21.374  -3.881  1.00 18.08 ? 91  LYS A CD  1 
ATOM   704  C CE  . LYS A 1 91  ? 10.383  20.739  -4.899  1.00 19.17 ? 91  LYS A CE  1 
ATOM   705  N NZ  . LYS A 1 91  ? 10.711  21.709  -5.982  1.00 21.73 ? 91  LYS A NZ  1 
ATOM   706  N N   . THR A 1 92  ? 7.116   19.995  1.013   1.00 13.58 ? 92  THR A N   1 
ATOM   707  C CA  . THR A 1 92  ? 6.674   20.532  2.299   1.00 14.70 ? 92  THR A CA  1 
ATOM   708  C C   . THR A 1 92  ? 7.068   22.001  2.385   1.00 14.91 ? 92  THR A C   1 
ATOM   709  O O   . THR A 1 92  ? 7.667   22.585  1.466   1.00 14.23 ? 92  THR A O   1 
ATOM   710  C CB  . THR A 1 92  ? 7.202   19.699  3.469   1.00 14.96 ? 92  THR A CB  1 
ATOM   711  O OG1 . THR A 1 92  ? 8.528   19.255  3.195   1.00 14.85 ? 92  THR A OG1 1 
ATOM   712  C CG2 . THR A 1 92  ? 6.296   18.482  3.680   1.00 16.66 ? 92  THR A CG2 1 
ATOM   713  N N   . ALA A 1 93  ? 6.777   22.652  3.516   1.00 15.97 ? 93  ALA A N   1 
ATOM   714  C CA  . ALA A 1 93  ? 7.047   24.071  3.723   1.00 16.72 ? 93  ALA A CA  1 
ATOM   715  C C   . ALA A 1 93  ? 8.518   24.406  3.606   1.00 16.54 ? 93  ALA A C   1 
ATOM   716  O O   . ALA A 1 93  ? 8.851   25.521  3.163   1.00 17.69 ? 93  ALA A O   1 
ATOM   717  C CB  . ALA A 1 93  ? 6.519   24.529  5.080   1.00 17.25 ? 93  ALA A CB  1 
ATOM   718  N N   . ASP A 1 94  ? 9.416   23.504  3.933   1.00 15.08 ? 94  ASP A N   1 
ATOM   719  C CA  . ASP A 1 94  ? 10.845  23.682  3.803   1.00 14.73 ? 94  ASP A CA  1 
ATOM   720  C C   . ASP A 1 94  ? 11.373  23.399  2.393   1.00 13.87 ? 94  ASP A C   1 
ATOM   721  O O   . ASP A 1 94  ? 12.582  23.353  2.170   1.00 13.80 ? 94  ASP A O   1 
ATOM   722  C CB  . ASP A 1 94  ? 11.618  22.799  4.778   1.00 16.43 ? 94  ASP A CB  1 
ATOM   723  C CG  . ASP A 1 94  ? 11.161  21.351  4.740   1.00 18.03 ? 94  ASP A CG  1 
ATOM   724  O OD1 . ASP A 1 94  ? 11.453  20.673  5.751   1.00 20.38 ? 94  ASP A OD1 1 
ATOM   725  O OD2 . ASP A 1 94  ? 10.525  20.936  3.755   1.00 17.07 ? 94  ASP A OD2 1 
ATOM   726  N N   . LYS A 1 95  ? 10.472  23.168  1.454   1.00 12.73 ? 95  LYS A N   1 
ATOM   727  C CA  . LYS A 1 95  ? 10.744  22.928  0.055   1.00 12.42 ? 95  LYS A CA  1 
ATOM   728  C C   . LYS A 1 95  ? 11.425  21.608  -0.253  1.00 12.60 ? 95  LYS A C   1 
ATOM   729  O O   . LYS A 1 95  ? 11.906  21.378  -1.363  1.00 13.32 ? 95  LYS A O   1 
ATOM   730  C CB  . LYS A 1 95  ? 11.457  24.115  -0.614  1.00 11.23 ? 95  LYS A CB  1 
ATOM   731  C CG  . LYS A 1 95  ? 10.581  25.324  -0.879  1.00 13.17 ? 95  LYS A CG  1 
ATOM   732  C CD  . LYS A 1 95  ? 9.458   25.076  -1.862  1.00 14.90 ? 95  LYS A CD  1 
ATOM   733  C CE  . LYS A 1 95  ? 8.653   26.341  -2.138  1.00 16.20 ? 95  LYS A CE  1 
ATOM   734  N NZ  . LYS A 1 95  ? 7.680   26.084  -3.239  1.00 18.89 ? 95  LYS A NZ  1 
ATOM   735  N N   . LYS A 1 96  ? 11.399  20.659  0.689   1.00 13.85 ? 96  LYS A N   1 
ATOM   736  C CA  . LYS A 1 96  ? 11.919  19.333  0.398   1.00 14.13 ? 96  LYS A CA  1 
ATOM   737  C C   . LYS A 1 96  ? 10.760  18.521  -0.185  1.00 13.27 ? 96  LYS A C   1 
ATOM   738  O O   . LYS A 1 96  ? 9.590   18.766  0.102   1.00 12.46 ? 96  LYS A O   1 
ATOM   739  C CB  . LYS A 1 96  ? 12.411  18.587  1.634   1.00 16.07 ? 96  LYS A CB  1 
ATOM   740  C CG  . LYS A 1 96  ? 13.752  19.052  2.187   1.00 18.08 ? 96  LYS A CG  1 
ATOM   741  C CD  . LYS A 1 96  ? 14.096  18.228  3.425   1.00 20.98 ? 96  LYS A CD  1 
ATOM   742  C CE  . LYS A 1 96  ? 14.723  19.078  4.516   1.00 23.20 ? 96  LYS A CE  1 
ATOM   743  N NZ  . LYS A 1 96  ? 14.777  18.332  5.810   1.00 25.11 ? 96  LYS A NZ  1 
ATOM   744  N N   . PRO A 1 97  ? 11.081  17.585  -1.055  1.00 12.78 ? 97  PRO A N   1 
ATOM   745  C CA  . PRO A 1 97  ? 10.094  16.658  -1.587  1.00 12.99 ? 97  PRO A CA  1 
ATOM   746  C C   . PRO A 1 97  ? 9.403   15.964  -0.410  1.00 12.47 ? 97  PRO A C   1 
ATOM   747  O O   . PRO A 1 97  ? 9.994   15.604  0.607   1.00 11.81 ? 97  PRO A O   1 
ATOM   748  C CB  . PRO A 1 97  ? 10.921  15.629  -2.357  1.00 14.05 ? 97  PRO A CB  1 
ATOM   749  C CG  . PRO A 1 97  ? 12.171  16.366  -2.715  1.00 16.73 ? 97  PRO A CG  1 
ATOM   750  C CD  . PRO A 1 97  ? 12.454  17.233  -1.500  1.00 15.33 ? 97  PRO A CD  1 
ATOM   751  N N   . VAL A 1 98  ? 8.115   15.716  -0.587  1.00 10.88 ? 98  VAL A N   1 
ATOM   752  C CA  . VAL A 1 98  ? 7.338   14.956  0.392   1.00 11.83 ? 98  VAL A CA  1 
ATOM   753  C C   . VAL A 1 98  ? 7.990   13.585  0.603   1.00 10.58 ? 98  VAL A C   1 
ATOM   754  O O   . VAL A 1 98  ? 8.440   12.947  -0.350  1.00 10.56 ? 98  VAL A O   1 
ATOM   755  C CB  . VAL A 1 98  ? 5.898   14.816  -0.115  1.00 12.84 ? 98  VAL A CB  1 
ATOM   756  C CG1 . VAL A 1 98  ? 5.114   13.707  0.582   1.00 14.21 ? 98  VAL A CG1 1 
ATOM   757  C CG2 . VAL A 1 98  ? 5.176   16.154  0.028   1.00 14.10 ? 98  VAL A CG2 1 
ATOM   758  N N   . LYS A 1 99  ? 7.959   13.142  1.850   1.00 10.32 ? 99  LYS A N   1 
ATOM   759  C CA  . LYS A 1 99  ? 8.479   11.811  2.173   1.00 10.93 ? 99  LYS A CA  1 
ATOM   760  C C   . LYS A 1 99  ? 7.717   10.737  1.405   1.00 9.44  ? 99  LYS A C   1 
ATOM   761  O O   . LYS A 1 99  ? 6.493   10.730  1.344   1.00 10.15 ? 99  LYS A O   1 
ATOM   762  C CB  . LYS A 1 99  ? 8.370   11.573  3.686   1.00 11.44 ? 99  LYS A CB  1 
ATOM   763  C CG  . LYS A 1 99  ? 8.847   10.206  4.148   1.00 12.91 ? 99  LYS A CG  1 
ATOM   764  C CD  . LYS A 1 99  ? 8.732   10.013  5.659   1.00 15.93 ? 99  LYS A CD  1 
ATOM   765  C CE  . LYS A 1 99  ? 7.293   9.915   6.134   1.00 17.11 ? 99  LYS A CE  1 
ATOM   766  N NZ  . LYS A 1 99  ? 7.211   9.809   7.630   1.00 19.93 ? 99  LYS A NZ  1 
ATOM   767  N N   . ASN A 1 100 ? 8.455   9.842   0.764   1.00 9.53  ? 100 ASN A N   1 
ATOM   768  C CA  . ASN A 1 100 ? 7.894   8.742   -0.018  1.00 9.89  ? 100 ASN A CA  1 
ATOM   769  C C   . ASN A 1 100 ? 7.109   9.233   -1.219  1.00 10.13 ? 100 ASN A C   1 
ATOM   770  O O   . ASN A 1 100 ? 6.218   8.549   -1.743  1.00 9.65  ? 100 ASN A O   1 
ATOM   771  C CB  . ASN A 1 100 ? 7.024   7.821   0.856   1.00 10.43 ? 100 ASN A CB  1 
ATOM   772  C CG  . ASN A 1 100 ? 7.858   7.152   1.928   1.00 9.49  ? 100 ASN A CG  1 
ATOM   773  O OD1 . ASN A 1 100 ? 9.036   6.859   1.735   1.00 10.51 ? 100 ASN A OD1 1 
ATOM   774  N ND2 . ASN A 1 100 ? 7.214   6.976   3.088   1.00 11.04 ? 100 ASN A ND2 1 
ATOM   775  N N   . VAL A 1 101 ? 7.511   10.388  -1.770  1.00 9.93  ? 101 VAL A N   1 
ATOM   776  C CA  . VAL A 1 101 ? 6.827   10.936  -2.945  1.00 10.64 ? 101 VAL A CA  1 
ATOM   777  C C   . VAL A 1 101 ? 6.838   9.958   -4.107  1.00 9.81  ? 101 VAL A C   1 
ATOM   778  O O   . VAL A 1 101 ? 5.837   9.872   -4.830  1.00 10.07 ? 101 VAL A O   1 
ATOM   779  C CB  . VAL A 1 101 ? 7.411   12.309  -3.337  1.00 10.83 ? 101 VAL A CB  1 
ATOM   780  C CG1 . VAL A 1 101 ? 8.879   12.223  -3.711  1.00 12.06 ? 101 VAL A CG1 1 
ATOM   781  C CG2 . VAL A 1 101 ? 6.596   12.971  -4.446  1.00 12.83 ? 101 VAL A CG2 1 
ATOM   782  N N   . ASP A 1 102 ? 7.903   9.171   -4.267  1.00 9.91  ? 102 ASP A N   1 
ATOM   783  C CA  . ASP A 1 102 ? 7.949   8.200   -5.360  1.00 9.79  ? 102 ASP A CA  1 
ATOM   784  C C   . ASP A 1 102 ? 6.752   7.256   -5.300  1.00 9.30  ? 102 ASP A C   1 
ATOM   785  O O   . ASP A 1 102 ? 6.044   6.966   -6.271  1.00 10.72 ? 102 ASP A O   1 
ATOM   786  C CB  . ASP A 1 102 ? 9.256   7.413   -5.339  1.00 10.91 ? 102 ASP A CB  1 
ATOM   787  C CG  . ASP A 1 102 ? 9.515   6.614   -4.089  1.00 10.56 ? 102 ASP A CG  1 
ATOM   788  O OD1 . ASP A 1 102 ? 9.270   7.126   -2.972  1.00 11.39 ? 102 ASP A OD1 1 
ATOM   789  O OD2 . ASP A 1 102 ? 10.011  5.472   -4.162  1.00 11.75 ? 102 ASP A OD2 1 
ATOM   790  N N   . LEU A 1 103 ? 6.457   6.738   -4.098  1.00 9.31  ? 103 LEU A N   1 
ATOM   791  C CA  . LEU A 1 103 ? 5.363   5.781   -3.930  1.00 9.67  ? 103 LEU A CA  1 
ATOM   792  C C   . LEU A 1 103 ? 4.017   6.467   -3.906  1.00 9.63  ? 103 LEU A C   1 
ATOM   793  O O   . LEU A 1 103 ? 3.059   5.902   -4.454  1.00 11.16 ? 103 LEU A O   1 
ATOM   794  C CB  . LEU A 1 103 ? 5.559   4.896   -2.704  1.00 10.26 ? 103 LEU A CB  1 
ATOM   795  C CG  . LEU A 1 103 ? 6.809   4.016   -2.744  1.00 10.15 ? 103 LEU A CG  1 
ATOM   796  C CD1 . LEU A 1 103 ? 6.858   3.116   -1.514  1.00 10.64 ? 103 LEU A CD1 1 
ATOM   797  C CD2 . LEU A 1 103 ? 6.865   3.163   -4.007  1.00 11.65 ? 103 LEU A CD2 1 
ATOM   798  N N   . TRP A 1 104 ? 3.900   7.655   -3.322  1.00 9.58  ? 104 TRP A N   1 
ATOM   799  C CA  . TRP A 1 104 ? 2.616   8.343   -3.385  1.00 10.00 ? 104 TRP A CA  1 
ATOM   800  C C   . TRP A 1 104 ? 2.207   8.660   -4.819  1.00 9.58  ? 104 TRP A C   1 
ATOM   801  O O   . TRP A 1 104 ? 1.023   8.499   -5.164  1.00 10.28 ? 104 TRP A O   1 
ATOM   802  C CB  . TRP A 1 104 ? 2.666   9.605   -2.531  1.00 11.08 ? 104 TRP A CB  1 
ATOM   803  C CG  . TRP A 1 104 ? 2.530   9.354   -1.053  1.00 10.27 ? 104 TRP A CG  1 
ATOM   804  C CD1 . TRP A 1 104 ? 3.485   9.585   -0.109  1.00 12.28 ? 104 TRP A CD1 1 
ATOM   805  C CD2 . TRP A 1 104 ? 1.384   8.824   -0.382  1.00 10.50 ? 104 TRP A CD2 1 
ATOM   806  N NE1 . TRP A 1 104 ? 2.974   9.239   1.134   1.00 11.72 ? 104 TRP A NE1 1 
ATOM   807  C CE2 . TRP A 1 104 ? 1.713   8.780   0.988   1.00 11.48 ? 104 TRP A CE2 1 
ATOM   808  C CE3 . TRP A 1 104 ? 0.117   8.433   -0.799  1.00 11.73 ? 104 TRP A CE3 1 
ATOM   809  C CZ2 . TRP A 1 104 ? 0.815   8.323   1.960   1.00 13.47 ? 104 TRP A CZ2 1 
ATOM   810  C CZ3 . TRP A 1 104 ? -0.770  7.974   0.174   1.00 13.74 ? 104 TRP A CZ3 1 
ATOM   811  C CH2 . TRP A 1 104 ? -0.407  7.934   1.518   1.00 14.58 ? 104 TRP A CH2 1 
ATOM   812  N N   . GLN A 1 105 ? 3.154   9.096   -5.650  1.00 9.94  ? 105 GLN A N   1 
ATOM   813  C CA  . GLN A 1 105 ? 2.831   9.418   -7.050  1.00 10.63 ? 105 GLN A CA  1 
ATOM   814  C C   . GLN A 1 105 ? 2.507   8.147   -7.812  1.00 10.38 ? 105 GLN A C   1 
ATOM   815  O O   . GLN A 1 105 ? 1.609   8.115   -8.658  1.00 11.42 ? 105 GLN A O   1 
ATOM   816  C CB  . GLN A 1 105 ? 3.930   10.274  -7.678  1.00 10.58 ? 105 GLN A CB  1 
ATOM   817  C CG  . GLN A 1 105 ? 3.942   11.672  -7.056  1.00 12.06 ? 105 GLN A CG  1 
ATOM   818  C CD  . GLN A 1 105 ? 4.964   12.594  -7.675  1.00 13.65 ? 105 GLN A CD  1 
ATOM   819  O OE1 . GLN A 1 105 ? 4.669   13.785  -7.860  1.00 18.22 ? 105 GLN A OE1 1 
ATOM   820  N NE2 . GLN A 1 105 ? 6.131   12.083  -7.972  1.00 13.76 ? 105 GLN A NE2 1 
ATOM   821  N N   . ARG A 1 106 ? 3.215   7.058   -7.539  1.00 10.18 ? 106 ARG A N   1 
ATOM   822  C CA  . ARG A 1 106 ? 2.939   5.785   -8.201  1.00 11.40 ? 106 ARG A CA  1 
ATOM   823  C C   . ARG A 1 106 ? 1.575   5.244   -7.794  1.00 11.69 ? 106 ARG A C   1 
ATOM   824  O O   . ARG A 1 106 ? 0.848   4.703   -8.632  1.00 12.24 ? 106 ARG A O   1 
ATOM   825  C CB  . ARG A 1 106 ? 4.055   4.805   -7.870  1.00 10.99 ? 106 ARG A CB  1 
ATOM   826  C CG  . ARG A 1 106 ? 3.853   3.440   -8.512  1.00 10.27 ? 106 ARG A CG  1 
ATOM   827  C CD  . ARG A 1 106 ? 5.046   2.545   -8.294  1.00 10.82 ? 106 ARG A CD  1 
ATOM   828  N NE  . ARG A 1 106 ? 4.814   1.196   -8.770  1.00 11.24 ? 106 ARG A NE  1 
ATOM   829  C CZ  . ARG A 1 106 ? 5.594   0.160   -8.499  1.00 12.96 ? 106 ARG A CZ  1 
ATOM   830  N NH1 . ARG A 1 106 ? 6.701   0.347   -7.786  1.00 13.84 ? 106 ARG A NH1 1 
ATOM   831  N NH2 . ARG A 1 106 ? 5.256   -1.035  -8.967  1.00 14.02 ? 106 ARG A NH2 1 
ATOM   832  N N   . LEU A 1 107 ? 1.209   5.408   -6.533  1.00 11.17 ? 107 LEU A N   1 
ATOM   833  C CA  . LEU A 1 107 ? -0.103  5.012   -6.030  1.00 11.85 ? 107 LEU A CA  1 
ATOM   834  C C   . LEU A 1 107 ? -1.177  5.868   -6.698  1.00 12.64 ? 107 LEU A C   1 
ATOM   835  O O   . LEU A 1 107 ? -2.212  5.343   -7.134  1.00 13.06 ? 107 LEU A O   1 
ATOM   836  C CB  . LEU A 1 107 ? -0.216  5.128   -4.498  1.00 11.60 ? 107 LEU A CB  1 
ATOM   837  C CG  . LEU A 1 107 ? -1.626  4.826   -3.944  1.00 11.23 ? 107 LEU A CG  1 
ATOM   838  C CD1 . LEU A 1 107 ? -2.091  3.428   -4.304  1.00 12.80 ? 107 LEU A CD1 1 
ATOM   839  C CD2 . LEU A 1 107 ? -1.616  4.977   -2.426  1.00 12.31 ? 107 LEU A CD2 1 
ATOM   840  N N   . ASP A 1 108 ? -0.935  7.174   -6.820  1.00 14.33 ? 108 ASP A N   1 
ATOM   841  C CA  . ASP A 1 108 ? -1.920  8.047   -7.461  1.00 15.33 ? 108 ASP A CA  1 
ATOM   842  C C   . ASP A 1 108 ? -2.135  7.605   -8.897  1.00 15.81 ? 108 ASP A C   1 
ATOM   843  O O   . ASP A 1 108 ? -3.290  7.604   -9.359  1.00 17.48 ? 108 ASP A O   1 
ATOM   844  C CB  . ASP A 1 108 ? -1.465  9.496   -7.314  1.00 16.59 ? 108 ASP A CB  1 
ATOM   845  C CG  . ASP A 1 108 ? -2.545  10.525  -7.597  1.00 18.58 ? 108 ASP A CG  1 
ATOM   846  O OD1 . ASP A 1 108 ? -2.273  11.448  -8.388  1.00 20.33 ? 108 ASP A OD1 1 
ATOM   847  O OD2 . ASP A 1 108 ? -3.636  10.403  -7.022  1.00 21.08 ? 108 ASP A OD2 1 
ATOM   848  N N   . ALA A 1 109 ? -1.087  7.173   -9.614  1.00 15.27 ? 109 ALA A N   1 
ATOM   849  C CA  . ALA A 1 109 ? -1.264  6.643   -10.964 1.00 15.37 ? 109 ALA A CA  1 
ATOM   850  C C   . ALA A 1 109 ? -2.010  5.312   -10.943 1.00 14.74 ? 109 ALA A C   1 
ATOM   851  O O   . ALA A 1 109 ? -2.850  5.032   -11.823 1.00 16.88 ? 109 ALA A O   1 
ATOM   852  C CB  . ALA A 1 109 ? 0.059   6.456   -11.694 1.00 14.16 ? 109 ALA A CB  1 
ATOM   853  N N   . ALA A 1 110 ? -1.728  4.447   -9.982  1.00 14.78 ? 110 ALA A N   1 
ATOM   854  C CA  . ALA A 1 110 ? -2.361  3.139   -9.830  1.00 15.29 ? 110 ALA A CA  1 
ATOM   855  C C   . ALA A 1 110 ? -3.838  3.255   -9.530  1.00 16.23 ? 110 ALA A C   1 
ATOM   856  O O   . ALA A 1 110 ? -4.618  2.371   -9.926  1.00 15.98 ? 110 ALA A O   1 
ATOM   857  C CB  . ALA A 1 110 ? -1.647  2.307   -8.766  1.00 16.28 ? 110 ALA A CB  1 
ATOM   858  N N   . LEU A 1 111 ? -4.306  4.356   -8.961  1.00 16.69 ? 111 LEU A N   1 
ATOM   859  C CA  . LEU A 1 111 ? -5.718  4.607   -8.737  1.00 17.96 ? 111 LEU A CA  1 
ATOM   860  C C   . LEU A 1 111 ? -6.427  4.594   -10.098 1.00 17.56 ? 111 LEU A C   1 
ATOM   861  O O   . LEU A 1 111 ? -7.626  4.284   -10.184 1.00 17.03 ? 111 LEU A O   1 
ATOM   862  C CB  . LEU A 1 111 ? -5.976  5.923   -8.027  1.00 19.23 ? 111 LEU A CB  1 
ATOM   863  C CG  . LEU A 1 111 ? -5.315  6.227   -6.682  1.00 19.73 ? 111 LEU A CG  1 
ATOM   864  C CD1 . LEU A 1 111 ? -5.735  7.608   -6.194  1.00 20.41 ? 111 LEU A CD1 1 
ATOM   865  C CD2 . LEU A 1 111 ? -5.623  5.157   -5.648  1.00 19.66 ? 111 LEU A CD2 1 
ATOM   866  N N   . GLY A 1 112 ? -5.718  4.982   -11.156 1.00 17.93 ? 112 GLY A N   1 
ATOM   867  C CA  . GLY A 1 112 ? -6.229  4.966   -12.512 1.00 18.20 ? 112 GLY A CA  1 
ATOM   868  C C   . GLY A 1 112 ? -7.581  5.668   -12.569 1.00 17.54 ? 112 GLY A C   1 
ATOM   869  O O   . GLY A 1 112 ? -7.761  6.747   -12.024 1.00 17.07 ? 112 GLY A O   1 
ATOM   870  N N   . GLN A 1 113 ? -8.507  4.998   -13.238 1.00 18.76 ? 113 GLN A N   1 
ATOM   871  C CA  . GLN A 1 113 ? -9.871  5.484   -13.393 1.00 18.86 ? 113 GLN A CA  1 
ATOM   872  C C   . GLN A 1 113 ? -10.821 4.654   -12.540 1.00 19.05 ? 113 GLN A C   1 
ATOM   873  O O   . GLN A 1 113 ? -12.043 4.720   -12.728 1.00 19.71 ? 113 GLN A O   1 
ATOM   874  C CB  . GLN A 1 113 ? -10.282 5.376   -14.868 1.00 19.75 ? 113 GLN A CB  1 
ATOM   875  C CG  . GLN A 1 113 ? -9.305  6.101   -15.790 1.00 21.25 ? 113 GLN A CG  1 
ATOM   876  C CD  . GLN A 1 113 ? -9.799  6.117   -17.220 1.00 22.05 ? 113 GLN A CD  1 
ATOM   877  O OE1 . GLN A 1 113 ? -11.008 6.054   -17.479 1.00 23.84 ? 113 GLN A OE1 1 
ATOM   878  N NE2 . GLN A 1 113 ? -8.857  6.203   -18.149 1.00 22.51 ? 113 GLN A NE2 1 
ATOM   879  N N   . HIS A 1 114 ? -10.260 3.897   -11.594 1.00 17.96 ? 114 HIS A N   1 
ATOM   880  C CA  . HIS A 1 114 ? -11.097 3.063   -10.742 1.00 16.76 ? 114 HIS A CA  1 
ATOM   881  C C   . HIS A 1 114 ? -11.958 3.883   -9.795  1.00 16.86 ? 114 HIS A C   1 
ATOM   882  O O   . HIS A 1 114 ? -11.612 4.975   -9.364  1.00 17.35 ? 114 HIS A O   1 
ATOM   883  C CB  . HIS A 1 114 ? -10.218 2.107   -9.912  1.00 15.31 ? 114 HIS A CB  1 
ATOM   884  C CG  . HIS A 1 114 ? -9.309  1.284   -10.772 1.00 15.81 ? 114 HIS A CG  1 
ATOM   885  N ND1 . HIS A 1 114 ? -9.756  0.400   -11.725 1.00 16.35 ? 114 HIS A ND1 1 
ATOM   886  C CD2 . HIS A 1 114 ? -7.951  1.229   -10.812 1.00 16.20 ? 114 HIS A CD2 1 
ATOM   887  C CE1 . HIS A 1 114 ? -8.728  -0.168  -12.325 1.00 17.23 ? 114 HIS A CE1 1 
ATOM   888  N NE2 . HIS A 1 114 ? -7.623  0.313   -11.768 1.00 16.61 ? 114 HIS A NE2 1 
ATOM   889  N N   . GLN A 1 115 ? -13.149 3.365   -9.508  1.00 17.49 ? 115 GLN A N   1 
ATOM   890  C CA  . GLN A 1 115 ? -14.024 3.987   -8.522  1.00 16.89 ? 115 GLN A CA  1 
ATOM   891  C C   . GLN A 1 115 ? -13.714 3.252   -7.213  1.00 16.31 ? 115 GLN A C   1 
ATOM   892  O O   . GLN A 1 115 ? -14.156 2.111   -7.026  1.00 17.36 ? 115 GLN A O   1 
ATOM   893  C CB  . GLN A 1 115 ? -15.489 3.832   -8.889  1.00 17.65 ? 115 GLN A CB  1 
ATOM   894  C CG  . GLN A 1 115 ? -15.840 4.676   -10.114 1.00 19.55 ? 115 GLN A CG  1 
ATOM   895  C CD  . GLN A 1 115 ? -17.232 4.304   -10.600 1.00 20.70 ? 115 GLN A CD  1 
ATOM   896  O OE1 . GLN A 1 115 ? -18.196 4.305   -9.836  1.00 21.12 ? 115 GLN A OE1 1 
ATOM   897  N NE2 . GLN A 1 115 ? -17.279 3.984   -11.885 1.00 23.09 ? 115 GLN A NE2 1 
ATOM   898  N N   . ILE A 1 116 ? -12.944 3.918   -6.370  1.00 16.36 ? 116 ILE A N   1 
ATOM   899  C CA  . ILE A 1 116 ? -12.518 3.257   -5.149  1.00 16.75 ? 116 ILE A CA  1 
ATOM   900  C C   . ILE A 1 116 ? -13.254 3.713   -3.904  1.00 16.34 ? 116 ILE A C   1 
ATOM   901  O O   . ILE A 1 116 ? -13.334 4.890   -3.566  1.00 17.76 ? 116 ILE A O   1 
ATOM   902  C CB  . ILE A 1 116 ? -11.001 3.461   -4.898  1.00 18.00 ? 116 ILE A CB  1 
ATOM   903  C CG1 . ILE A 1 116 ? -10.226 3.041   -6.146  1.00 19.42 ? 116 ILE A CG1 1 
ATOM   904  C CG2 . ILE A 1 116 ? -10.546 2.656   -3.687  1.00 17.71 ? 116 ILE A CG2 1 
ATOM   905  C CD1 . ILE A 1 116 ? -8.763  3.418   -6.157  1.00 20.37 ? 116 ILE A CD1 1 
ATOM   906  N N   . LYS A 1 117 ? -13.733 2.731   -3.166  1.00 14.40 ? 117 LYS A N   1 
ATOM   907  C CA  . LYS A 1 117 ? -14.311 2.922   -1.851  1.00 14.29 ? 117 LYS A CA  1 
ATOM   908  C C   . LYS A 1 117 ? -13.270 2.325   -0.884  1.00 14.18 ? 117 LYS A C   1 
ATOM   909  O O   . LYS A 1 117 ? -12.994 1.122   -0.918  1.00 13.51 ? 117 LYS A O   1 
ATOM   910  C CB  . LYS A 1 117 ? -15.655 2.230   -1.695  1.00 16.35 ? 117 LYS A CB  1 
ATOM   911  C CG  . LYS A 1 117 ? -16.272 2.399   -0.318  1.00 18.70 ? 117 LYS A CG  1 
ATOM   912  C CD  . LYS A 1 117 ? -17.630 1.713   -0.233  1.00 22.47 ? 117 LYS A CD  1 
ATOM   913  C CE  . LYS A 1 117 ? -18.766 2.595   -0.701  1.00 24.44 ? 117 LYS A CE  1 
ATOM   914  N NZ  . LYS A 1 117 ? -18.617 3.079   -2.098  1.00 26.22 ? 117 LYS A NZ  1 
ATOM   915  N N   . TRP A 1 118 ? -12.688 3.194   -0.083  1.00 12.92 ? 118 TRP A N   1 
ATOM   916  C CA  . TRP A 1 118 ? -11.668 2.756   0.870   1.00 13.46 ? 118 TRP A CA  1 
ATOM   917  C C   . TRP A 1 118 ? -12.345 2.318   2.162   1.00 14.29 ? 118 TRP A C   1 
ATOM   918  O O   . TRP A 1 118 ? -13.321 2.937   2.602   1.00 17.54 ? 118 TRP A O   1 
ATOM   919  C CB  . TRP A 1 118 ? -10.698 3.888   1.170   1.00 15.42 ? 118 TRP A CB  1 
ATOM   920  C CG  . TRP A 1 118 ? -9.868  4.347   0.019   1.00 15.76 ? 118 TRP A CG  1 
ATOM   921  C CD1 . TRP A 1 118 ? -10.194 5.298   -0.908  1.00 16.61 ? 118 TRP A CD1 1 
ATOM   922  C CD2 . TRP A 1 118 ? -8.557  3.895   -0.342  1.00 15.15 ? 118 TRP A CD2 1 
ATOM   923  N NE1 . TRP A 1 118 ? -9.186  5.448   -1.814  1.00 16.81 ? 118 TRP A NE1 1 
ATOM   924  C CE2 . TRP A 1 118 ? -8.151  4.609   -1.489  1.00 16.12 ? 118 TRP A CE2 1 
ATOM   925  C CE3 . TRP A 1 118 ? -7.671  2.949   0.195   1.00 14.75 ? 118 TRP A CE3 1 
ATOM   926  C CZ2 . TRP A 1 118 ? -6.920  4.396   -2.093  1.00 16.17 ? 118 TRP A CZ2 1 
ATOM   927  C CZ3 . TRP A 1 118 ? -6.434  2.759   -0.396  1.00 16.46 ? 118 TRP A CZ3 1 
ATOM   928  C CH2 . TRP A 1 118 ? -6.074  3.477   -1.541  1.00 16.31 ? 118 TRP A CH2 1 
ATOM   929  N N   . GLU A 1 119 ? -11.890 1.203   2.704   1.00 15.09 ? 119 GLU A N   1 
ATOM   930  C CA  . GLU A 1 119 ? -12.391 0.710   3.979   1.00 15.78 ? 119 GLU A CA  1 
ATOM   931  C C   . GLU A 1 119 ? -11.202 0.769   4.935   1.00 14.29 ? 119 GLU A C   1 
ATOM   932  O O   . GLU A 1 119 ? -10.219 0.035   4.787   1.00 14.95 ? 119 GLU A O   1 
ATOM   933  C CB  . GLU A 1 119 ? -13.021 -0.678  3.862   1.00 18.30 ? 119 GLU A CB  1 
ATOM   934  C CG  . GLU A 1 119 ? -14.294 -0.603  3.032   1.00 22.79 ? 119 GLU A CG  1 
ATOM   935  C CD  . GLU A 1 119 ? -15.263 -1.752  3.141   1.00 25.19 ? 119 GLU A CD  1 
ATOM   936  O OE1 . GLU A 1 119 ? -14.842 -2.869  3.490   1.00 27.39 ? 119 GLU A OE1 1 
ATOM   937  O OE2 . GLU A 1 119 ? -16.451 -1.486  2.840   1.00 27.19 ? 119 GLU A OE2 1 
ATOM   938  N N   . TRP A 1 120 ? -11.272 1.701   5.877   1.00 14.48 ? 120 TRP A N   1 
ATOM   939  C CA  . TRP A 1 120 ? -10.150 1.876   6.818   1.00 15.64 ? 120 TRP A CA  1 
ATOM   940  C C   . TRP A 1 120 ? -10.423 0.976   8.010   1.00 16.59 ? 120 TRP A C   1 
ATOM   941  O O   . TRP A 1 120 ? -11.304 1.285   8.831   1.00 20.18 ? 120 TRP A O   1 
ATOM   942  C CB  . TRP A 1 120 ? -10.038 3.344   7.206   1.00 15.30 ? 120 TRP A CB  1 
ATOM   943  C CG  . TRP A 1 120 ? -10.007 4.296   6.046   1.00 15.25 ? 120 TRP A CG  1 
ATOM   944  C CD1 . TRP A 1 120 ? -10.925 5.267   5.782   1.00 16.00 ? 120 TRP A CD1 1 
ATOM   945  C CD2 . TRP A 1 120 ? -9.032  4.372   5.000   1.00 15.26 ? 120 TRP A CD2 1 
ATOM   946  N NE1 . TRP A 1 120 ? -10.578 5.954   4.647   1.00 15.97 ? 120 TRP A NE1 1 
ATOM   947  C CE2 . TRP A 1 120 ? -9.428  5.425   4.141   1.00 16.07 ? 120 TRP A CE2 1 
ATOM   948  C CE3 . TRP A 1 120 ? -7.868  3.664   4.680   1.00 15.55 ? 120 TRP A CE3 1 
ATOM   949  C CZ2 . TRP A 1 120 ? -8.704  5.788   3.006   1.00 16.15 ? 120 TRP A CZ2 1 
ATOM   950  C CZ3 . TRP A 1 120 ? -7.151  4.039   3.551   1.00 15.57 ? 120 TRP A CZ3 1 
ATOM   951  C CH2 . TRP A 1 120 ? -7.572  5.094   2.732   1.00 15.37 ? 120 TRP A CH2 1 
ATOM   952  N N   . VAL A 1 121 ? -9.747  -0.157  8.092   1.00 16.31 ? 121 VAL A N   1 
ATOM   953  C CA  . VAL A 1 121 ? -10.027 -1.079  9.185   1.00 18.10 ? 121 VAL A CA  1 
ATOM   954  C C   . VAL A 1 121 ? -9.052  -0.874  10.337  1.00 18.23 ? 121 VAL A C   1 
ATOM   955  O O   . VAL A 1 121 ? -7.909  -0.451  10.208  1.00 17.64 ? 121 VAL A O   1 
ATOM   956  C CB  . VAL A 1 121 ? -10.076 -2.547  8.749   1.00 20.98 ? 121 VAL A CB  1 
ATOM   957  C CG1 . VAL A 1 121 ? -11.135 -2.787  7.685   1.00 20.90 ? 121 VAL A CG1 1 
ATOM   958  C CG2 . VAL A 1 121 ? -8.716  -2.992  8.259   1.00 21.48 ? 121 VAL A CG2 1 
ATOM   959  N N   . LYS A 1 122 ? -9.588  -1.124  11.522  1.00 18.66 ? 122 LYS A N   1 
ATOM   960  C CA  . LYS A 1 122 ? -8.865  -1.044  12.772  1.00 21.19 ? 122 LYS A CA  1 
ATOM   961  C C   . LYS A 1 122 ? -8.933  -2.460  13.370  1.00 22.08 ? 122 LYS A C   1 
ATOM   962  O O   . LYS A 1 122 ? -10.021 -2.982  13.624  1.00 23.76 ? 122 LYS A O   1 
ATOM   963  C CB  . LYS A 1 122 ? -9.496  -0.061  13.745  1.00 22.11 ? 122 LYS A CB  1 
ATOM   964  C CG  . LYS A 1 122 ? -9.640  1.373   13.249  1.00 24.86 ? 122 LYS A CG  1 
ATOM   965  C CD  . LYS A 1 122 ? -10.644 2.083   14.152  1.00 26.49 ? 122 LYS A CD  1 
ATOM   966  C CE  . LYS A 1 122 ? -10.203 3.488   14.522  1.00 28.72 ? 122 LYS A CE  1 
ATOM   967  N NZ  . LYS A 1 122 ? -10.660 3.790   15.918  1.00 29.65 ? 122 LYS A NZ  1 
ATOM   968  N N   . GLY A 1 123 ? -7.769  -3.055  13.493  1.00 21.49 ? 123 GLY A N   1 
ATOM   969  C CA  . GLY A 1 123 ? -7.654  -4.356  14.112  1.00 20.27 ? 123 GLY A CA  1 
ATOM   970  C C   . GLY A 1 123 ? -7.930  -5.518  13.179  1.00 19.53 ? 123 GLY A C   1 
ATOM   971  O O   . GLY A 1 123 ? -8.697  -5.467  12.212  1.00 20.85 ? 123 GLY A O   1 
ATOM   972  N N   . HIS A 1 124 ? -7.282  -6.627  13.518  1.00 17.54 ? 124 HIS A N   1 
ATOM   973  C CA  . HIS A 1 124 ? -7.441  -7.863  12.761  1.00 17.94 ? 124 HIS A CA  1 
ATOM   974  C C   . HIS A 1 124 ? -8.751  -8.561  13.108  1.00 17.64 ? 124 HIS A C   1 
ATOM   975  O O   . HIS A 1 124 ? -9.281  -9.256  12.236  1.00 16.41 ? 124 HIS A O   1 
ATOM   976  C CB  . HIS A 1 124 ? -6.251  -8.795  12.985  1.00 19.38 ? 124 HIS A CB  1 
ATOM   977  C CG  . HIS A 1 124 ? -4.981  -8.438  12.270  1.00 20.95 ? 124 HIS A CG  1 
ATOM   978  N ND1 . HIS A 1 124 ? -3.744  -8.996  12.527  1.00 22.47 ? 124 HIS A ND1 1 
ATOM   979  C CD2 . HIS A 1 124 ? -4.790  -7.562  11.270  1.00 21.38 ? 124 HIS A CD2 1 
ATOM   980  C CE1 . HIS A 1 124 ? -2.857  -8.452  11.715  1.00 21.87 ? 124 HIS A CE1 1 
ATOM   981  N NE2 . HIS A 1 124 ? -3.456  -7.574  10.935  1.00 21.20 ? 124 HIS A NE2 1 
ATOM   982  N N   . ALA A 1 125 ? -9.276  -8.427  14.308  1.00 16.47 ? 125 ALA A N   1 
ATOM   983  C CA  . ALA A 1 125 ? -10.490 -9.146  14.716  1.00 17.55 ? 125 ALA A CA  1 
ATOM   984  C C   . ALA A 1 125 ? -11.670 -8.808  13.815  1.00 16.97 ? 125 ALA A C   1 
ATOM   985  O O   . ALA A 1 125 ? -12.011 -7.648  13.637  1.00 17.85 ? 125 ALA A O   1 
ATOM   986  C CB  . ALA A 1 125 ? -10.809 -8.847  16.174  1.00 17.87 ? 125 ALA A CB  1 
ATOM   987  N N   . GLY A 1 126 ? -12.273 -9.843  13.236  1.00 17.35 ? 126 GLY A N   1 
ATOM   988  C CA  . GLY A 1 126 ? -13.410 -9.675  12.352  1.00 17.42 ? 126 GLY A CA  1 
ATOM   989  C C   . GLY A 1 126 ? -13.010 -9.330  10.933  1.00 17.28 ? 126 GLY A C   1 
ATOM   990  O O   . GLY A 1 126 ? -13.860 -9.106  10.063  1.00 18.54 ? 126 GLY A O   1 
ATOM   991  N N   . HIS A 1 127 ? -11.718 -9.272  10.615  1.00 15.99 ? 127 HIS A N   1 
ATOM   992  C CA  . HIS A 1 127 ? -11.182 -8.942  9.300   1.00 15.92 ? 127 HIS A CA  1 
ATOM   993  C C   . HIS A 1 127 ? -10.152 -9.987  8.893   1.00 15.23 ? 127 HIS A C   1 
ATOM   994  O O   . HIS A 1 127 ? -8.952  -9.694  8.790   1.00 14.75 ? 127 HIS A O   1 
ATOM   995  C CB  . HIS A 1 127 ? -10.519 -7.548  9.340   1.00 16.38 ? 127 HIS A CB  1 
ATOM   996  C CG  . HIS A 1 127 ? -11.505 -6.462  9.650   1.00 16.90 ? 127 HIS A CG  1 
ATOM   997  N ND1 . HIS A 1 127 ? -11.597 -5.833  10.867  1.00 19.44 ? 127 HIS A ND1 1 
ATOM   998  C CD2 . HIS A 1 127 ? -12.491 -5.940  8.876   1.00 17.99 ? 127 HIS A CD2 1 
ATOM   999  C CE1 . HIS A 1 127 ? -12.595 -4.968  10.827  1.00 18.25 ? 127 HIS A CE1 1 
ATOM   1000 N NE2 . HIS A 1 127 ? -13.136 -4.991  9.633   1.00 19.84 ? 127 HIS A NE2 1 
ATOM   1001 N N   . PRO A 1 128 ? -10.579 -11.208 8.585   1.00 14.31 ? 128 PRO A N   1 
ATOM   1002 C CA  . PRO A 1 128 ? -9.683  -12.298 8.265   1.00 13.61 ? 128 PRO A CA  1 
ATOM   1003 C C   . PRO A 1 128 ? -8.784  -12.083 7.073   1.00 12.57 ? 128 PRO A C   1 
ATOM   1004 O O   . PRO A 1 128 ? -7.631  -12.512 7.133   1.00 12.80 ? 128 PRO A O   1 
ATOM   1005 C CB  . PRO A 1 128 ? -10.584 -13.527 8.122   1.00 15.06 ? 128 PRO A CB  1 
ATOM   1006 C CG  . PRO A 1 128 ? -11.916 -12.946 7.807   1.00 15.94 ? 128 PRO A CG  1 
ATOM   1007 C CD  . PRO A 1 128 ? -12.001 -11.662 8.594   1.00 15.29 ? 128 PRO A CD  1 
ATOM   1008 N N   . GLU A 1 129 ? -9.253  -11.446 6.015   1.00 12.57 ? 129 GLU A N   1 
ATOM   1009 C CA  . GLU A 1 129 ? -8.422  -11.211 4.846   1.00 12.59 ? 129 GLU A CA  1 
ATOM   1010 C C   . GLU A 1 129 ? -7.332  -10.193 5.178   1.00 11.62 ? 129 GLU A C   1 
ATOM   1011 O O   . GLU A 1 129 ? -6.205  -10.350 4.716   1.00 12.06 ? 129 GLU A O   1 
ATOM   1012 C CB  . GLU A 1 129 ? -9.228  -10.714 3.645   1.00 13.18 ? 129 GLU A CB  1 
ATOM   1013 C CG  . GLU A 1 129 ? -10.300 -11.665 3.144   1.00 15.99 ? 129 GLU A CG  1 
ATOM   1014 C CD  . GLU A 1 129 ? -11.646 -11.467 3.790   1.00 17.31 ? 129 GLU A CD  1 
ATOM   1015 O OE1 . GLU A 1 129 ? -12.661 -11.917 3.210   1.00 21.01 ? 129 GLU A OE1 1 
ATOM   1016 O OE2 . GLU A 1 129 ? -11.757 -10.858 4.874   1.00 18.15 ? 129 GLU A OE2 1 
ATOM   1017 N N   . ASN A 1 130 ? -7.652  -9.195  6.013   1.00 11.82 ? 130 ASN A N   1 
ATOM   1018 C CA  . ASN A 1 130 ? -6.615  -8.232  6.407   1.00 12.79 ? 130 ASN A CA  1 
ATOM   1019 C C   . ASN A 1 130 ? -5.553  -8.937  7.239   1.00 12.57 ? 130 ASN A C   1 
ATOM   1020 O O   . ASN A 1 130 ? -4.352  -8.702  7.086   1.00 11.61 ? 130 ASN A O   1 
ATOM   1021 C CB  . ASN A 1 130 ? -7.203  -7.055  7.180   1.00 13.45 ? 130 ASN A CB  1 
ATOM   1022 C CG  . ASN A 1 130 ? -8.151  -6.233  6.322   1.00 15.85 ? 130 ASN A CG  1 
ATOM   1023 O OD1 . ASN A 1 130 ? -9.334  -6.580  6.272   1.00 17.45 ? 130 ASN A OD1 1 
ATOM   1024 N ND2 . ASN A 1 130 ? -7.661  -5.210  5.663   1.00 17.47 ? 130 ASN A ND2 1 
ATOM   1025 N N   . GLU A 1 131 ? -5.988  -9.799  8.154   1.00 12.59 ? 131 GLU A N   1 
ATOM   1026 C CA  . GLU A 1 131 ? -5.037  -10.566 8.953   1.00 12.97 ? 131 GLU A CA  1 
ATOM   1027 C C   . GLU A 1 131 ? -4.172  -11.457 8.069   1.00 12.30 ? 131 GLU A C   1 
ATOM   1028 O O   . GLU A 1 131 ? -2.954  -11.587 8.298   1.00 12.18 ? 131 GLU A O   1 
ATOM   1029 C CB  . GLU A 1 131 ? -5.750  -11.382 10.027  1.00 14.87 ? 131 GLU A CB  1 
ATOM   1030 C CG  . GLU A 1 131 ? -4.748  -12.128 10.893  1.00 18.04 ? 131 GLU A CG  1 
ATOM   1031 C CD  . GLU A 1 131 ? -5.301  -12.682 12.186  1.00 20.80 ? 131 GLU A CD  1 
ATOM   1032 O OE1 . GLU A 1 131 ? -6.519  -12.623 12.426  1.00 23.24 ? 131 GLU A OE1 1 
ATOM   1033 O OE2 . GLU A 1 131 ? -4.457  -13.202 12.953  1.00 23.77 ? 131 GLU A OE2 1 
ATOM   1034 N N   . ARG A 1 132 ? -4.752  -12.094 7.050   1.00 12.02 ? 132 ARG A N   1 
ATOM   1035 C CA  . ARG A 1 132 ? -3.996  -12.925 6.130   1.00 12.06 ? 132 ARG A CA  1 
ATOM   1036 C C   . ARG A 1 132 ? -3.021  -12.108 5.295   1.00 11.46 ? 132 ARG A C   1 
ATOM   1037 O O   . ARG A 1 132 ? -1.874  -12.514 5.080   1.00 12.10 ? 132 ARG A O   1 
ATOM   1038 C CB  . ARG A 1 132 ? -4.917  -13.754 5.222   1.00 11.89 ? 132 ARG A CB  1 
ATOM   1039 C CG  . ARG A 1 132 ? -4.128  -14.751 4.382   1.00 12.46 ? 132 ARG A CG  1 
ATOM   1040 C CD  . ARG A 1 132 ? -5.019  -15.844 3.836   1.00 15.82 ? 132 ARG A CD  1 
ATOM   1041 N NE  . ARG A 1 132 ? -6.172  -15.443 3.061   1.00 16.52 ? 132 ARG A NE  1 
ATOM   1042 C CZ  . ARG A 1 132 ? -6.173  -15.259 1.745   1.00 17.79 ? 132 ARG A CZ  1 
ATOM   1043 N NH1 . ARG A 1 132 ? -5.067  -15.403 1.042   1.00 18.14 ? 132 ARG A NH1 1 
ATOM   1044 N NH2 . ARG A 1 132 ? -7.309  -14.906 1.145   1.00 19.38 ? 132 ARG A NH2 1 
ATOM   1045 N N   . ALA A 1 133 ? -3.442  -10.907 4.872   1.00 11.47 ? 133 ALA A N   1 
ATOM   1046 C CA  . ALA A 1 133 ? -2.538  -10.007 4.142   1.00 10.77 ? 133 ALA A CA  1 
ATOM   1047 C C   . ALA A 1 133 ? -1.345  -9.674  5.022   1.00 11.41 ? 133 ALA A C   1 
ATOM   1048 O O   . ALA A 1 133 ? -0.197  -9.630  4.564   1.00 11.59 ? 133 ALA A O   1 
ATOM   1049 C CB  . ALA A 1 133 ? -3.289  -8.751  3.717   1.00 12.10 ? 133 ALA A CB  1 
ATOM   1050 N N   . ASP A 1 134 ? -1.588  -9.438  6.304   1.00 11.50 ? 134 ASP A N   1 
ATOM   1051 C CA  . ASP A 1 134 ? -0.496  -9.197  7.253   1.00 12.34 ? 134 ASP A CA  1 
ATOM   1052 C C   . ASP A 1 134 ? 0.402   -10.409 7.406   1.00 12.32 ? 134 ASP A C   1 
ATOM   1053 O O   . ASP A 1 134 ? 1.636   -10.274 7.458   1.00 13.33 ? 134 ASP A O   1 
ATOM   1054 C CB  . ASP A 1 134 ? -1.082  -8.738  8.585   1.00 15.34 ? 134 ASP A CB  1 
ATOM   1055 C CG  . ASP A 1 134 ? -0.001  -8.363  9.586   1.00 16.75 ? 134 ASP A CG  1 
ATOM   1056 O OD1 . ASP A 1 134 ? 0.664   -7.325  9.410   1.00 18.73 ? 134 ASP A OD1 1 
ATOM   1057 O OD2 . ASP A 1 134 ? 0.151   -9.165  10.517  1.00 19.07 ? 134 ASP A OD2 1 
ATOM   1058 N N   . GLU A 1 135 ? -0.153  -11.640 7.422   1.00 12.63 ? 135 GLU A N   1 
ATOM   1059 C CA  . GLU A 1 135 ? 0.688   -12.833 7.506   1.00 13.24 ? 135 GLU A CA  1 
ATOM   1060 C C   . GLU A 1 135 ? 1.599   -12.915 6.290   1.00 12.98 ? 135 GLU A C   1 
ATOM   1061 O O   . GLU A 1 135 ? 2.766   -13.309 6.374   1.00 13.99 ? 135 GLU A O   1 
ATOM   1062 C CB  . GLU A 1 135 ? -0.198  -14.081 7.625   1.00 15.42 ? 135 GLU A CB  1 
ATOM   1063 C CG  . GLU A 1 135 ? -0.904  -14.246 8.953   1.00 20.10 ? 135 GLU A CG  1 
ATOM   1064 C CD  . GLU A 1 135 ? -1.259  -15.655 9.368   1.00 23.71 ? 135 GLU A CD  1 
ATOM   1065 O OE1 . GLU A 1 135 ? -1.324  -16.560 8.515   1.00 23.80 ? 135 GLU A OE1 1 
ATOM   1066 O OE2 . GLU A 1 135 ? -1.472  -15.881 10.587  1.00 26.19 ? 135 GLU A OE2 1 
ATOM   1067 N N   . LEU A 1 136 ? 1.085   -12.590 5.113   1.00 12.41 ? 136 LEU A N   1 
ATOM   1068 C CA  . LEU A 1 136 ? 1.865   -12.556 3.885   1.00 12.60 ? 136 LEU A CA  1 
ATOM   1069 C C   . LEU A 1 136 ? 2.979   -11.513 3.933   1.00 12.91 ? 136 LEU A C   1 
ATOM   1070 O O   . LEU A 1 136 ? 4.124   -11.796 3.567   1.00 13.92 ? 136 LEU A O   1 
ATOM   1071 C CB  . LEU A 1 136 ? 0.924   -12.269 2.721   1.00 13.73 ? 136 LEU A CB  1 
ATOM   1072 C CG  . LEU A 1 136 ? 0.034   -13.445 2.314   1.00 13.62 ? 136 LEU A CG  1 
ATOM   1073 C CD1 . LEU A 1 136 ? -1.142  -12.998 1.479   1.00 15.38 ? 136 LEU A CD1 1 
ATOM   1074 C CD2 . LEU A 1 136 ? 0.851   -14.499 1.567   1.00 14.45 ? 136 LEU A CD2 1 
ATOM   1075 N N   . ALA A 1 137 ? 2.645   -10.329 4.450   1.00 11.48 ? 137 ALA A N   1 
ATOM   1076 C CA  . ALA A 1 137 ? 3.647   -9.259  4.558   1.00 12.55 ? 137 ALA A CA  1 
ATOM   1077 C C   . ALA A 1 137 ? 4.763   -9.690  5.502   1.00 12.93 ? 137 ALA A C   1 
ATOM   1078 O O   . ALA A 1 137 ? 5.932   -9.474  5.182   1.00 13.47 ? 137 ALA A O   1 
ATOM   1079 C CB  . ALA A 1 137 ? 2.986   -7.978  5.007   1.00 11.55 ? 137 ALA A CB  1 
ATOM   1080 N N   . ARG A 1 138 ? 4.401   -10.255 6.654   1.00 13.84 ? 138 ARG A N   1 
ATOM   1081 C CA  . ARG A 1 138 ? 5.405   -10.698 7.617   1.00 13.95 ? 138 ARG A CA  1 
ATOM   1082 C C   . ARG A 1 138 ? 6.254   -11.830 7.054   1.00 14.34 ? 138 ARG A C   1 
ATOM   1083 O O   . ARG A 1 138 ? 7.483   -11.831 7.261   1.00 15.58 ? 138 ARG A O   1 
ATOM   1084 C CB  . ARG A 1 138 ? 4.731   -11.094 8.930   1.00 16.20 ? 138 ARG A CB  1 
ATOM   1085 C CG  . ARG A 1 138 ? 4.142   -9.897  9.666   1.00 17.30 ? 138 ARG A CG  1 
ATOM   1086 C CD  . ARG A 1 138 ? 3.555   -10.243 11.015  1.00 20.65 ? 138 ARG A CD  1 
ATOM   1087 N NE  . ARG A 1 138 ? 2.339   -11.027 11.010  1.00 23.81 ? 138 ARG A NE  1 
ATOM   1088 C CZ  . ARG A 1 138 ? 2.180   -12.318 11.251  1.00 24.55 ? 138 ARG A CZ  1 
ATOM   1089 N NH1 . ARG A 1 138 ? 3.201   -13.105 11.561  1.00 25.79 ? 138 ARG A NH1 1 
ATOM   1090 N NH2 . ARG A 1 138 ? 0.977   -12.882 11.204  1.00 25.49 ? 138 ARG A NH2 1 
ATOM   1091 N N   . ALA A 1 139 ? 5.674   -12.767 6.316   1.00 13.35 ? 139 ALA A N   1 
ATOM   1092 C CA  . ALA A 1 139 ? 6.459   -13.855 5.739   1.00 15.12 ? 139 ALA A CA  1 
ATOM   1093 C C   . ALA A 1 139 ? 7.457   -13.311 4.722   1.00 14.70 ? 139 ALA A C   1 
ATOM   1094 O O   . ALA A 1 139 ? 8.633   -13.714 4.698   1.00 15.93 ? 139 ALA A O   1 
ATOM   1095 C CB  . ALA A 1 139 ? 5.587   -14.949 5.139   1.00 15.63 ? 139 ALA A CB  1 
ATOM   1096 N N   . ALA A 1 140 ? 7.032   -12.354 3.891   1.00 14.70 ? 140 ALA A N   1 
ATOM   1097 C CA  . ALA A 1 140 ? 7.892   -11.721 2.911   1.00 15.09 ? 140 ALA A CA  1 
ATOM   1098 C C   . ALA A 1 140 ? 9.006   -10.932 3.582   1.00 15.12 ? 140 ALA A C   1 
ATOM   1099 O O   . ALA A 1 140 ? 10.142  -10.972 3.093   1.00 15.03 ? 140 ALA A O   1 
ATOM   1100 C CB  . ALA A 1 140 ? 7.048   -10.832 2.012   1.00 14.23 ? 140 ALA A CB  1 
ATOM   1101 N N   . ALA A 1 141 ? 8.741   -10.287 4.716   1.00 14.82 ? 141 ALA A N   1 
ATOM   1102 C CA  . ALA A 1 141 ? 9.781   -9.558  5.438   1.00 15.76 ? 141 ALA A CA  1 
ATOM   1103 C C   . ALA A 1 141 ? 10.832  -10.507 5.997   1.00 17.11 ? 141 ALA A C   1 
ATOM   1104 O O   . ALA A 1 141 ? 11.982  -10.099 6.206   1.00 16.32 ? 141 ALA A O   1 
ATOM   1105 C CB  . ALA A 1 141 ? 9.152   -8.768  6.574   1.00 15.26 ? 141 ALA A CB  1 
ATOM   1106 N N   . MET A 1 142 ? 10.460  -11.756 6.265   1.00 18.33 ? 142 MET A N   1 
ATOM   1107 C CA  . MET A 1 142 ? 11.387  -12.743 6.800   1.00 20.91 ? 142 MET A CA  1 
ATOM   1108 C C   . MET A 1 142 ? 12.225  -13.358 5.700   1.00 20.33 ? 142 MET A C   1 
ATOM   1109 O O   . MET A 1 142 ? 13.231  -14.021 6.027   1.00 22.93 ? 142 MET A O   1 
ATOM   1110 C CB  . MET A 1 142 ? 10.630  -13.821 7.581   1.00 23.10 ? 142 MET A CB  1 
ATOM   1111 C CG  . MET A 1 142 ? 10.069  -13.315 8.902   1.00 25.40 ? 142 MET A CG  1 
ATOM   1112 S SD  . MET A 1 142 ? 11.353  -12.861 10.081  1.00 30.02 ? 142 MET A SD  1 
ATOM   1113 C CE  . MET A 1 142 ? 12.188  -14.426 10.323  1.00 29.04 ? 142 MET A CE  1 
ATOM   1114 N N   . ASN A 1 143 ? 11.900  -13.193 4.425   1.00 20.10 ? 143 ASN A N   1 
ATOM   1115 C CA  . ASN A 1 143 ? 12.696  -13.711 3.321   1.00 21.06 ? 143 ASN A CA  1 
ATOM   1116 C C   . ASN A 1 143 ? 12.653  -12.749 2.131   1.00 19.48 ? 143 ASN A C   1 
ATOM   1117 O O   . ASN A 1 143 ? 12.137  -13.014 1.053   1.00 19.60 ? 143 ASN A O   1 
ATOM   1118 C CB  . ASN A 1 143 ? 12.273  -15.117 2.906   1.00 25.08 ? 143 ASN A CB  1 
ATOM   1119 C CG  . ASN A 1 143 ? 12.796  -16.209 3.819   1.00 27.62 ? 143 ASN A CG  1 
ATOM   1120 O OD1 . ASN A 1 143 ? 14.006  -16.443 3.931   1.00 29.51 ? 143 ASN A OD1 1 
ATOM   1121 N ND2 . ASN A 1 143 ? 11.876  -16.859 4.523   1.00 28.17 ? 143 ASN A ND2 1 
ATOM   1122 N N   . PRO A 1 144 ? 13.249  -11.578 2.345   1.00 18.72 ? 144 PRO A N   1 
ATOM   1123 C CA  . PRO A 1 144 ? 13.268  -10.532 1.343   1.00 18.43 ? 144 PRO A CA  1 
ATOM   1124 C C   . PRO A 1 144 ? 14.191  -10.822 0.177   1.00 18.66 ? 144 PRO A C   1 
ATOM   1125 O O   . PRO A 1 144 ? 15.262  -11.400 0.405   1.00 20.57 ? 144 PRO A O   1 
ATOM   1126 C CB  . PRO A 1 144 ? 13.786  -9.317  2.100   1.00 18.34 ? 144 PRO A CB  1 
ATOM   1127 C CG  . PRO A 1 144 ? 14.582  -9.840  3.231   1.00 18.96 ? 144 PRO A CG  1 
ATOM   1128 C CD  . PRO A 1 144 ? 13.918  -11.142 3.586   1.00 19.09 ? 144 PRO A CD  1 
ATOM   1129 N N   . THR A 1 145 ? 13.794  -10.451 -1.024  1.00 17.30 ? 145 THR A N   1 
ATOM   1130 C CA  . THR A 1 145 ? 14.633  -10.652 -2.193  1.00 18.87 ? 145 THR A CA  1 
ATOM   1131 C C   . THR A 1 145 ? 14.894  -9.368  -2.967  1.00 18.12 ? 145 THR A C   1 
ATOM   1132 O O   . THR A 1 145 ? 15.835  -9.329  -3.767  1.00 19.80 ? 145 THR A O   1 
ATOM   1133 C CB  . THR A 1 145 ? 14.038  -11.657 -3.196  1.00 19.70 ? 145 THR A CB  1 
ATOM   1134 O OG1 . THR A 1 145 ? 12.729  -11.232 -3.605  1.00 19.79 ? 145 THR A OG1 1 
ATOM   1135 C CG2 . THR A 1 145 ? 13.928  -13.058 -2.613  1.00 20.20 ? 145 THR A CG2 1 
ATOM   1136 N N   . LEU A 1 146 ? 14.050  -8.349  -2.804  1.00 16.16 ? 146 LEU A N   1 
ATOM   1137 C CA  . LEU A 1 146 ? 14.153  -7.149  -3.606  1.00 15.04 ? 146 LEU A CA  1 
ATOM   1138 C C   . LEU A 1 146 ? 14.802  -5.969  -2.883  1.00 14.14 ? 146 LEU A C   1 
ATOM   1139 O O   . LEU A 1 146 ? 14.849  -5.920  -1.663  1.00 14.29 ? 146 LEU A O   1 
ATOM   1140 C CB  . LEU A 1 146 ? 12.731  -6.733  -4.026  1.00 16.03 ? 146 LEU A CB  1 
ATOM   1141 C CG  . LEU A 1 146 ? 11.896  -7.813  -4.729  1.00 16.90 ? 146 LEU A CG  1 
ATOM   1142 C CD1 . LEU A 1 146 ? 10.503  -7.283  -5.030  1.00 18.07 ? 146 LEU A CD1 1 
ATOM   1143 C CD2 . LEU A 1 146 ? 12.580  -8.281  -6.003  1.00 18.34 ? 146 LEU A CD2 1 
ATOM   1144 N N   . GLU A 1 147 ? 15.274  -5.061  -3.713  1.00 15.01 ? 147 GLU A N   1 
ATOM   1145 C CA  . GLU A 1 147 ? 15.829  -3.809  -3.222  1.00 14.27 ? 147 GLU A CA  1 
ATOM   1146 C C   . GLU A 1 147 ? 14.750  -2.735  -3.354  1.00 14.72 ? 147 GLU A C   1 
ATOM   1147 O O   . GLU A 1 147 ? 14.148  -2.588  -4.403  1.00 14.53 ? 147 GLU A O   1 
ATOM   1148 C CB  . GLU A 1 147 ? 17.077  -3.440  -4.019  1.00 14.75 ? 147 GLU A CB  1 
ATOM   1149 C CG  . GLU A 1 147 ? 17.648  -2.084  -3.626  1.00 15.15 ? 147 GLU A CG  1 
ATOM   1150 C CD  . GLU A 1 147 ? 18.788  -1.722  -4.563  1.00 15.32 ? 147 GLU A CD  1 
ATOM   1151 O OE1 . GLU A 1 147 ? 19.881  -2.302  -4.407  1.00 15.71 ? 147 GLU A OE1 1 
ATOM   1152 O OE2 . GLU A 1 147 ? 18.559  -0.872  -5.435  1.00 16.36 ? 147 GLU A OE2 1 
ATOM   1153 N N   . ASP A 1 148 ? 14.488  -2.013  -2.272  1.00 12.69 ? 148 ASP A N   1 
ATOM   1154 C CA  . ASP A 1 148 ? 13.552  -0.880  -2.306  1.00 13.20 ? 148 ASP A CA  1 
ATOM   1155 C C   . ASP A 1 148 ? 14.447  0.314   -2.662  1.00 13.21 ? 148 ASP A C   1 
ATOM   1156 O O   . ASP A 1 148 ? 14.858  1.103   -1.830  1.00 13.04 ? 148 ASP A O   1 
ATOM   1157 C CB  . ASP A 1 148 ? 12.824  -0.696  -0.989  1.00 12.17 ? 148 ASP A CB  1 
ATOM   1158 C CG  . ASP A 1 148 ? 11.854  0.482   -0.993  1.00 11.77 ? 148 ASP A CG  1 
ATOM   1159 O OD1 . ASP A 1 148 ? 11.288  0.767   0.084   1.00 11.95 ? 148 ASP A OD1 1 
ATOM   1160 O OD2 . ASP A 1 148 ? 11.698  1.070   -2.076  1.00 12.28 ? 148 ASP A OD2 1 
ATOM   1161 N N   . THR A 1 149 ? 14.724  0.440   -3.949  1.00 14.46 ? 149 THR A N   1 
ATOM   1162 C CA  . THR A 1 149 ? 15.647  1.445   -4.455  1.00 15.83 ? 149 THR A CA  1 
ATOM   1163 C C   . THR A 1 149 ? 15.227  2.856   -4.108  1.00 14.90 ? 149 THR A C   1 
ATOM   1164 O O   . THR A 1 149 ? 16.101  3.688   -3.840  1.00 17.79 ? 149 THR A O   1 
ATOM   1165 C CB  . THR A 1 149 ? 15.798  1.271   -5.978  1.00 17.23 ? 149 THR A CB  1 
ATOM   1166 O OG1 . THR A 1 149 ? 16.149  -0.113  -6.209  1.00 17.69 ? 149 THR A OG1 1 
ATOM   1167 C CG2 . THR A 1 149 ? 16.867  2.182   -6.543  1.00 18.95 ? 149 THR A CG2 1 
ATOM   1168 N N   . GLY A 1 150 ? 13.925  3.132   -4.040  1.00 13.01 ? 150 GLY A N   1 
ATOM   1169 C CA  . GLY A 1 150 ? 13.437  4.460   -3.725  1.00 13.49 ? 150 GLY A CA  1 
ATOM   1170 C C   . GLY A 1 150 ? 13.521  4.851   -2.263  1.00 12.76 ? 150 GLY A C   1 
ATOM   1171 O O   . GLY A 1 150 ? 13.249  6.005   -1.915  1.00 14.23 ? 150 GLY A O   1 
ATOM   1172 N N   . TYR A 1 151 ? 13.823  3.912   -1.364  1.00 12.59 ? 151 TYR A N   1 
ATOM   1173 C CA  . TYR A 1 151 ? 13.954  4.240   0.049   1.00 12.94 ? 151 TYR A CA  1 
ATOM   1174 C C   . TYR A 1 151 ? 15.135  5.194   0.242   1.00 15.36 ? 151 TYR A C   1 
ATOM   1175 O O   . TYR A 1 151 ? 16.246  4.945   -0.228  1.00 16.43 ? 151 TYR A O   1 
ATOM   1176 C CB  . TYR A 1 151 ? 14.124  2.984   0.925   1.00 13.99 ? 151 TYR A CB  1 
ATOM   1177 C CG  . TYR A 1 151 ? 14.525  3.438   2.319   1.00 13.70 ? 151 TYR A CG  1 
ATOM   1178 C CD1 . TYR A 1 151 ? 15.833  3.354   2.776   1.00 15.09 ? 151 TYR A CD1 1 
ATOM   1179 C CD2 . TYR A 1 151 ? 13.569  4.020   3.154   1.00 14.00 ? 151 TYR A CD2 1 
ATOM   1180 C CE1 . TYR A 1 151 ? 16.176  3.823   4.028   1.00 14.62 ? 151 TYR A CE1 1 
ATOM   1181 C CE2 . TYR A 1 151 ? 13.911  4.484   4.412   1.00 14.14 ? 151 TYR A CE2 1 
ATOM   1182 C CZ  . TYR A 1 151 ? 15.214  4.369   4.849   1.00 14.46 ? 151 TYR A CZ  1 
ATOM   1183 O OH  . TYR A 1 151 ? 15.541  4.839   6.102   1.00 17.49 ? 151 TYR A OH  1 
ATOM   1184 N N   . GLN A 1 152 ? 14.912  6.274   0.967   1.00 14.88 ? 152 GLN A N   1 
ATOM   1185 C CA  . GLN A 1 152 ? 15.914  7.271   1.308   1.00 18.71 ? 152 GLN A CA  1 
ATOM   1186 C C   . GLN A 1 152 ? 15.920  7.532   2.813   1.00 20.09 ? 152 GLN A C   1 
ATOM   1187 O O   . GLN A 1 152 ? 14.855  7.613   3.419   1.00 19.90 ? 152 GLN A O   1 
ATOM   1188 C CB  . GLN A 1 152 ? 15.581  8.605   0.629   1.00 21.45 ? 152 GLN A CB  1 
ATOM   1189 C CG  . GLN A 1 152 ? 15.554  8.625   -0.882  1.00 25.23 ? 152 GLN A CG  1 
ATOM   1190 C CD  . GLN A 1 152 ? 16.921  8.447   -1.499  1.00 27.51 ? 152 GLN A CD  1 
ATOM   1191 O OE1 . GLN A 1 152 ? 17.951  8.630   -0.845  1.00 29.50 ? 152 GLN A OE1 1 
ATOM   1192 N NE2 . GLN A 1 152 ? 16.956  8.083   -2.777  1.00 28.81 ? 152 GLN A NE2 1 
ATOM   1193 N N   . VAL A 1 153 ? 17.097  7.689   3.408   1.00 23.49 ? 153 VAL A N   1 
ATOM   1194 C CA  . VAL A 1 153 ? 17.208  7.987   4.826   1.00 26.19 ? 153 VAL A CA  1 
ATOM   1195 C C   . VAL A 1 153 ? 16.465  9.256   5.218   1.00 27.47 ? 153 VAL A C   1 
ATOM   1196 O O   . VAL A 1 153 ? 16.517  10.277  4.536   1.00 26.79 ? 153 VAL A O   1 
ATOM   1197 C CB  . VAL A 1 153 ? 18.692  8.167   5.223   1.00 26.94 ? 153 VAL A CB  1 
ATOM   1198 C CG1 . VAL A 1 153 ? 18.837  8.415   6.721   1.00 27.77 ? 153 VAL A CG1 1 
ATOM   1199 C CG2 . VAL A 1 153 ? 19.504  6.953   4.804   1.00 27.51 ? 153 VAL A CG2 1 
ATOM   1200 N N   . GLU A 1 154 ? 15.804  9.221   6.361   1.00 29.23 ? 154 GLU A N   1 
ATOM   1201 C CA  . GLU A 1 154 ? 15.091  10.322  6.965   1.00 31.29 ? 154 GLU A CA  1 
ATOM   1202 C C   . GLU A 1 154 ? 13.690  10.537  6.400   1.00 32.17 ? 154 GLU A C   1 
ATOM   1203 O O   . GLU A 1 154 ? 12.914  11.177  7.148   1.00 32.56 ? 154 GLU A O   1 
ATOM   1204 C CB  . GLU A 1 154 ? 15.837  11.660  6.901   1.00 32.27 ? 154 GLU A CB  1 
ATOM   1205 C CG  . GLU A 1 154 ? 16.965  11.824  7.897   1.00 33.79 ? 154 GLU A CG  1 
ATOM   1206 C CD  . GLU A 1 154 ? 17.784  13.079  7.655   1.00 34.69 ? 154 GLU A CD  1 
ATOM   1207 O OE1 . GLU A 1 154 ? 17.216  14.125  7.279   1.00 35.43 ? 154 GLU A OE1 1 
ATOM   1208 O OE2 . GLU A 1 154 ? 19.020  13.013  7.840   1.00 35.40 ? 154 GLU A OE2 1 
HETATM 1209 O O   . HOH B 2 .   ? 8.738   5.754   5.436   1.00 13.40 ? 156 HOH A O   1 
HETATM 1210 O O   . HOH B 2 .   ? 9.518   0.752   9.597   1.00 14.14 ? 157 HOH A O   1 
HETATM 1211 O O   . HOH B 2 .   ? 19.679  -3.477  1.413   1.00 14.00 ? 158 HOH A O   1 
HETATM 1212 O O   . HOH B 2 .   ? 0.344   3.248   9.248   1.00 15.60 ? 159 HOH A O   1 
HETATM 1213 O O   . HOH B 2 .   ? -6.612  2.414   7.508   1.00 14.83 ? 160 HOH A O   1 
HETATM 1214 O O   . HOH B 2 .   ? 1.320   3.075   -10.920 1.00 12.01 ? 161 HOH A O   1 
HETATM 1215 O O   . HOH B 2 .   ? 4.793   10.847  3.586   1.00 15.18 ? 162 HOH A O   1 
HETATM 1216 O O   . HOH B 2 .   ? 11.368  9.870   0.630   1.00 15.70 ? 163 HOH A O   1 
HETATM 1217 O O   . HOH B 2 .   ? 0.799   -5.838  -9.780  1.00 16.10 ? 164 HOH A O   1 
HETATM 1218 O O   . HOH B 2 .   ? 11.251  12.441  -0.548  1.00 16.46 ? 165 HOH A O   1 
HETATM 1219 O O   . HOH B 2 .   ? 6.802   7.471   -8.843  1.00 16.11 ? 166 HOH A O   1 
HETATM 1220 O O   . HOH B 2 .   ? 7.268   3.309   8.602   1.00 13.56 ? 167 HOH A O   1 
HETATM 1221 O O   . HOH B 2 .   ? -1.727  -1.303  2.753   1.00 18.69 ? 168 HOH A O   1 
HETATM 1222 O O   . HOH B 2 .   ? 9.294   16.675  3.109   1.00 17.59 ? 169 HOH A O   1 
HETATM 1223 O O   . HOH B 2 .   ? -12.144 -5.092  0.350   1.00 14.88 ? 170 HOH A O   1 
HETATM 1224 O O   . HOH B 2 .   ? 19.270  1.269   0.724   1.00 17.12 ? 171 HOH A O   1 
HETATM 1225 O O   . HOH B 2 .   ? 11.991  6.860   1.796   1.00 18.99 ? 172 HOH A O   1 
HETATM 1226 O O   . HOH B 2 .   ? 15.962  -2.112  0.065   1.00 15.16 ? 173 HOH A O   1 
HETATM 1227 O O   . HOH B 2 .   ? 18.751  -1.412  -0.037  1.00 16.49 ? 174 HOH A O   1 
HETATM 1228 O O   . HOH B 2 .   ? 2.445   24.573  -6.572  1.00 18.74 ? 175 HOH A O   1 
HETATM 1229 O O   . HOH B 2 .   ? 18.479  -5.633  -1.718  1.00 17.54 ? 176 HOH A O   1 
HETATM 1230 O O   . HOH B 2 .   ? -4.613  0.384   -11.883 1.00 18.77 ? 177 HOH A O   1 
HETATM 1231 O O   . HOH B 2 .   ? 8.678   16.972  -4.982  1.00 21.05 ? 178 HOH A O   1 
HETATM 1232 O O   . HOH B 2 .   ? 4.737   -13.959 1.562   1.00 18.98 ? 179 HOH A O   1 
HETATM 1233 O O   . HOH B 2 .   ? -0.187  2.548   -13.080 1.00 19.11 ? 180 HOH A O   1 
HETATM 1234 O O   . HOH B 2 .   ? -13.833 5.835   0.127   1.00 18.62 ? 181 HOH A O   1 
HETATM 1235 O O   . HOH B 2 .   ? 3.634   -14.856 8.506   1.00 18.37 ? 182 HOH A O   1 
HETATM 1236 O O   . HOH B 2 .   ? 1.080   10.162  -10.442 1.00 20.33 ? 183 HOH A O   1 
HETATM 1237 O O   . HOH B 2 .   ? 10.356  3.417   -5.864  1.00 17.06 ? 184 HOH A O   1 
HETATM 1238 O O   . HOH B 2 .   ? 2.680   -4.018  -10.678 1.00 21.11 ? 185 HOH A O   1 
HETATM 1239 O O   . HOH B 2 .   ? 11.535  1.311   -4.736  1.00 18.39 ? 186 HOH A O   1 
HETATM 1240 O O   . HOH B 2 .   ? 17.276  2.386   -0.952  1.00 18.51 ? 187 HOH A O   1 
HETATM 1241 O O   . HOH B 2 .   ? -1.356  2.010   11.100  1.00 20.16 ? 188 HOH A O   1 
HETATM 1242 O O   . HOH B 2 .   ? -9.498  6.420   -9.459  1.00 19.80 ? 189 HOH A O   1 
HETATM 1243 O O   . HOH B 2 .   ? -9.056  -11.896 11.561  1.00 20.77 ? 190 HOH A O   1 
HETATM 1244 O O   . HOH B 2 .   ? 18.958  5.071   0.511   1.00 20.19 ? 191 HOH A O   1 
HETATM 1245 O O   . HOH B 2 .   ? -5.027  -4.508  6.232   1.00 20.76 ? 192 HOH A O   1 
HETATM 1246 O O   . HOH B 2 .   ? 0.289   12.141  -8.670  1.00 29.30 ? 193 HOH A O   1 
HETATM 1247 O O   . HOH B 2 .   ? -9.739  14.797  6.060   1.00 19.97 ? 194 HOH A O   1 
HETATM 1248 O O   . HOH B 2 .   ? 7.309   14.862  4.040   1.00 16.51 ? 195 HOH A O   1 
HETATM 1249 O O   . HOH B 2 .   ? 19.914  -1.988  6.246   1.00 18.16 ? 196 HOH A O   1 
HETATM 1250 O O   . HOH B 2 .   ? 0.692   8.223   9.316   1.00 24.16 ? 197 HOH A O   1 
HETATM 1251 O O   . HOH B 2 .   ? -12.466 -1.095  11.964  1.00 25.46 ? 198 HOH A O   1 
HETATM 1252 O O   . HOH B 2 .   ? 7.424   6.793   7.454   1.00 22.21 ? 199 HOH A O   1 
HETATM 1253 O O   . HOH B 2 .   ? 10.333  -11.269 -2.178  1.00 22.77 ? 200 HOH A O   1 
HETATM 1254 O O   . HOH B 2 .   ? 20.524  0.330   -6.782  1.00 24.93 ? 201 HOH A O   1 
HETATM 1255 O O   . HOH B 2 .   ? 7.880   10.154  -8.320  1.00 19.86 ? 202 HOH A O   1 
HETATM 1256 O O   . HOH B 2 .   ? -4.990  18.787  -5.273  1.00 31.29 ? 203 HOH A O   1 
HETATM 1257 O O   . HOH B 2 .   ? 11.676  8.029   -1.282  1.00 20.77 ? 204 HOH A O   1 
HETATM 1258 O O   . HOH B 2 .   ? 3.572   -9.008  -6.410  1.00 22.06 ? 205 HOH A O   1 
HETATM 1259 O O   . HOH B 2 .   ? -5.838  14.430  -5.173  1.00 25.00 ? 206 HOH A O   1 
HETATM 1260 O O   . HOH B 2 .   ? 10.595  11.916  8.010   1.00 28.34 ? 207 HOH A O   1 
HETATM 1261 O O   . HOH B 2 .   ? -2.109  0.605   -13.291 1.00 22.68 ? 208 HOH A O   1 
HETATM 1262 O O   . HOH B 2 .   ? -18.917 5.249   -13.933 1.00 22.13 ? 209 HOH A O   1 
HETATM 1263 O O   . HOH B 2 .   ? 20.038  4.102   8.377   1.00 25.72 ? 210 HOH A O   1 
HETATM 1264 O O   . HOH B 2 .   ? 6.948   -6.035  -5.915  1.00 22.89 ? 211 HOH A O   1 
HETATM 1265 O O   . HOH B 2 .   ? -12.592 6.614   -19.935 1.00 25.54 ? 212 HOH A O   1 
HETATM 1266 O O   . HOH B 2 .   ? -9.722  12.943  8.117   1.00 25.24 ? 213 HOH A O   1 
HETATM 1267 O O   . HOH B 2 .   ? -2.038  -1.657  -14.630 1.00 29.36 ? 214 HOH A O   1 
HETATM 1268 O O   . HOH B 2 .   ? 12.458  3.969   -7.529  1.00 27.02 ? 215 HOH A O   1 
HETATM 1269 O O   . HOH B 2 .   ? 9.280   5.001   9.102   1.00 24.12 ? 216 HOH A O   1 
HETATM 1270 O O   . HOH B 2 .   ? 5.619   24.310  -2.558  1.00 25.34 ? 217 HOH A O   1 
HETATM 1271 O O   . HOH B 2 .   ? 13.034  7.779   -4.115  1.00 23.59 ? 218 HOH A O   1 
HETATM 1272 O O   . HOH B 2 .   ? 1.477   -13.076 -7.175  1.00 25.80 ? 219 HOH A O   1 
HETATM 1273 O O   . HOH B 2 .   ? 17.668  -3.866  6.504   1.00 19.96 ? 220 HOH A O   1 
HETATM 1274 O O   . HOH B 2 .   ? 12.458  10.530  3.008   1.00 30.60 ? 221 HOH A O   1 
HETATM 1275 O O   . HOH B 2 .   ? 3.489   -11.845 -5.661  1.00 20.77 ? 222 HOH A O   1 
HETATM 1276 O O   . HOH B 2 .   ? 0.777   14.788  -9.174  1.00 23.31 ? 223 HOH A O   1 
HETATM 1277 O O   . HOH B 2 .   ? -1.182  -0.783  10.165  1.00 22.81 ? 224 HOH A O   1 
HETATM 1278 O O   . HOH B 2 .   ? 12.400  14.546  1.324   1.00 25.17 ? 225 HOH A O   1 
HETATM 1279 O O   . HOH B 2 .   ? -7.109  -14.784 8.560   1.00 23.51 ? 226 HOH A O   1 
HETATM 1280 O O   . HOH B 2 .   ? 1.535   -17.046 9.185   1.00 32.83 ? 227 HOH A O   1 
HETATM 1281 O O   . HOH B 2 .   ? 4.029   1.296   -12.530 1.00 21.54 ? 228 HOH A O   1 
HETATM 1282 O O   . HOH B 2 .   ? -13.195 -23.051 -10.459 1.00 26.60 ? 229 HOH A O   1 
HETATM 1283 O O   . HOH B 2 .   ? -14.456 3.390   -13.302 1.00 29.89 ? 230 HOH A O   1 
HETATM 1284 O O   . HOH B 2 .   ? 12.573  12.268  -2.904  1.00 19.25 ? 231 HOH A O   1 
HETATM 1285 O O   . HOH B 2 .   ? -10.895 -8.637  6.081   1.00 25.96 ? 232 HOH A O   1 
HETATM 1286 O O   . HOH B 2 .   ? -9.560  7.430   -6.923  1.00 23.94 ? 233 HOH A O   1 
HETATM 1287 O O   . HOH B 2 .   ? 10.572  10.292  -6.814  1.00 22.43 ? 234 HOH A O   1 
HETATM 1288 O O   . HOH B 2 .   ? 8.173   -10.326 9.712   1.00 23.74 ? 235 HOH A O   1 
HETATM 1289 O O   . HOH B 2 .   ? 6.256   24.604  0.042   1.00 26.75 ? 236 HOH A O   1 
HETATM 1290 O O   . HOH B 2 .   ? -15.697 -3.488  -11.505 1.00 28.15 ? 237 HOH A O   1 
HETATM 1291 O O   . HOH B 2 .   ? 14.106  -10.621 7.856   1.00 22.96 ? 238 HOH A O   1 
HETATM 1292 O O   . HOH B 2 .   ? 11.430  9.868   -4.148  1.00 24.40 ? 239 HOH A O   1 
HETATM 1293 O O   . HOH B 2 .   ? -11.131 -5.267  14.743  1.00 24.28 ? 240 HOH A O   1 
HETATM 1294 O O   . HOH B 2 .   ? 18.771  -5.676  8.248   1.00 21.90 ? 241 HOH A O   1 
HETATM 1295 O O   . HOH B 2 .   ? -18.858 -6.318  -1.199  1.00 33.35 ? 242 HOH A O   1 
HETATM 1296 O O   . HOH B 2 .   ? 12.227  13.832  -5.091  1.00 24.72 ? 243 HOH A O   1 
HETATM 1297 O O   . HOH B 2 .   ? -18.314 5.287   -7.231  1.00 22.79 ? 244 HOH A O   1 
HETATM 1298 O O   . HOH B 2 .   ? 9.669   -3.491  -6.535  1.00 27.71 ? 245 HOH A O   1 
HETATM 1299 O O   . HOH B 2 .   ? 20.308  1.396   8.998   1.00 29.59 ? 246 HOH A O   1 
HETATM 1300 O O   . HOH B 2 .   ? 16.333  -10.288 6.299   1.00 30.82 ? 247 HOH A O   1 
HETATM 1301 O O   . HOH B 2 .   ? -9.269  7.250   -4.225  1.00 23.76 ? 248 HOH A O   1 
HETATM 1302 O O   . HOH B 2 .   ? 12.461  8.273   4.416   1.00 25.60 ? 249 HOH A O   1 
HETATM 1303 O O   . HOH B 2 .   ? -15.746 6.084   -3.610  1.00 31.74 ? 250 HOH A O   1 
HETATM 1304 O O   . HOH B 2 .   ? -12.256 5.910   15.298  1.00 25.76 ? 251 HOH A O   1 
HETATM 1305 O O   . HOH B 2 .   ? -12.145 -6.198  5.934   1.00 28.18 ? 252 HOH A O   1 
HETATM 1306 O O   . HOH B 2 .   ? 8.206   2.970   -7.523  1.00 21.58 ? 253 HOH A O   1 
HETATM 1307 O O   . HOH B 2 .   ? -15.268 -9.488  -5.126  1.00 24.24 ? 254 HOH A O   1 
HETATM 1308 O O   . HOH B 2 .   ? -9.614  -18.416 -6.226  1.00 24.81 ? 255 HOH A O   1 
HETATM 1309 O O   . HOH B 2 .   ? -4.454  14.748  -9.921  1.00 31.51 ? 256 HOH A O   1 
HETATM 1310 O O   . HOH B 2 .   ? 8.203   27.785  1.831   1.00 26.67 ? 257 HOH A O   1 
HETATM 1311 O O   . HOH B 2 .   ? 13.475  20.846  -3.400  1.00 29.28 ? 258 HOH A O   1 
HETATM 1312 O O   . HOH B 2 .   ? 9.925   14.837  -6.168  1.00 21.04 ? 259 HOH A O   1 
HETATM 1313 O O   . HOH B 2 .   ? -8.523  -6.720  -14.022 1.00 28.15 ? 260 HOH A O   1 
HETATM 1314 O O   . HOH B 2 .   ? 3.938   12.495  5.430   1.00 29.53 ? 261 HOH A O   1 
HETATM 1315 O O   . HOH B 2 .   ? 13.013  22.055  7.588   1.00 35.31 ? 262 HOH A O   1 
HETATM 1316 O O   . HOH B 2 .   ? -17.918 -8.640  -5.147  1.00 25.69 ? 263 HOH A O   1 
HETATM 1317 O O   . HOH B 2 .   ? -4.584  -0.071  12.268  1.00 27.32 ? 264 HOH A O   1 
HETATM 1318 O O   . HOH B 2 .   ? -9.511  3.902   18.329  1.00 23.86 ? 265 HOH A O   1 
HETATM 1319 O O   . HOH B 2 .   ? -12.935 -3.569  5.239   1.00 24.17 ? 266 HOH A O   1 
HETATM 1320 O O   . HOH B 2 .   ? -16.430 -12.018 -5.511  1.00 29.09 ? 267 HOH A O   1 
HETATM 1321 O O   . HOH B 2 .   ? 15.337  -0.020  13.041  1.00 24.25 ? 268 HOH A O   1 
HETATM 1322 O O   . HOH B 2 .   ? -7.038  2.308   10.242  1.00 37.88 ? 269 HOH A O   1 
HETATM 1323 O O   . HOH B 2 .   ? -7.366  13.817  -2.686  1.00 22.85 ? 270 HOH A O   1 
HETATM 1324 O O   . HOH B 2 .   ? -19.747 -1.363  -6.223  1.00 34.33 ? 271 HOH A O   1 
HETATM 1325 O O   . HOH B 2 .   ? 18.471  -9.933  8.060   1.00 26.03 ? 272 HOH A O   1 
HETATM 1326 O O   . HOH B 2 .   ? -6.357  10.957  11.435  1.00 25.74 ? 273 HOH A O   1 
HETATM 1327 O O   . HOH B 2 .   ? 15.120  15.933  7.464   1.00 31.82 ? 274 HOH A O   1 
HETATM 1328 O O   . HOH B 2 .   ? 18.219  -11.202 0.660   1.00 26.02 ? 275 HOH A O   1 
HETATM 1329 O O   . HOH B 2 .   ? 2.892   20.562  1.456   1.00 30.39 ? 276 HOH A O   1 
HETATM 1330 O O   . HOH B 2 .   ? 7.642   18.068  -7.365  1.00 31.95 ? 277 HOH A O   1 
HETATM 1331 O O   . HOH B 2 .   ? 21.598  -2.971  -6.487  1.00 33.39 ? 278 HOH A O   1 
HETATM 1332 O O   . HOH B 2 .   ? 0.560   17.883  -8.832  1.00 33.05 ? 279 HOH A O   1 
HETATM 1333 O O   . HOH B 2 .   ? 11.808  12.975  3.872   1.00 33.46 ? 280 HOH A O   1 
HETATM 1334 O O   . HOH B 2 .   ? 18.191  0.379   10.378  1.00 33.23 ? 281 HOH A O   1 
HETATM 1335 O O   . HOH B 2 .   ? -11.037 13.797  2.695   1.00 38.14 ? 282 HOH A O   1 
HETATM 1336 O O   . HOH B 2 .   ? -7.173  -17.180 6.289   1.00 31.08 ? 283 HOH A O   1 
HETATM 1337 O O   . HOH B 2 .   ? -12.340 6.768   -6.494  1.00 26.68 ? 284 HOH A O   1 
HETATM 1338 O O   . HOH B 2 .   ? 19.076  3.149   -3.374  1.00 24.82 ? 285 HOH A O   1 
HETATM 1339 O O   . HOH B 2 .   ? -14.575 -12.839 5.122   1.00 44.59 ? 286 HOH A O   1 
HETATM 1340 O O   . HOH B 2 .   ? 0.436   -6.786  -12.367 1.00 26.99 ? 287 HOH A O   1 
HETATM 1341 O O   . HOH B 2 .   ? -14.697 -6.054  0.987   1.00 25.87 ? 288 HOH A O   1 
HETATM 1342 O O   . HOH B 2 .   ? 15.891  -18.033 5.382   1.00 42.55 ? 289 HOH A O   1 
HETATM 1343 O O   . HOH B 2 .   ? 11.244  6.906   6.316   1.00 25.18 ? 290 HOH A O   1 
HETATM 1344 O O   . HOH B 2 .   ? -14.225 -3.192  12.492  1.00 29.73 ? 291 HOH A O   1 
HETATM 1345 O O   . HOH B 2 .   ? -11.603 9.033   0.108   1.00 36.51 ? 292 HOH A O   1 
HETATM 1346 O O   . HOH B 2 .   ? 12.557  -3.252  -6.618  1.00 30.82 ? 293 HOH A O   1 
HETATM 1347 O O   . HOH B 2 .   ? -11.142 11.393  1.271   1.00 29.39 ? 294 HOH A O   1 
HETATM 1348 O O   . HOH B 2 .   ? 16.914  -12.712 5.003   1.00 27.40 ? 295 HOH A O   1 
HETATM 1349 O O   . HOH B 2 .   ? 18.412  -13.046 -1.950  1.00 26.92 ? 296 HOH A O   1 
HETATM 1350 O O   . HOH B 2 .   ? -3.496  3.540   -14.119 1.00 30.16 ? 297 HOH A O   1 
HETATM 1351 O O   . HOH B 2 .   ? -0.544  -2.822  7.176   1.00 19.70 ? 298 HOH A O   1 
HETATM 1352 O O   . HOH B 2 .   ? -5.088  -2.735  12.612  1.00 24.02 ? 299 HOH A O   1 
HETATM 1353 O O   . HOH B 2 .   ? 19.757  1.444   -9.085  1.00 28.88 ? 300 HOH A O   1 
HETATM 1354 O O   . HOH B 2 .   ? -14.866 -10.398 2.691   1.00 31.49 ? 301 HOH A O   1 
HETATM 1355 O O   . HOH B 2 .   ? -14.826 -5.384  14.078  1.00 38.43 ? 302 HOH A O   1 
HETATM 1356 O O   . HOH B 2 .   ? 13.380  5.593   7.858   1.00 25.31 ? 303 HOH A O   1 
HETATM 1357 O O   . HOH B 2 .   ? -6.431  0.900   14.278  1.00 37.57 ? 304 HOH A O   1 
HETATM 1358 O O   . HOH B 2 .   ? -13.283 7.178   -2.183  1.00 34.86 ? 305 HOH A O   1 
HETATM 1359 O O   . HOH B 2 .   ? 7.741   -7.568  9.889   1.00 27.33 ? 306 HOH A O   1 
HETATM 1360 O O   . HOH B 2 .   ? 3.638   26.271  -3.057  1.00 34.37 ? 307 HOH A O   1 
HETATM 1361 O O   . HOH B 2 .   ? 17.236  -8.060  4.747   1.00 29.53 ? 308 HOH A O   1 
HETATM 1362 O O   . HOH B 2 .   ? -3.417  -9.310  -12.733 1.00 35.00 ? 309 HOH A O   1 
HETATM 1363 O O   . HOH B 2 .   ? -11.097 -1.964  16.381  1.00 27.96 ? 310 HOH A O   1 
HETATM 1364 O O   . HOH B 2 .   ? 15.661  -4.521  11.392  1.00 32.39 ? 311 HOH A O   1 
HETATM 1365 O O   . HOH B 2 .   ? 17.845  11.353  2.379   1.00 41.05 ? 312 HOH A O   1 
HETATM 1366 O O   . HOH B 2 .   ? 14.856  15.122  0.293   1.00 28.44 ? 313 HOH A O   1 
HETATM 1367 O O   . HOH B 2 .   ? 4.716   25.404  -5.397  1.00 32.73 ? 314 HOH A O   1 
HETATM 1368 O O   . HOH B 2 .   ? -16.970 -9.634  -8.022  1.00 37.82 ? 315 HOH A O   1 
HETATM 1369 O O   . HOH B 2 .   ? 7.989   -2.193  -8.277  1.00 32.05 ? 316 HOH A O   1 
HETATM 1370 O O   . HOH B 2 .   ? -5.556  6.902   -19.909 1.00 33.60 ? 317 HOH A O   1 
HETATM 1371 O O   . HOH B 2 .   ? -1.389  -11.462 10.680  1.00 24.92 ? 318 HOH A O   1 
HETATM 1372 O O   . HOH B 2 .   ? -21.491 2.288   -2.377  1.00 48.49 ? 319 HOH A O   1 
HETATM 1373 O O   . HOH B 2 .   ? -0.942  22.518  2.281   1.00 34.81 ? 320 HOH A O   1 
HETATM 1374 O O   . HOH B 2 .   ? -10.811 -0.824  -18.925 1.00 30.19 ? 321 HOH A O   1 
HETATM 1375 O O   . HOH B 2 .   ? -12.974 -2.083  14.522  1.00 30.53 ? 322 HOH A O   1 
HETATM 1376 O O   . HOH B 2 .   ? 2.417   4.495   10.613  1.00 27.06 ? 323 HOH A O   1 
HETATM 1377 O O   . HOH B 2 .   ? -11.540 -9.062  -20.338 1.00 35.37 ? 324 HOH A O   1 
HETATM 1378 O O   . HOH B 2 .   ? -3.669  -6.117  8.131   1.00 35.00 ? 325 HOH A O   1 
HETATM 1379 O O   . HOH B 2 .   ? 10.735  8.538   8.603   1.00 28.96 ? 326 HOH A O   1 
HETATM 1380 O O   . HOH B 2 .   ? -7.897  11.291  -2.101  1.00 37.49 ? 327 HOH A O   1 
HETATM 1381 O O   . HOH B 2 .   ? 0.222   -8.731  13.360  1.00 38.94 ? 328 HOH A O   1 
HETATM 1382 O O   . HOH B 2 .   ? -12.641 -14.752 4.895   1.00 37.47 ? 329 HOH A O   1 
HETATM 1383 O O   . HOH B 2 .   ? 7.381   -15.039 1.715   1.00 34.41 ? 330 HOH A O   1 
HETATM 1384 O O   . HOH B 2 .   ? -10.427 -4.998  -12.980 1.00 33.24 ? 331 HOH A O   1 
HETATM 1385 O O   . HOH B 2 .   ? -7.588  2.515   -14.387 1.00 26.97 ? 332 HOH A O   1 
HETATM 1386 O O   . HOH B 2 .   ? -9.299  10.161  7.722   1.00 28.58 ? 333 HOH A O   1 
HETATM 1387 O O   . HOH B 2 .   ? -16.846 3.864   -5.141  1.00 36.21 ? 334 HOH A O   1 
HETATM 1388 O O   . HOH B 2 .   ? 2.892   -7.731  -8.930  1.00 30.62 ? 335 HOH A O   1 
HETATM 1389 O O   . HOH B 2 .   ? -11.174 8.790   -2.525  1.00 30.93 ? 336 HOH A O   1 
HETATM 1390 O O   . HOH B 2 .   ? -9.312  -7.863  -18.422 1.00 37.92 ? 337 HOH A O   1 
HETATM 1391 O O   . HOH B 2 .   ? -7.488  9.486   -4.003  1.00 29.06 ? 338 HOH A O   1 
HETATM 1392 O O   . HOH B 2 .   ? -13.699 5.301   -17.130 1.00 30.60 ? 339 HOH A O   1 
HETATM 1393 O O   . HOH B 2 .   ? 8.407   13.815  -8.300  1.00 29.17 ? 340 HOH A O   1 
HETATM 1394 O O   . HOH B 2 .   ? 6.607   -14.684 9.600   1.00 39.89 ? 341 HOH A O   1 
HETATM 1395 O O   . HOH B 2 .   ? 14.917  11.722  2.583   1.00 32.98 ? 342 HOH A O   1 
HETATM 1396 O O   . HOH B 2 .   ? -12.030 7.173   2.089   1.00 32.47 ? 343 HOH A O   1 
HETATM 1397 O O   . HOH B 2 .   ? 5.528   28.408  -2.472  1.00 37.12 ? 344 HOH A O   1 
HETATM 1398 O O   . HOH B 2 .   ? -9.379  -5.661  17.272  1.00 28.56 ? 345 HOH A O   1 
HETATM 1399 O O   . HOH B 2 .   ? -22.727 -6.602  -11.096 1.00 35.83 ? 346 HOH A O   1 
HETATM 1400 O O   . HOH B 2 .   ? -16.249 1.261   -5.492  1.00 30.75 ? 347 HOH A O   1 
HETATM 1401 O O   . HOH B 2 .   ? 13.145  18.914  -5.355  1.00 36.71 ? 348 HOH A O   1 
HETATM 1402 O O   . HOH B 2 .   ? 19.427  7.532   1.723   1.00 47.03 ? 349 HOH A O   1 
HETATM 1403 O O   . HOH B 2 .   ? -9.551  4.501   11.129  1.00 32.30 ? 350 HOH A O   1 
HETATM 1404 O O   . HOH B 2 .   ? -6.762  -5.399  9.804   1.00 38.58 ? 351 HOH A O   1 
HETATM 1405 O O   . HOH B 2 .   ? 13.870  5.235   14.000  1.00 41.34 ? 352 HOH A O   1 
HETATM 1406 O O   . HOH B 2 .   ? 15.372  -14.391 0.927   1.00 36.16 ? 353 HOH A O   1 
HETATM 1407 O O   . HOH B 2 .   ? 2.779   -6.842  11.270  1.00 36.90 ? 354 HOH A O   1 
HETATM 1408 O O   . HOH B 2 .   ? -5.368  10.976  -5.030  1.00 34.85 ? 355 HOH A O   1 
HETATM 1409 O O   . HOH B 2 .   ? -2.625  18.523  4.409   1.00 33.94 ? 356 HOH A O   1 
HETATM 1410 O O   . HOH B 2 .   ? -12.100 -14.386 -11.463 1.00 36.32 ? 357 HOH A O   1 
HETATM 1411 O O   . HOH B 2 .   ? -18.516 -9.512  -0.558  1.00 32.81 ? 358 HOH A O   1 
HETATM 1412 O O   . HOH B 2 .   ? -7.655  -15.190 13.361  1.00 31.72 ? 359 HOH A O   1 
HETATM 1413 O O   . HOH B 2 .   ? 7.917   21.269  -6.764  1.00 36.08 ? 360 HOH A O   1 
HETATM 1414 O O   . HOH B 2 .   ? 10.439  18.565  7.039   1.00 41.03 ? 361 HOH A O   1 
HETATM 1415 O O   . HOH B 2 .   ? 17.528  -6.307  10.569  1.00 31.57 ? 362 HOH A O   1 
HETATM 1416 O O   . HOH B 2 .   ? -14.242 -2.002  -17.043 1.00 31.24 ? 363 HOH A O   1 
HETATM 1417 O O   . HOH B 2 .   ? 15.207  12.997  -2.391  1.00 40.05 ? 364 HOH A O   1 
HETATM 1418 O O   . HOH B 2 .   ? -4.238  -15.215 8.605   1.00 49.10 ? 365 HOH A O   1 
HETATM 1419 O O   . HOH B 2 .   ? -8.507  20.204  1.972   1.00 36.45 ? 366 HOH A O   1 
# 
loop_
_pdbx_poly_seq_scheme.asym_id 
_pdbx_poly_seq_scheme.entity_id 
_pdbx_poly_seq_scheme.seq_id 
_pdbx_poly_seq_scheme.mon_id 
_pdbx_poly_seq_scheme.ndb_seq_num 
_pdbx_poly_seq_scheme.pdb_seq_num 
_pdbx_poly_seq_scheme.auth_seq_num 
_pdbx_poly_seq_scheme.pdb_mon_id 
_pdbx_poly_seq_scheme.auth_mon_id 
_pdbx_poly_seq_scheme.pdb_strand_id 
_pdbx_poly_seq_scheme.pdb_ins_code 
_pdbx_poly_seq_scheme.hetero 
A 1 1   MET 1   1   ?   ?   ?   A . n 
A 1 2   LEU 2   2   ?   ?   ?   A . n 
A 1 3   LYS 3   3   3   LYS LYS A . n 
A 1 4   GLN 4   4   4   GLN GLN A . n 
A 1 5   VAL 5   5   5   VAL VAL A . n 
A 1 6   GLU 6   6   6   GLU GLU A . n 
A 1 7   ILE 7   7   7   ILE ILE A . n 
A 1 8   PHE 8   8   8   PHE PHE A . n 
A 1 9   THR 9   9   9   THR THR A . n 
A 1 10  ALA 10  10  10  ALA ALA A . n 
A 1 11  GLY 11  11  11  GLY GLY A . n 
A 1 12  SER 12  12  12  SER SER A . n 
A 1 13  ALA 13  13  13  ALA ALA A . n 
A 1 14  LEU 14  14  14  LEU LEU A . n 
A 1 15  GLY 15  15  15  GLY GLY A . n 
A 1 16  ASN 16  16  16  ASN ASN A . n 
A 1 17  PRO 17  17  17  PRO PRO A . n 
A 1 18  GLY 18  18  18  GLY GLY A . n 
A 1 19  PRO 19  19  19  PRO PRO A . n 
A 1 20  GLY 20  20  20  GLY GLY A . n 
A 1 21  GLY 21  21  21  GLY GLY A . n 
A 1 22  TYR 22  22  22  TYR TYR A . n 
A 1 23  GLY 23  23  23  GLY GLY A . n 
A 1 24  ALA 24  24  24  ALA ALA A . n 
A 1 25  ILE 25  25  25  ILE ILE A . n 
A 1 26  LEU 26  26  26  LEU LEU A . n 
A 1 27  ARG 27  27  27  ARG ARG A . n 
A 1 28  TYR 28  28  28  TYR TYR A . n 
A 1 29  ARG 29  29  29  ARG ARG A . n 
A 1 30  GLY 30  30  30  GLY GLY A . n 
A 1 31  ARG 31  31  31  ARG ARG A . n 
A 1 32  GLU 32  32  32  GLU GLU A . n 
A 1 33  LYS 33  33  33  LYS LYS A . n 
A 1 34  THR 34  34  34  THR THR A . n 
A 1 35  PHE 35  35  35  PHE PHE A . n 
A 1 36  SER 36  36  36  SER SER A . n 
A 1 37  ALA 37  37  37  ALA ALA A . n 
A 1 38  GLY 38  38  38  GLY GLY A . n 
A 1 39  TYR 39  39  39  TYR TYR A . n 
A 1 40  THR 40  40  40  THR THR A . n 
A 1 41  ARG 41  41  41  ARG ARG A . n 
A 1 42  THR 42  42  42  THR THR A . n 
A 1 43  THR 43  43  43  THR THR A . n 
A 1 44  ASN 44  44  44  ASN ASN A . n 
A 1 45  ASN 45  45  45  ASN ASN A . n 
A 1 46  ARG 46  46  46  ARG ARG A . n 
A 1 47  MET 47  47  47  MET MET A . n 
A 1 48  GLU 48  48  48  GLU GLU A . n 
A 1 49  LEU 49  49  49  LEU LEU A . n 
A 1 50  MET 50  50  50  MET MET A . n 
A 1 51  ALA 51  51  51  ALA ALA A . n 
A 1 52  ALA 52  52  52  ALA ALA A . n 
A 1 53  ILE 53  53  53  ILE ILE A . n 
A 1 54  VAL 54  54  54  VAL VAL A . n 
A 1 55  ALA 55  55  55  ALA ALA A . n 
A 1 56  LEU 56  56  56  LEU LEU A . n 
A 1 57  GLU 57  57  57  GLU GLU A . n 
A 1 58  ALA 58  58  58  ALA ALA A . n 
A 1 59  LEU 59  59  59  LEU LEU A . n 
A 1 60  LYS 60  60  60  LYS LYS A . n 
A 1 61  GLU 61  61  61  GLU GLU A . n 
A 1 62  HIS 62  62  62  HIS HIS A . n 
A 1 63  ALA 63  63  63  ALA ALA A . n 
A 1 64  GLU 64  64  64  GLU GLU A . n 
A 1 65  VAL 65  65  65  VAL VAL A . n 
A 1 66  ILE 66  66  66  ILE ILE A . n 
A 1 67  LEU 67  67  67  LEU LEU A . n 
A 1 68  SER 68  68  68  SER SER A . n 
A 1 69  THR 69  69  69  THR THR A . n 
A 1 70  ASP 70  70  70  ASP ASP A . n 
A 1 71  SER 71  71  71  SER SER A . n 
A 1 72  GLN 72  72  72  GLN GLN A . n 
A 1 73  TYR 73  73  73  TYR TYR A . n 
A 1 74  VAL 74  74  74  VAL VAL A . n 
A 1 75  ARG 75  75  75  ARG ARG A . n 
A 1 76  GLN 76  76  76  GLN GLN A . n 
A 1 77  GLY 77  77  77  GLY GLY A . n 
A 1 78  ILE 78  78  78  ILE ILE A . n 
A 1 79  THR 79  79  79  THR THR A . n 
A 1 80  GLN 80  80  80  GLN GLN A . n 
A 1 81  TRP 81  81  81  TRP TRP A . n 
A 1 82  ILE 82  82  82  ILE ILE A . n 
A 1 83  HIS 83  83  83  HIS HIS A . n 
A 1 84  ASN 84  84  84  ASN ASN A . n 
A 1 85  TRP 85  85  85  TRP TRP A . n 
A 1 86  LYS 86  86  86  LYS LYS A . n 
A 1 87  LYS 87  87  87  LYS LYS A . n 
A 1 88  ARG 88  88  88  ARG ARG A . n 
A 1 89  GLY 89  89  89  GLY GLY A . n 
A 1 90  TRP 90  90  90  TRP TRP A . n 
A 1 91  LYS 91  91  91  LYS LYS A . n 
A 1 92  THR 92  92  92  THR THR A . n 
A 1 93  ALA 93  93  93  ALA ALA A . n 
A 1 94  ASP 94  94  94  ASP ASP A . n 
A 1 95  LYS 95  95  95  LYS LYS A . n 
A 1 96  LYS 96  96  96  LYS LYS A . n 
A 1 97  PRO 97  97  97  PRO PRO A . n 
A 1 98  VAL 98  98  98  VAL VAL A . n 
A 1 99  LYS 99  99  99  LYS LYS A . n 
A 1 100 ASN 100 100 100 ASN ASN A . n 
A 1 101 VAL 101 101 101 VAL VAL A . n 
A 1 102 ASP 102 102 102 ASP ASP A . n 
A 1 103 LEU 103 103 103 LEU LEU A . n 
A 1 104 TRP 104 104 104 TRP TRP A . n 
A 1 105 GLN 105 105 105 GLN GLN A . n 
A 1 106 ARG 106 106 106 ARG ARG A . n 
A 1 107 LEU 107 107 107 LEU LEU A . n 
A 1 108 ASP 108 108 108 ASP ASP A . n 
A 1 109 ALA 109 109 109 ALA ALA A . n 
A 1 110 ALA 110 110 110 ALA ALA A . n 
A 1 111 LEU 111 111 111 LEU LEU A . n 
A 1 112 GLY 112 112 112 GLY GLY A . n 
A 1 113 GLN 113 113 113 GLN GLN A . n 
A 1 114 HIS 114 114 114 HIS HIS A . n 
A 1 115 GLN 115 115 115 GLN GLN A . n 
A 1 116 ILE 116 116 116 ILE ILE A . n 
A 1 117 LYS 117 117 117 LYS LYS A . n 
A 1 118 TRP 118 118 118 TRP TRP A . n 
A 1 119 GLU 119 119 119 GLU GLU A . n 
A 1 120 TRP 120 120 120 TRP TRP A . n 
A 1 121 VAL 121 121 121 VAL VAL A . n 
A 1 122 LYS 122 122 122 LYS LYS A . n 
A 1 123 GLY 123 123 123 GLY GLY A . n 
A 1 124 HIS 124 124 124 HIS HIS A . n 
A 1 125 ALA 125 125 125 ALA ALA A . n 
A 1 126 GLY 126 126 126 GLY GLY A . n 
A 1 127 HIS 127 127 127 HIS HIS A . n 
A 1 128 PRO 128 128 128 PRO PRO A . n 
A 1 129 GLU 129 129 129 GLU GLU A . n 
A 1 130 ASN 130 130 130 ASN ASN A . n 
A 1 131 GLU 131 131 131 GLU GLU A . n 
A 1 132 ARG 132 132 132 ARG ARG A . n 
A 1 133 ALA 133 133 133 ALA ALA A . n 
A 1 134 ASP 134 134 134 ASP ASP A . n 
A 1 135 GLU 135 135 135 GLU GLU A . n 
A 1 136 LEU 136 136 136 LEU LEU A . n 
A 1 137 ALA 137 137 137 ALA ALA A . n 
A 1 138 ARG 138 138 138 ARG ARG A . n 
A 1 139 ALA 139 139 139 ALA ALA A . n 
A 1 140 ALA 140 140 140 ALA ALA A . n 
A 1 141 ALA 141 141 141 ALA ALA A . n 
A 1 142 MET 142 142 142 MET MET A . n 
A 1 143 ASN 143 143 143 ASN ASN A . n 
A 1 144 PRO 144 144 144 PRO PRO A . n 
A 1 145 THR 145 145 145 THR THR A . n 
A 1 146 LEU 146 146 146 LEU LEU A . n 
A 1 147 GLU 147 147 147 GLU GLU A . n 
A 1 148 ASP 148 148 148 ASP ASP A . n 
A 1 149 THR 149 149 149 THR THR A . n 
A 1 150 GLY 150 150 150 GLY GLY A . n 
A 1 151 TYR 151 151 151 TYR TYR A . n 
A 1 152 GLN 152 152 152 GLN GLN A . n 
A 1 153 VAL 153 153 153 VAL VAL A . n 
A 1 154 GLU 154 154 154 GLU GLU A . n 
A 1 155 VAL 155 155 ?   ?   ?   A . n 
# 
loop_
_pdbx_nonpoly_scheme.asym_id 
_pdbx_nonpoly_scheme.entity_id 
_pdbx_nonpoly_scheme.mon_id 
_pdbx_nonpoly_scheme.ndb_seq_num 
_pdbx_nonpoly_scheme.pdb_seq_num 
_pdbx_nonpoly_scheme.auth_seq_num 
_pdbx_nonpoly_scheme.pdb_mon_id 
_pdbx_nonpoly_scheme.auth_mon_id 
_pdbx_nonpoly_scheme.pdb_strand_id 
_pdbx_nonpoly_scheme.pdb_ins_code 
B 2 HOH 1   156 1   HOH WAT A . 
B 2 HOH 2   157 2   HOH WAT A . 
B 2 HOH 3   158 3   HOH WAT A . 
B 2 HOH 4   159 4   HOH WAT A . 
B 2 HOH 5   160 5   HOH WAT A . 
B 2 HOH 6   161 6   HOH WAT A . 
B 2 HOH 7   162 7   HOH WAT A . 
B 2 HOH 8   163 8   HOH WAT A . 
B 2 HOH 9   164 9   HOH WAT A . 
B 2 HOH 10  165 10  HOH WAT A . 
B 2 HOH 11  166 11  HOH WAT A . 
B 2 HOH 12  167 12  HOH WAT A . 
B 2 HOH 13  168 13  HOH WAT A . 
B 2 HOH 14  169 14  HOH WAT A . 
B 2 HOH 15  170 15  HOH WAT A . 
B 2 HOH 16  171 16  HOH WAT A . 
B 2 HOH 17  172 17  HOH WAT A . 
B 2 HOH 18  173 18  HOH WAT A . 
B 2 HOH 19  174 19  HOH WAT A . 
B 2 HOH 20  175 20  HOH WAT A . 
B 2 HOH 21  176 21  HOH WAT A . 
B 2 HOH 22  177 22  HOH WAT A . 
B 2 HOH 23  178 23  HOH WAT A . 
B 2 HOH 24  179 24  HOH WAT A . 
B 2 HOH 25  180 25  HOH WAT A . 
B 2 HOH 26  181 26  HOH WAT A . 
B 2 HOH 27  182 27  HOH WAT A . 
B 2 HOH 28  183 28  HOH WAT A . 
B 2 HOH 29  184 29  HOH WAT A . 
B 2 HOH 30  185 30  HOH WAT A . 
B 2 HOH 31  186 31  HOH WAT A . 
B 2 HOH 32  187 32  HOH WAT A . 
B 2 HOH 33  188 33  HOH WAT A . 
B 2 HOH 34  189 34  HOH WAT A . 
B 2 HOH 35  190 35  HOH WAT A . 
B 2 HOH 36  191 36  HOH WAT A . 
B 2 HOH 37  192 37  HOH WAT A . 
B 2 HOH 38  193 38  HOH WAT A . 
B 2 HOH 39  194 39  HOH WAT A . 
B 2 HOH 40  195 40  HOH WAT A . 
B 2 HOH 41  196 41  HOH WAT A . 
B 2 HOH 42  197 42  HOH WAT A . 
B 2 HOH 43  198 43  HOH WAT A . 
B 2 HOH 44  199 44  HOH WAT A . 
B 2 HOH 45  200 45  HOH WAT A . 
B 2 HOH 46  201 46  HOH WAT A . 
B 2 HOH 47  202 47  HOH WAT A . 
B 2 HOH 48  203 48  HOH WAT A . 
B 2 HOH 49  204 49  HOH WAT A . 
B 2 HOH 50  205 50  HOH WAT A . 
B 2 HOH 51  206 51  HOH WAT A . 
B 2 HOH 52  207 52  HOH WAT A . 
B 2 HOH 53  208 53  HOH WAT A . 
B 2 HOH 54  209 54  HOH WAT A . 
B 2 HOH 55  210 55  HOH WAT A . 
B 2 HOH 56  211 56  HOH WAT A . 
B 2 HOH 57  212 57  HOH WAT A . 
B 2 HOH 58  213 58  HOH WAT A . 
B 2 HOH 59  214 59  HOH WAT A . 
B 2 HOH 60  215 60  HOH WAT A . 
B 2 HOH 61  216 61  HOH WAT A . 
B 2 HOH 62  217 62  HOH WAT A . 
B 2 HOH 63  218 63  HOH WAT A . 
B 2 HOH 64  219 64  HOH WAT A . 
B 2 HOH 65  220 65  HOH WAT A . 
B 2 HOH 66  221 66  HOH WAT A . 
B 2 HOH 67  222 67  HOH WAT A . 
B 2 HOH 68  223 68  HOH WAT A . 
B 2 HOH 69  224 69  HOH WAT A . 
B 2 HOH 70  225 70  HOH WAT A . 
B 2 HOH 71  226 71  HOH WAT A . 
B 2 HOH 72  227 72  HOH WAT A . 
B 2 HOH 73  228 73  HOH WAT A . 
B 2 HOH 74  229 74  HOH WAT A . 
B 2 HOH 75  230 75  HOH WAT A . 
B 2 HOH 76  231 76  HOH WAT A . 
B 2 HOH 77  232 77  HOH WAT A . 
B 2 HOH 78  233 78  HOH WAT A . 
B 2 HOH 79  234 79  HOH WAT A . 
B 2 HOH 80  235 80  HOH WAT A . 
B 2 HOH 81  236 81  HOH WAT A . 
B 2 HOH 82  237 82  HOH WAT A . 
B 2 HOH 83  238 83  HOH WAT A . 
B 2 HOH 84  239 84  HOH WAT A . 
B 2 HOH 85  240 85  HOH WAT A . 
B 2 HOH 86  241 86  HOH WAT A . 
B 2 HOH 87  242 87  HOH WAT A . 
B 2 HOH 88  243 88  HOH WAT A . 
B 2 HOH 89  244 89  HOH WAT A . 
B 2 HOH 90  245 90  HOH WAT A . 
B 2 HOH 91  246 91  HOH WAT A . 
B 2 HOH 92  247 92  HOH WAT A . 
B 2 HOH 93  248 93  HOH WAT A . 
B 2 HOH 94  249 94  HOH WAT A . 
B 2 HOH 95  250 95  HOH WAT A . 
B 2 HOH 96  251 96  HOH WAT A . 
B 2 HOH 97  252 97  HOH WAT A . 
B 2 HOH 98  253 98  HOH WAT A . 
B 2 HOH 99  254 99  HOH WAT A . 
B 2 HOH 100 255 100 HOH WAT A . 
B 2 HOH 101 256 101 HOH WAT A . 
B 2 HOH 102 257 102 HOH WAT A . 
B 2 HOH 103 258 103 HOH WAT A . 
B 2 HOH 104 259 104 HOH WAT A . 
B 2 HOH 105 260 105 HOH WAT A . 
B 2 HOH 106 261 106 HOH WAT A . 
B 2 HOH 107 262 107 HOH WAT A . 
B 2 HOH 108 263 108 HOH WAT A . 
B 2 HOH 109 264 109 HOH WAT A . 
B 2 HOH 110 265 110 HOH WAT A . 
B 2 HOH 111 266 111 HOH WAT A . 
B 2 HOH 112 267 112 HOH WAT A . 
B 2 HOH 113 268 113 HOH WAT A . 
B 2 HOH 114 269 114 HOH WAT A . 
B 2 HOH 115 270 115 HOH WAT A . 
B 2 HOH 116 271 116 HOH WAT A . 
B 2 HOH 117 272 117 HOH WAT A . 
B 2 HOH 118 273 118 HOH WAT A . 
B 2 HOH 119 274 119 HOH WAT A . 
B 2 HOH 120 275 120 HOH WAT A . 
B 2 HOH 121 276 121 HOH WAT A . 
B 2 HOH 122 277 122 HOH WAT A . 
B 2 HOH 123 278 123 HOH WAT A . 
B 2 HOH 124 279 124 HOH WAT A . 
B 2 HOH 125 280 125 HOH WAT A . 
B 2 HOH 126 281 126 HOH WAT A . 
B 2 HOH 127 282 127 HOH WAT A . 
B 2 HOH 128 283 128 HOH WAT A . 
B 2 HOH 129 284 129 HOH WAT A . 
B 2 HOH 130 285 130 HOH WAT A . 
B 2 HOH 131 286 131 HOH WAT A . 
B 2 HOH 132 287 132 HOH WAT A . 
B 2 HOH 133 288 133 HOH WAT A . 
B 2 HOH 134 289 134 HOH WAT A . 
B 2 HOH 135 290 135 HOH WAT A . 
B 2 HOH 136 291 136 HOH WAT A . 
B 2 HOH 137 292 137 HOH WAT A . 
B 2 HOH 138 293 138 HOH WAT A . 
B 2 HOH 139 294 139 HOH WAT A . 
B 2 HOH 140 295 140 HOH WAT A . 
B 2 HOH 141 296 141 HOH WAT A . 
B 2 HOH 142 297 142 HOH WAT A . 
B 2 HOH 143 298 143 HOH WAT A . 
B 2 HOH 144 299 144 HOH WAT A . 
B 2 HOH 145 300 145 HOH WAT A . 
B 2 HOH 146 301 146 HOH WAT A . 
B 2 HOH 147 302 147 HOH WAT A . 
B 2 HOH 148 303 148 HOH WAT A . 
B 2 HOH 149 304 149 HOH WAT A . 
B 2 HOH 150 305 150 HOH WAT A . 
B 2 HOH 151 306 151 HOH WAT A . 
B 2 HOH 152 307 152 HOH WAT A . 
B 2 HOH 153 308 153 HOH WAT A . 
B 2 HOH 154 309 154 HOH WAT A . 
B 2 HOH 155 310 155 HOH WAT A . 
B 2 HOH 156 311 156 HOH WAT A . 
B 2 HOH 157 312 157 HOH WAT A . 
B 2 HOH 158 313 158 HOH WAT A . 
B 2 HOH 159 314 159 HOH WAT A . 
B 2 HOH 160 315 160 HOH WAT A . 
B 2 HOH 161 316 161 HOH WAT A . 
B 2 HOH 162 317 162 HOH WAT A . 
B 2 HOH 163 318 163 HOH WAT A . 
B 2 HOH 164 319 164 HOH WAT A . 
B 2 HOH 165 320 165 HOH WAT A . 
B 2 HOH 166 321 166 HOH WAT A . 
B 2 HOH 167 322 167 HOH WAT A . 
B 2 HOH 168 323 168 HOH WAT A . 
B 2 HOH 169 324 169 HOH WAT A . 
B 2 HOH 170 325 170 HOH WAT A . 
B 2 HOH 171 326 171 HOH WAT A . 
B 2 HOH 172 327 172 HOH WAT A . 
B 2 HOH 173 328 173 HOH WAT A . 
B 2 HOH 174 329 174 HOH WAT A . 
B 2 HOH 175 330 175 HOH WAT A . 
B 2 HOH 176 331 176 HOH WAT A . 
B 2 HOH 177 332 177 HOH WAT A . 
B 2 HOH 178 333 178 HOH WAT A . 
B 2 HOH 179 334 179 HOH WAT A . 
B 2 HOH 180 335 180 HOH WAT A . 
B 2 HOH 181 336 181 HOH WAT A . 
B 2 HOH 182 337 182 HOH WAT A . 
B 2 HOH 183 338 183 HOH WAT A . 
B 2 HOH 184 339 184 HOH WAT A . 
B 2 HOH 185 340 185 HOH WAT A . 
B 2 HOH 186 341 186 HOH WAT A . 
B 2 HOH 187 342 187 HOH WAT A . 
B 2 HOH 188 343 188 HOH WAT A . 
B 2 HOH 189 344 189 HOH WAT A . 
B 2 HOH 190 345 190 HOH WAT A . 
B 2 HOH 191 346 191 HOH WAT A . 
B 2 HOH 192 347 192 HOH WAT A . 
B 2 HOH 193 348 193 HOH WAT A . 
B 2 HOH 194 349 194 HOH WAT A . 
B 2 HOH 195 350 195 HOH WAT A . 
B 2 HOH 196 351 196 HOH WAT A . 
B 2 HOH 197 352 197 HOH WAT A . 
B 2 HOH 198 353 198 HOH WAT A . 
B 2 HOH 199 354 199 HOH WAT A . 
B 2 HOH 200 355 200 HOH WAT A . 
B 2 HOH 201 356 201 HOH WAT A . 
B 2 HOH 202 357 202 HOH WAT A . 
B 2 HOH 203 358 203 HOH WAT A . 
B 2 HOH 204 359 204 HOH WAT A . 
B 2 HOH 205 360 205 HOH WAT A . 
B 2 HOH 206 361 206 HOH WAT A . 
B 2 HOH 207 362 207 HOH WAT A . 
B 2 HOH 208 363 208 HOH WAT A . 
B 2 HOH 209 364 209 HOH WAT A . 
B 2 HOH 210 365 210 HOH WAT A . 
B 2 HOH 211 366 211 HOH WAT A . 
# 
_pdbx_struct_assembly.id                   1 
_pdbx_struct_assembly.details              author_defined_assembly 
_pdbx_struct_assembly.method_details       ? 
_pdbx_struct_assembly.oligomeric_details   monomeric 
_pdbx_struct_assembly.oligomeric_count     1 
# 
_pdbx_struct_assembly_gen.assembly_id       1 
_pdbx_struct_assembly_gen.oper_expression   1 
_pdbx_struct_assembly_gen.asym_id_list      A,B 
# 
_pdbx_struct_oper_list.id                   1 
_pdbx_struct_oper_list.type                 'identity operation' 
_pdbx_struct_oper_list.name                 1_555 
_pdbx_struct_oper_list.symmetry_operation   x,y,z 
_pdbx_struct_oper_list.matrix[1][1]         1.0000000000 
_pdbx_struct_oper_list.matrix[1][2]         0.0000000000 
_pdbx_struct_oper_list.matrix[1][3]         0.0000000000 
_pdbx_struct_oper_list.vector[1]            0.0000000000 
_pdbx_struct_oper_list.matrix[2][1]         0.0000000000 
_pdbx_struct_oper_list.matrix[2][2]         1.0000000000 
_pdbx_struct_oper_list.matrix[2][3]         0.0000000000 
_pdbx_struct_oper_list.vector[2]            0.0000000000 
_pdbx_struct_oper_list.matrix[3][1]         0.0000000000 
_pdbx_struct_oper_list.matrix[3][2]         0.0000000000 
_pdbx_struct_oper_list.matrix[3][3]         1.0000000000 
_pdbx_struct_oper_list.vector[3]            0.0000000000 
# 
loop_
_pdbx_audit_revision_history.ordinal 
_pdbx_audit_revision_history.data_content_type 
_pdbx_audit_revision_history.major_revision 
_pdbx_audit_revision_history.minor_revision 
_pdbx_audit_revision_history.revision_date 
1 'Structure model' 1 0 2002-02-27 
2 'Structure model' 1 1 2008-04-27 
3 'Structure model' 1 2 2011-07-13 
4 'Structure model' 1 3 2021-10-27 
5 'Structure model' 1 4 2023-08-16 
# 
_pdbx_audit_revision_details.ordinal             1 
_pdbx_audit_revision_details.revision_ordinal    1 
_pdbx_audit_revision_details.data_content_type   'Structure model' 
_pdbx_audit_revision_details.provider            repository 
_pdbx_audit_revision_details.type                'Initial release' 
_pdbx_audit_revision_details.description         ? 
_pdbx_audit_revision_details.details             ? 
# 
loop_
_pdbx_audit_revision_group.ordinal 
_pdbx_audit_revision_group.revision_ordinal 
_pdbx_audit_revision_group.data_content_type 
_pdbx_audit_revision_group.group 
1 2 'Structure model' 'Version format compliance' 
2 3 'Structure model' 'Version format compliance' 
3 4 'Structure model' 'Database references'       
4 5 'Structure model' 'Data collection'           
5 5 'Structure model' 'Refinement description'    
# 
loop_
_pdbx_audit_revision_category.ordinal 
_pdbx_audit_revision_category.revision_ordinal 
_pdbx_audit_revision_category.data_content_type 
_pdbx_audit_revision_category.category 
1 4 'Structure model' database_2                    
2 4 'Structure model' struct_ref_seq_dif            
3 5 'Structure model' chem_comp_atom                
4 5 'Structure model' chem_comp_bond                
5 5 'Structure model' pdbx_initial_refinement_model 
# 
loop_
_pdbx_audit_revision_item.ordinal 
_pdbx_audit_revision_item.revision_ordinal 
_pdbx_audit_revision_item.data_content_type 
_pdbx_audit_revision_item.item 
1 4 'Structure model' '_database_2.pdbx_DOI'                
2 4 'Structure model' '_database_2.pdbx_database_accession' 
3 4 'Structure model' '_struct_ref_seq_dif.details'         
# 
loop_
_software.name 
_software.classification 
_software.version 
_software.citation_id 
_software.pdbx_ordinal 
AMoRE     phasing          . ? 1 
REFMAC    refinement       . ? 2 
DENZO     'data reduction' . ? 3 
SCALEPACK 'data scaling'   . ? 4 
# 
loop_
_pdbx_validate_rmsd_angle.id 
_pdbx_validate_rmsd_angle.PDB_model_num 
_pdbx_validate_rmsd_angle.auth_atom_id_1 
_pdbx_validate_rmsd_angle.auth_asym_id_1 
_pdbx_validate_rmsd_angle.auth_comp_id_1 
_pdbx_validate_rmsd_angle.auth_seq_id_1 
_pdbx_validate_rmsd_angle.PDB_ins_code_1 
_pdbx_validate_rmsd_angle.label_alt_id_1 
_pdbx_validate_rmsd_angle.auth_atom_id_2 
_pdbx_validate_rmsd_angle.auth_asym_id_2 
_pdbx_validate_rmsd_angle.auth_comp_id_2 
_pdbx_validate_rmsd_angle.auth_seq_id_2 
_pdbx_validate_rmsd_angle.PDB_ins_code_2 
_pdbx_validate_rmsd_angle.label_alt_id_2 
_pdbx_validate_rmsd_angle.auth_atom_id_3 
_pdbx_validate_rmsd_angle.auth_asym_id_3 
_pdbx_validate_rmsd_angle.auth_comp_id_3 
_pdbx_validate_rmsd_angle.auth_seq_id_3 
_pdbx_validate_rmsd_angle.PDB_ins_code_3 
_pdbx_validate_rmsd_angle.label_alt_id_3 
_pdbx_validate_rmsd_angle.angle_value 
_pdbx_validate_rmsd_angle.angle_target_value 
_pdbx_validate_rmsd_angle.angle_deviation 
_pdbx_validate_rmsd_angle.angle_standard_deviation 
_pdbx_validate_rmsd_angle.linker_flag 
1 1 CA A ASN 16 ? ? C  A ASN 16 ? ? O   A ASN 16 ? ? 107.13 120.10 -12.97 2.10 N 
2 1 CA A PRO 17 ? ? N  A PRO 17 ? ? CD  A PRO 17 ? ? 102.07 111.50 -9.43  1.40 N 
3 1 N  A PRO 17 ? ? CA A PRO 17 ? ? CB  A PRO 17 ? ? 110.94 102.60 8.34   1.10 N 
4 1 NE A ARG 27 ? ? CZ A ARG 27 ? ? NH1 A ARG 27 ? ? 123.91 120.30 3.61   0.50 N 
# 
_pdbx_validate_peptide_omega.id               1 
_pdbx_validate_peptide_omega.PDB_model_num    1 
_pdbx_validate_peptide_omega.auth_comp_id_1   ASN 
_pdbx_validate_peptide_omega.auth_asym_id_1   A 
_pdbx_validate_peptide_omega.auth_seq_id_1    16 
_pdbx_validate_peptide_omega.PDB_ins_code_1   ? 
_pdbx_validate_peptide_omega.label_alt_id_1   ? 
_pdbx_validate_peptide_omega.auth_comp_id_2   PRO 
_pdbx_validate_peptide_omega.auth_asym_id_2   A 
_pdbx_validate_peptide_omega.auth_seq_id_2    17 
_pdbx_validate_peptide_omega.PDB_ins_code_2   ? 
_pdbx_validate_peptide_omega.label_alt_id_2   ? 
_pdbx_validate_peptide_omega.omega            42.70 
# 
_pdbx_validate_main_chain_plane.id                       1 
_pdbx_validate_main_chain_plane.PDB_model_num            1 
_pdbx_validate_main_chain_plane.auth_comp_id             ASN 
_pdbx_validate_main_chain_plane.auth_asym_id             A 
_pdbx_validate_main_chain_plane.auth_seq_id              16 
_pdbx_validate_main_chain_plane.PDB_ins_code             ? 
_pdbx_validate_main_chain_plane.label_alt_id             ? 
_pdbx_validate_main_chain_plane.improper_torsion_angle   20.96 
# 
loop_
_pdbx_unobs_or_zero_occ_residues.id 
_pdbx_unobs_or_zero_occ_residues.PDB_model_num 
_pdbx_unobs_or_zero_occ_residues.polymer_flag 
_pdbx_unobs_or_zero_occ_residues.occupancy_flag 
_pdbx_unobs_or_zero_occ_residues.auth_asym_id 
_pdbx_unobs_or_zero_occ_residues.auth_comp_id 
_pdbx_unobs_or_zero_occ_residues.auth_seq_id 
_pdbx_unobs_or_zero_occ_residues.PDB_ins_code 
_pdbx_unobs_or_zero_occ_residues.label_asym_id 
_pdbx_unobs_or_zero_occ_residues.label_comp_id 
_pdbx_unobs_or_zero_occ_residues.label_seq_id 
1 1 Y 1 A MET 1   ? A MET 1   
2 1 Y 1 A LEU 2   ? A LEU 2   
3 1 Y 1 A VAL 155 ? A VAL 155 
# 
loop_
_chem_comp_atom.comp_id 
_chem_comp_atom.atom_id 
_chem_comp_atom.type_symbol 
_chem_comp_atom.pdbx_aromatic_flag 
_chem_comp_atom.pdbx_stereo_config 
_chem_comp_atom.pdbx_ordinal 
ALA N    N N N 1   
ALA CA   C N S 2   
ALA C    C N N 3   
ALA O    O N N 4   
ALA CB   C N N 5   
ALA OXT  O N N 6   
ALA H    H N N 7   
ALA H2   H N N 8   
ALA HA   H N N 9   
ALA HB1  H N N 10  
ALA HB2  H N N 11  
ALA HB3  H N N 12  
ALA HXT  H N N 13  
ARG N    N N N 14  
ARG CA   C N S 15  
ARG C    C N N 16  
ARG O    O N N 17  
ARG CB   C N N 18  
ARG CG   C N N 19  
ARG CD   C N N 20  
ARG NE   N N N 21  
ARG CZ   C N N 22  
ARG NH1  N N N 23  
ARG NH2  N N N 24  
ARG OXT  O N N 25  
ARG H    H N N 26  
ARG H2   H N N 27  
ARG HA   H N N 28  
ARG HB2  H N N 29  
ARG HB3  H N N 30  
ARG HG2  H N N 31  
ARG HG3  H N N 32  
ARG HD2  H N N 33  
ARG HD3  H N N 34  
ARG HE   H N N 35  
ARG HH11 H N N 36  
ARG HH12 H N N 37  
ARG HH21 H N N 38  
ARG HH22 H N N 39  
ARG HXT  H N N 40  
ASN N    N N N 41  
ASN CA   C N S 42  
ASN C    C N N 43  
ASN O    O N N 44  
ASN CB   C N N 45  
ASN CG   C N N 46  
ASN OD1  O N N 47  
ASN ND2  N N N 48  
ASN OXT  O N N 49  
ASN H    H N N 50  
ASN H2   H N N 51  
ASN HA   H N N 52  
ASN HB2  H N N 53  
ASN HB3  H N N 54  
ASN HD21 H N N 55  
ASN HD22 H N N 56  
ASN HXT  H N N 57  
ASP N    N N N 58  
ASP CA   C N S 59  
ASP C    C N N 60  
ASP O    O N N 61  
ASP CB   C N N 62  
ASP CG   C N N 63  
ASP OD1  O N N 64  
ASP OD2  O N N 65  
ASP OXT  O N N 66  
ASP H    H N N 67  
ASP H2   H N N 68  
ASP HA   H N N 69  
ASP HB2  H N N 70  
ASP HB3  H N N 71  
ASP HD2  H N N 72  
ASP HXT  H N N 73  
CYS N    N N N 74  
CYS CA   C N R 75  
CYS C    C N N 76  
CYS O    O N N 77  
CYS CB   C N N 78  
CYS SG   S N N 79  
CYS OXT  O N N 80  
CYS H    H N N 81  
CYS H2   H N N 82  
CYS HA   H N N 83  
CYS HB2  H N N 84  
CYS HB3  H N N 85  
CYS HG   H N N 86  
CYS HXT  H N N 87  
GLN N    N N N 88  
GLN CA   C N S 89  
GLN C    C N N 90  
GLN O    O N N 91  
GLN CB   C N N 92  
GLN CG   C N N 93  
GLN CD   C N N 94  
GLN OE1  O N N 95  
GLN NE2  N N N 96  
GLN OXT  O N N 97  
GLN H    H N N 98  
GLN H2   H N N 99  
GLN HA   H N N 100 
GLN HB2  H N N 101 
GLN HB3  H N N 102 
GLN HG2  H N N 103 
GLN HG3  H N N 104 
GLN HE21 H N N 105 
GLN HE22 H N N 106 
GLN HXT  H N N 107 
GLU N    N N N 108 
GLU CA   C N S 109 
GLU C    C N N 110 
GLU O    O N N 111 
GLU CB   C N N 112 
GLU CG   C N N 113 
GLU CD   C N N 114 
GLU OE1  O N N 115 
GLU OE2  O N N 116 
GLU OXT  O N N 117 
GLU H    H N N 118 
GLU H2   H N N 119 
GLU HA   H N N 120 
GLU HB2  H N N 121 
GLU HB3  H N N 122 
GLU HG2  H N N 123 
GLU HG3  H N N 124 
GLU HE2  H N N 125 
GLU HXT  H N N 126 
GLY N    N N N 127 
GLY CA   C N N 128 
GLY C    C N N 129 
GLY O    O N N 130 
GLY OXT  O N N 131 
GLY H    H N N 132 
GLY H2   H N N 133 
GLY HA2  H N N 134 
GLY HA3  H N N 135 
GLY HXT  H N N 136 
HIS N    N N N 137 
HIS CA   C N S 138 
HIS C    C N N 139 
HIS O    O N N 140 
HIS CB   C N N 141 
HIS CG   C Y N 142 
HIS ND1  N Y N 143 
HIS CD2  C Y N 144 
HIS CE1  C Y N 145 
HIS NE2  N Y N 146 
HIS OXT  O N N 147 
HIS H    H N N 148 
HIS H2   H N N 149 
HIS HA   H N N 150 
HIS HB2  H N N 151 
HIS HB3  H N N 152 
HIS HD1  H N N 153 
HIS HD2  H N N 154 
HIS HE1  H N N 155 
HIS HE2  H N N 156 
HIS HXT  H N N 157 
HOH O    O N N 158 
HOH H1   H N N 159 
HOH H2   H N N 160 
ILE N    N N N 161 
ILE CA   C N S 162 
ILE C    C N N 163 
ILE O    O N N 164 
ILE CB   C N S 165 
ILE CG1  C N N 166 
ILE CG2  C N N 167 
ILE CD1  C N N 168 
ILE OXT  O N N 169 
ILE H    H N N 170 
ILE H2   H N N 171 
ILE HA   H N N 172 
ILE HB   H N N 173 
ILE HG12 H N N 174 
ILE HG13 H N N 175 
ILE HG21 H N N 176 
ILE HG22 H N N 177 
ILE HG23 H N N 178 
ILE HD11 H N N 179 
ILE HD12 H N N 180 
ILE HD13 H N N 181 
ILE HXT  H N N 182 
LEU N    N N N 183 
LEU CA   C N S 184 
LEU C    C N N 185 
LEU O    O N N 186 
LEU CB   C N N 187 
LEU CG   C N N 188 
LEU CD1  C N N 189 
LEU CD2  C N N 190 
LEU OXT  O N N 191 
LEU H    H N N 192 
LEU H2   H N N 193 
LEU HA   H N N 194 
LEU HB2  H N N 195 
LEU HB3  H N N 196 
LEU HG   H N N 197 
LEU HD11 H N N 198 
LEU HD12 H N N 199 
LEU HD13 H N N 200 
LEU HD21 H N N 201 
LEU HD22 H N N 202 
LEU HD23 H N N 203 
LEU HXT  H N N 204 
LYS N    N N N 205 
LYS CA   C N S 206 
LYS C    C N N 207 
LYS O    O N N 208 
LYS CB   C N N 209 
LYS CG   C N N 210 
LYS CD   C N N 211 
LYS CE   C N N 212 
LYS NZ   N N N 213 
LYS OXT  O N N 214 
LYS H    H N N 215 
LYS H2   H N N 216 
LYS HA   H N N 217 
LYS HB2  H N N 218 
LYS HB3  H N N 219 
LYS HG2  H N N 220 
LYS HG3  H N N 221 
LYS HD2  H N N 222 
LYS HD3  H N N 223 
LYS HE2  H N N 224 
LYS HE3  H N N 225 
LYS HZ1  H N N 226 
LYS HZ2  H N N 227 
LYS HZ3  H N N 228 
LYS HXT  H N N 229 
MET N    N N N 230 
MET CA   C N S 231 
MET C    C N N 232 
MET O    O N N 233 
MET CB   C N N 234 
MET CG   C N N 235 
MET SD   S N N 236 
MET CE   C N N 237 
MET OXT  O N N 238 
MET H    H N N 239 
MET H2   H N N 240 
MET HA   H N N 241 
MET HB2  H N N 242 
MET HB3  H N N 243 
MET HG2  H N N 244 
MET HG3  H N N 245 
MET HE1  H N N 246 
MET HE2  H N N 247 
MET HE3  H N N 248 
MET HXT  H N N 249 
PHE N    N N N 250 
PHE CA   C N S 251 
PHE C    C N N 252 
PHE O    O N N 253 
PHE CB   C N N 254 
PHE CG   C Y N 255 
PHE CD1  C Y N 256 
PHE CD2  C Y N 257 
PHE CE1  C Y N 258 
PHE CE2  C Y N 259 
PHE CZ   C Y N 260 
PHE OXT  O N N 261 
PHE H    H N N 262 
PHE H2   H N N 263 
PHE HA   H N N 264 
PHE HB2  H N N 265 
PHE HB3  H N N 266 
PHE HD1  H N N 267 
PHE HD2  H N N 268 
PHE HE1  H N N 269 
PHE HE2  H N N 270 
PHE HZ   H N N 271 
PHE HXT  H N N 272 
PRO N    N N N 273 
PRO CA   C N S 274 
PRO C    C N N 275 
PRO O    O N N 276 
PRO CB   C N N 277 
PRO CG   C N N 278 
PRO CD   C N N 279 
PRO OXT  O N N 280 
PRO H    H N N 281 
PRO HA   H N N 282 
PRO HB2  H N N 283 
PRO HB3  H N N 284 
PRO HG2  H N N 285 
PRO HG3  H N N 286 
PRO HD2  H N N 287 
PRO HD3  H N N 288 
PRO HXT  H N N 289 
SER N    N N N 290 
SER CA   C N S 291 
SER C    C N N 292 
SER O    O N N 293 
SER CB   C N N 294 
SER OG   O N N 295 
SER OXT  O N N 296 
SER H    H N N 297 
SER H2   H N N 298 
SER HA   H N N 299 
SER HB2  H N N 300 
SER HB3  H N N 301 
SER HG   H N N 302 
SER HXT  H N N 303 
THR N    N N N 304 
THR CA   C N S 305 
THR C    C N N 306 
THR O    O N N 307 
THR CB   C N R 308 
THR OG1  O N N 309 
THR CG2  C N N 310 
THR OXT  O N N 311 
THR H    H N N 312 
THR H2   H N N 313 
THR HA   H N N 314 
THR HB   H N N 315 
THR HG1  H N N 316 
THR HG21 H N N 317 
THR HG22 H N N 318 
THR HG23 H N N 319 
THR HXT  H N N 320 
TRP N    N N N 321 
TRP CA   C N S 322 
TRP C    C N N 323 
TRP O    O N N 324 
TRP CB   C N N 325 
TRP CG   C Y N 326 
TRP CD1  C Y N 327 
TRP CD2  C Y N 328 
TRP NE1  N Y N 329 
TRP CE2  C Y N 330 
TRP CE3  C Y N 331 
TRP CZ2  C Y N 332 
TRP CZ3  C Y N 333 
TRP CH2  C Y N 334 
TRP OXT  O N N 335 
TRP H    H N N 336 
TRP H2   H N N 337 
TRP HA   H N N 338 
TRP HB2  H N N 339 
TRP HB3  H N N 340 
TRP HD1  H N N 341 
TRP HE1  H N N 342 
TRP HE3  H N N 343 
TRP HZ2  H N N 344 
TRP HZ3  H N N 345 
TRP HH2  H N N 346 
TRP HXT  H N N 347 
TYR N    N N N 348 
TYR CA   C N S 349 
TYR C    C N N 350 
TYR O    O N N 351 
TYR CB   C N N 352 
TYR CG   C Y N 353 
TYR CD1  C Y N 354 
TYR CD2  C Y N 355 
TYR CE1  C Y N 356 
TYR CE2  C Y N 357 
TYR CZ   C Y N 358 
TYR OH   O N N 359 
TYR OXT  O N N 360 
TYR H    H N N 361 
TYR H2   H N N 362 
TYR HA   H N N 363 
TYR HB2  H N N 364 
TYR HB3  H N N 365 
TYR HD1  H N N 366 
TYR HD2  H N N 367 
TYR HE1  H N N 368 
TYR HE2  H N N 369 
TYR HH   H N N 370 
TYR HXT  H N N 371 
VAL N    N N N 372 
VAL CA   C N S 373 
VAL C    C N N 374 
VAL O    O N N 375 
VAL CB   C N N 376 
VAL CG1  C N N 377 
VAL CG2  C N N 378 
VAL OXT  O N N 379 
VAL H    H N N 380 
VAL H2   H N N 381 
VAL HA   H N N 382 
VAL HB   H N N 383 
VAL HG11 H N N 384 
VAL HG12 H N N 385 
VAL HG13 H N N 386 
VAL HG21 H N N 387 
VAL HG22 H N N 388 
VAL HG23 H N N 389 
VAL HXT  H N N 390 
# 
loop_
_chem_comp_bond.comp_id 
_chem_comp_bond.atom_id_1 
_chem_comp_bond.atom_id_2 
_chem_comp_bond.value_order 
_chem_comp_bond.pdbx_aromatic_flag 
_chem_comp_bond.pdbx_stereo_config 
_chem_comp_bond.pdbx_ordinal 
ALA N   CA   sing N N 1   
ALA N   H    sing N N 2   
ALA N   H2   sing N N 3   
ALA CA  C    sing N N 4   
ALA CA  CB   sing N N 5   
ALA CA  HA   sing N N 6   
ALA C   O    doub N N 7   
ALA C   OXT  sing N N 8   
ALA CB  HB1  sing N N 9   
ALA CB  HB2  sing N N 10  
ALA CB  HB3  sing N N 11  
ALA OXT HXT  sing N N 12  
ARG N   CA   sing N N 13  
ARG N   H    sing N N 14  
ARG N   H2   sing N N 15  
ARG CA  C    sing N N 16  
ARG CA  CB   sing N N 17  
ARG CA  HA   sing N N 18  
ARG C   O    doub N N 19  
ARG C   OXT  sing N N 20  
ARG CB  CG   sing N N 21  
ARG CB  HB2  sing N N 22  
ARG CB  HB3  sing N N 23  
ARG CG  CD   sing N N 24  
ARG CG  HG2  sing N N 25  
ARG CG  HG3  sing N N 26  
ARG CD  NE   sing N N 27  
ARG CD  HD2  sing N N 28  
ARG CD  HD3  sing N N 29  
ARG NE  CZ   sing N N 30  
ARG NE  HE   sing N N 31  
ARG CZ  NH1  sing N N 32  
ARG CZ  NH2  doub N N 33  
ARG NH1 HH11 sing N N 34  
ARG NH1 HH12 sing N N 35  
ARG NH2 HH21 sing N N 36  
ARG NH2 HH22 sing N N 37  
ARG OXT HXT  sing N N 38  
ASN N   CA   sing N N 39  
ASN N   H    sing N N 40  
ASN N   H2   sing N N 41  
ASN CA  C    sing N N 42  
ASN CA  CB   sing N N 43  
ASN CA  HA   sing N N 44  
ASN C   O    doub N N 45  
ASN C   OXT  sing N N 46  
ASN CB  CG   sing N N 47  
ASN CB  HB2  sing N N 48  
ASN CB  HB3  sing N N 49  
ASN CG  OD1  doub N N 50  
ASN CG  ND2  sing N N 51  
ASN ND2 HD21 sing N N 52  
ASN ND2 HD22 sing N N 53  
ASN OXT HXT  sing N N 54  
ASP N   CA   sing N N 55  
ASP N   H    sing N N 56  
ASP N   H2   sing N N 57  
ASP CA  C    sing N N 58  
ASP CA  CB   sing N N 59  
ASP CA  HA   sing N N 60  
ASP C   O    doub N N 61  
ASP C   OXT  sing N N 62  
ASP CB  CG   sing N N 63  
ASP CB  HB2  sing N N 64  
ASP CB  HB3  sing N N 65  
ASP CG  OD1  doub N N 66  
ASP CG  OD2  sing N N 67  
ASP OD2 HD2  sing N N 68  
ASP OXT HXT  sing N N 69  
CYS N   CA   sing N N 70  
CYS N   H    sing N N 71  
CYS N   H2   sing N N 72  
CYS CA  C    sing N N 73  
CYS CA  CB   sing N N 74  
CYS CA  HA   sing N N 75  
CYS C   O    doub N N 76  
CYS C   OXT  sing N N 77  
CYS CB  SG   sing N N 78  
CYS CB  HB2  sing N N 79  
CYS CB  HB3  sing N N 80  
CYS SG  HG   sing N N 81  
CYS OXT HXT  sing N N 82  
GLN N   CA   sing N N 83  
GLN N   H    sing N N 84  
GLN N   H2   sing N N 85  
GLN CA  C    sing N N 86  
GLN CA  CB   sing N N 87  
GLN CA  HA   sing N N 88  
GLN C   O    doub N N 89  
GLN C   OXT  sing N N 90  
GLN CB  CG   sing N N 91  
GLN CB  HB2  sing N N 92  
GLN CB  HB3  sing N N 93  
GLN CG  CD   sing N N 94  
GLN CG  HG2  sing N N 95  
GLN CG  HG3  sing N N 96  
GLN CD  OE1  doub N N 97  
GLN CD  NE2  sing N N 98  
GLN NE2 HE21 sing N N 99  
GLN NE2 HE22 sing N N 100 
GLN OXT HXT  sing N N 101 
GLU N   CA   sing N N 102 
GLU N   H    sing N N 103 
GLU N   H2   sing N N 104 
GLU CA  C    sing N N 105 
GLU CA  CB   sing N N 106 
GLU CA  HA   sing N N 107 
GLU C   O    doub N N 108 
GLU C   OXT  sing N N 109 
GLU CB  CG   sing N N 110 
GLU CB  HB2  sing N N 111 
GLU CB  HB3  sing N N 112 
GLU CG  CD   sing N N 113 
GLU CG  HG2  sing N N 114 
GLU CG  HG3  sing N N 115 
GLU CD  OE1  doub N N 116 
GLU CD  OE2  sing N N 117 
GLU OE2 HE2  sing N N 118 
GLU OXT HXT  sing N N 119 
GLY N   CA   sing N N 120 
GLY N   H    sing N N 121 
GLY N   H2   sing N N 122 
GLY CA  C    sing N N 123 
GLY CA  HA2  sing N N 124 
GLY CA  HA3  sing N N 125 
GLY C   O    doub N N 126 
GLY C   OXT  sing N N 127 
GLY OXT HXT  sing N N 128 
HIS N   CA   sing N N 129 
HIS N   H    sing N N 130 
HIS N   H2   sing N N 131 
HIS CA  C    sing N N 132 
HIS CA  CB   sing N N 133 
HIS CA  HA   sing N N 134 
HIS C   O    doub N N 135 
HIS C   OXT  sing N N 136 
HIS CB  CG   sing N N 137 
HIS CB  HB2  sing N N 138 
HIS CB  HB3  sing N N 139 
HIS CG  ND1  sing Y N 140 
HIS CG  CD2  doub Y N 141 
HIS ND1 CE1  doub Y N 142 
HIS ND1 HD1  sing N N 143 
HIS CD2 NE2  sing Y N 144 
HIS CD2 HD2  sing N N 145 
HIS CE1 NE2  sing Y N 146 
HIS CE1 HE1  sing N N 147 
HIS NE2 HE2  sing N N 148 
HIS OXT HXT  sing N N 149 
HOH O   H1   sing N N 150 
HOH O   H2   sing N N 151 
ILE N   CA   sing N N 152 
ILE N   H    sing N N 153 
ILE N   H2   sing N N 154 
ILE CA  C    sing N N 155 
ILE CA  CB   sing N N 156 
ILE CA  HA   sing N N 157 
ILE C   O    doub N N 158 
ILE C   OXT  sing N N 159 
ILE CB  CG1  sing N N 160 
ILE CB  CG2  sing N N 161 
ILE CB  HB   sing N N 162 
ILE CG1 CD1  sing N N 163 
ILE CG1 HG12 sing N N 164 
ILE CG1 HG13 sing N N 165 
ILE CG2 HG21 sing N N 166 
ILE CG2 HG22 sing N N 167 
ILE CG2 HG23 sing N N 168 
ILE CD1 HD11 sing N N 169 
ILE CD1 HD12 sing N N 170 
ILE CD1 HD13 sing N N 171 
ILE OXT HXT  sing N N 172 
LEU N   CA   sing N N 173 
LEU N   H    sing N N 174 
LEU N   H2   sing N N 175 
LEU CA  C    sing N N 176 
LEU CA  CB   sing N N 177 
LEU CA  HA   sing N N 178 
LEU C   O    doub N N 179 
LEU C   OXT  sing N N 180 
LEU CB  CG   sing N N 181 
LEU CB  HB2  sing N N 182 
LEU CB  HB3  sing N N 183 
LEU CG  CD1  sing N N 184 
LEU CG  CD2  sing N N 185 
LEU CG  HG   sing N N 186 
LEU CD1 HD11 sing N N 187 
LEU CD1 HD12 sing N N 188 
LEU CD1 HD13 sing N N 189 
LEU CD2 HD21 sing N N 190 
LEU CD2 HD22 sing N N 191 
LEU CD2 HD23 sing N N 192 
LEU OXT HXT  sing N N 193 
LYS N   CA   sing N N 194 
LYS N   H    sing N N 195 
LYS N   H2   sing N N 196 
LYS CA  C    sing N N 197 
LYS CA  CB   sing N N 198 
LYS CA  HA   sing N N 199 
LYS C   O    doub N N 200 
LYS C   OXT  sing N N 201 
LYS CB  CG   sing N N 202 
LYS CB  HB2  sing N N 203 
LYS CB  HB3  sing N N 204 
LYS CG  CD   sing N N 205 
LYS CG  HG2  sing N N 206 
LYS CG  HG3  sing N N 207 
LYS CD  CE   sing N N 208 
LYS CD  HD2  sing N N 209 
LYS CD  HD3  sing N N 210 
LYS CE  NZ   sing N N 211 
LYS CE  HE2  sing N N 212 
LYS CE  HE3  sing N N 213 
LYS NZ  HZ1  sing N N 214 
LYS NZ  HZ2  sing N N 215 
LYS NZ  HZ3  sing N N 216 
LYS OXT HXT  sing N N 217 
MET N   CA   sing N N 218 
MET N   H    sing N N 219 
MET N   H2   sing N N 220 
MET CA  C    sing N N 221 
MET CA  CB   sing N N 222 
MET CA  HA   sing N N 223 
MET C   O    doub N N 224 
MET C   OXT  sing N N 225 
MET CB  CG   sing N N 226 
MET CB  HB2  sing N N 227 
MET CB  HB3  sing N N 228 
MET CG  SD   sing N N 229 
MET CG  HG2  sing N N 230 
MET CG  HG3  sing N N 231 
MET SD  CE   sing N N 232 
MET CE  HE1  sing N N 233 
MET CE  HE2  sing N N 234 
MET CE  HE3  sing N N 235 
MET OXT HXT  sing N N 236 
PHE N   CA   sing N N 237 
PHE N   H    sing N N 238 
PHE N   H2   sing N N 239 
PHE CA  C    sing N N 240 
PHE CA  CB   sing N N 241 
PHE CA  HA   sing N N 242 
PHE C   O    doub N N 243 
PHE C   OXT  sing N N 244 
PHE CB  CG   sing N N 245 
PHE CB  HB2  sing N N 246 
PHE CB  HB3  sing N N 247 
PHE CG  CD1  doub Y N 248 
PHE CG  CD2  sing Y N 249 
PHE CD1 CE1  sing Y N 250 
PHE CD1 HD1  sing N N 251 
PHE CD2 CE2  doub Y N 252 
PHE CD2 HD2  sing N N 253 
PHE CE1 CZ   doub Y N 254 
PHE CE1 HE1  sing N N 255 
PHE CE2 CZ   sing Y N 256 
PHE CE2 HE2  sing N N 257 
PHE CZ  HZ   sing N N 258 
PHE OXT HXT  sing N N 259 
PRO N   CA   sing N N 260 
PRO N   CD   sing N N 261 
PRO N   H    sing N N 262 
PRO CA  C    sing N N 263 
PRO CA  CB   sing N N 264 
PRO CA  HA   sing N N 265 
PRO C   O    doub N N 266 
PRO C   OXT  sing N N 267 
PRO CB  CG   sing N N 268 
PRO CB  HB2  sing N N 269 
PRO CB  HB3  sing N N 270 
PRO CG  CD   sing N N 271 
PRO CG  HG2  sing N N 272 
PRO CG  HG3  sing N N 273 
PRO CD  HD2  sing N N 274 
PRO CD  HD3  sing N N 275 
PRO OXT HXT  sing N N 276 
SER N   CA   sing N N 277 
SER N   H    sing N N 278 
SER N   H2   sing N N 279 
SER CA  C    sing N N 280 
SER CA  CB   sing N N 281 
SER CA  HA   sing N N 282 
SER C   O    doub N N 283 
SER C   OXT  sing N N 284 
SER CB  OG   sing N N 285 
SER CB  HB2  sing N N 286 
SER CB  HB3  sing N N 287 
SER OG  HG   sing N N 288 
SER OXT HXT  sing N N 289 
THR N   CA   sing N N 290 
THR N   H    sing N N 291 
THR N   H2   sing N N 292 
THR CA  C    sing N N 293 
THR CA  CB   sing N N 294 
THR CA  HA   sing N N 295 
THR C   O    doub N N 296 
THR C   OXT  sing N N 297 
THR CB  OG1  sing N N 298 
THR CB  CG2  sing N N 299 
THR CB  HB   sing N N 300 
THR OG1 HG1  sing N N 301 
THR CG2 HG21 sing N N 302 
THR CG2 HG22 sing N N 303 
THR CG2 HG23 sing N N 304 
THR OXT HXT  sing N N 305 
TRP N   CA   sing N N 306 
TRP N   H    sing N N 307 
TRP N   H2   sing N N 308 
TRP CA  C    sing N N 309 
TRP CA  CB   sing N N 310 
TRP CA  HA   sing N N 311 
TRP C   O    doub N N 312 
TRP C   OXT  sing N N 313 
TRP CB  CG   sing N N 314 
TRP CB  HB2  sing N N 315 
TRP CB  HB3  sing N N 316 
TRP CG  CD1  doub Y N 317 
TRP CG  CD2  sing Y N 318 
TRP CD1 NE1  sing Y N 319 
TRP CD1 HD1  sing N N 320 
TRP CD2 CE2  doub Y N 321 
TRP CD2 CE3  sing Y N 322 
TRP NE1 CE2  sing Y N 323 
TRP NE1 HE1  sing N N 324 
TRP CE2 CZ2  sing Y N 325 
TRP CE3 CZ3  doub Y N 326 
TRP CE3 HE3  sing N N 327 
TRP CZ2 CH2  doub Y N 328 
TRP CZ2 HZ2  sing N N 329 
TRP CZ3 CH2  sing Y N 330 
TRP CZ3 HZ3  sing N N 331 
TRP CH2 HH2  sing N N 332 
TRP OXT HXT  sing N N 333 
TYR N   CA   sing N N 334 
TYR N   H    sing N N 335 
TYR N   H2   sing N N 336 
TYR CA  C    sing N N 337 
TYR CA  CB   sing N N 338 
TYR CA  HA   sing N N 339 
TYR C   O    doub N N 340 
TYR C   OXT  sing N N 341 
TYR CB  CG   sing N N 342 
TYR CB  HB2  sing N N 343 
TYR CB  HB3  sing N N 344 
TYR CG  CD1  doub Y N 345 
TYR CG  CD2  sing Y N 346 
TYR CD1 CE1  sing Y N 347 
TYR CD1 HD1  sing N N 348 
TYR CD2 CE2  doub Y N 349 
TYR CD2 HD2  sing N N 350 
TYR CE1 CZ   doub Y N 351 
TYR CE1 HE1  sing N N 352 
TYR CE2 CZ   sing Y N 353 
TYR CE2 HE2  sing N N 354 
TYR CZ  OH   sing N N 355 
TYR OH  HH   sing N N 356 
TYR OXT HXT  sing N N 357 
VAL N   CA   sing N N 358 
VAL N   H    sing N N 359 
VAL N   H2   sing N N 360 
VAL CA  C    sing N N 361 
VAL CA  CB   sing N N 362 
VAL CA  HA   sing N N 363 
VAL C   O    doub N N 364 
VAL C   OXT  sing N N 365 
VAL CB  CG1  sing N N 366 
VAL CB  CG2  sing N N 367 
VAL CB  HB   sing N N 368 
VAL CG1 HG11 sing N N 369 
VAL CG1 HG12 sing N N 370 
VAL CG1 HG13 sing N N 371 
VAL CG2 HG21 sing N N 372 
VAL CG2 HG22 sing N N 373 
VAL CG2 HG23 sing N N 374 
VAL OXT HXT  sing N N 375 
# 
_pdbx_entity_nonpoly.entity_id   2 
_pdbx_entity_nonpoly.name        water 
_pdbx_entity_nonpoly.comp_id     HOH 
# 
_pdbx_initial_refinement_model.id               1 
_pdbx_initial_refinement_model.entity_id_list   ? 
_pdbx_initial_refinement_model.type             'experimental model' 
_pdbx_initial_refinement_model.source_name      PDB 
_pdbx_initial_refinement_model.accession_code   1F21 
_pdbx_initial_refinement_model.details          'PDB ENTRY 1F21' 
# 
